data_7TS8
#
_entry.id   7TS8
#
_cell.length_a   51.910
_cell.length_b   163.780
_cell.length_c   118.239
_cell.angle_alpha   90.000
_cell.angle_beta   90.000
_cell.angle_gamma   90.000
#
_symmetry.space_group_name_H-M   'P 1 21 1'
#
loop_
_entity.id
_entity.type
_entity.pdbx_description
1 polymer 'Nitric oxide synthase, brain'
2 non-polymer 'PROTOPORPHYRIN IX CONTAINING FE'
3 non-polymer 5,6,7,8-TETRAHYDROBIOPTERIN
4 non-polymer 6-[3-(dimethylamino)propyl]-4-methylpyridin-2-amine
5 non-polymer GLYCEROL
6 non-polymer 'ZINC ION'
7 water water
#
_entity_poly.entity_id   1
_entity_poly.type   'polypeptide(L)'
_entity_poly.pdbx_seq_one_letter_code
;CPRFLKVKNWETEVVLTDTLHLKSTLETGCTEYICMGSIMHPSQHARRPEDVATKDQLFPLAKEFIDQYYSSIKRFGSKA
HMERLEEVNKEIDTTSTYQLKDTELIYGAKHAWRNASRCVGRIQWSKLQVFDARDCTTAHGMFNYICNHVKYATNKGNLR
SAITIFPQRTDGKHDFRVWNSQLIRYAGYKQPDGSTLGDPANVQFTEICIQQGWKPPRGRFDVLPLLLQANGNDPELFQI
PPELVLEVPIRHPKFEWFKDLGLKWYGLPAVSNMLLEIGGLEFSACPFSGWYMGTEIGVRDYCDNSRYNILEEVAKKMNL
DMRKTSSLWKDQALVEINIAVLYSFQSDKVTIVDHHSATESFIKHMENEYRCRGGCPADWVWIVPPMSGSITPVFHQEML
NYRLTPSFEYQPDPWNTHVWKLV
;
_entity_poly.pdbx_strand_id   A,B,C,D
#
loop_
_chem_comp.id
_chem_comp.type
_chem_comp.name
_chem_comp.formula
GOL non-polymer GLYCEROL 'C3 H8 O3'
H4B non-polymer 5,6,7,8-TETRAHYDROBIOPTERIN 'C9 H15 N5 O3'
HEM non-polymer 'PROTOPORPHYRIN IX CONTAINING FE' 'C34 H32 Fe N4 O4'
KL0 non-polymer 6-[3-(dimethylamino)propyl]-4-methylpyridin-2-amine 'C11 H19 N3'
ZN non-polymer 'ZINC ION' 'Zn 2'
#
# COMPACT_ATOMS: atom_id res chain seq x y z
N ARG A 3 -17.45 -8.39 -4.29
CA ARG A 3 -15.99 -8.46 -4.29
C ARG A 3 -15.43 -7.89 -5.59
N PHE A 4 -16.34 -7.57 -6.52
CA PHE A 4 -16.01 -7.00 -7.82
C PHE A 4 -17.28 -6.55 -8.53
N LEU A 5 -17.58 -5.24 -8.50
CA LEU A 5 -18.81 -4.69 -9.05
C LEU A 5 -18.54 -3.91 -10.33
N LYS A 6 -19.48 -3.98 -11.27
CA LYS A 6 -19.37 -3.32 -12.56
C LYS A 6 -20.38 -2.19 -12.66
N VAL A 7 -20.01 -1.16 -13.40
CA VAL A 7 -20.89 -0.05 -13.73
C VAL A 7 -20.83 0.12 -15.23
N LYS A 8 -21.92 0.58 -15.81
CA LYS A 8 -22.10 0.58 -17.25
C LYS A 8 -22.62 1.94 -17.69
N ASN A 9 -22.12 2.43 -18.82
CA ASN A 9 -22.69 3.60 -19.48
C ASN A 9 -23.68 3.12 -20.54
N TRP A 10 -24.87 3.70 -20.53
CA TRP A 10 -25.90 3.26 -21.46
C TRP A 10 -25.89 4.01 -22.79
N GLU A 11 -25.16 5.11 -22.86
CA GLU A 11 -24.96 5.78 -24.13
C GLU A 11 -23.89 5.07 -24.96
N THR A 12 -22.85 4.57 -24.31
CA THR A 12 -21.67 4.06 -25.01
C THR A 12 -21.37 2.60 -24.69
N GLU A 13 -22.25 1.91 -23.97
CA GLU A 13 -22.07 0.50 -23.62
C GLU A 13 -20.75 0.22 -22.88
N VAL A 14 -20.07 1.23 -22.35
CA VAL A 14 -18.79 0.98 -21.70
C VAL A 14 -19.03 0.50 -20.28
N VAL A 15 -18.38 -0.62 -19.90
CA VAL A 15 -18.46 -1.19 -18.57
C VAL A 15 -17.13 -0.98 -17.85
N LEU A 16 -17.19 -0.50 -16.61
CA LEU A 16 -16.02 -0.40 -15.75
C LEU A 16 -16.19 -1.37 -14.60
N THR A 17 -15.07 -1.86 -14.07
CA THR A 17 -15.06 -2.84 -12.98
C THR A 17 -14.51 -2.16 -11.74
N ASP A 18 -15.32 -2.09 -10.69
CA ASP A 18 -14.94 -1.40 -9.48
C ASP A 18 -14.48 -2.40 -8.44
N THR A 19 -13.23 -2.23 -7.97
CA THR A 19 -12.70 -2.89 -6.79
C THR A 19 -12.32 -1.93 -5.67
N LEU A 20 -12.28 -0.62 -5.94
CA LEU A 20 -11.86 0.34 -4.92
C LEU A 20 -12.85 0.42 -3.77
N HIS A 21 -14.11 0.07 -4.01
CA HIS A 21 -15.13 0.10 -2.97
C HIS A 21 -14.84 -0.88 -1.85
N LEU A 22 -13.93 -1.84 -2.06
CA LEU A 22 -13.62 -2.79 -1.00
C LEU A 22 -12.91 -2.10 0.16
N LYS A 23 -12.26 -0.98 -0.11
CA LYS A 23 -11.60 -0.16 0.90
C LYS A 23 -12.47 1.00 1.35
N SER A 24 -13.78 0.90 1.19
CA SER A 24 -14.66 1.92 1.74
C SER A 24 -14.78 1.69 3.24
N THR A 25 -14.79 2.80 3.98
CA THR A 25 -14.58 2.76 5.42
C THR A 25 -15.87 2.75 6.22
N LEU A 26 -16.70 3.79 6.12
CA LEU A 26 -17.91 3.83 6.93
C LEU A 26 -19.17 3.84 6.04
N GLU A 27 -20.32 3.82 6.71
CA GLU A 27 -21.59 3.52 6.06
C GLU A 27 -22.04 4.65 5.14
N THR A 28 -22.84 4.28 4.13
CA THR A 28 -23.45 5.25 3.24
C THR A 28 -24.84 5.65 3.67
N GLY A 29 -25.43 4.94 4.63
CA GLY A 29 -26.78 5.15 5.04
C GLY A 29 -27.75 4.17 4.43
N CYS A 30 -27.32 3.45 3.41
CA CYS A 30 -28.17 2.50 2.70
C CYS A 30 -28.12 1.13 3.36
N THR A 31 -29.06 0.28 2.98
CA THR A 31 -29.05 -1.12 3.38
C THR A 31 -29.48 -1.98 2.21
N GLU A 32 -29.28 -3.29 2.37
CA GLU A 32 -29.87 -4.24 1.44
C GLU A 32 -31.35 -3.99 1.24
N TYR A 33 -31.98 -3.30 2.19
CA TYR A 33 -33.43 -3.14 2.25
C TYR A 33 -33.94 -1.76 1.88
N ILE A 34 -33.13 -0.73 2.01
CA ILE A 34 -33.62 0.61 1.73
C ILE A 34 -32.45 1.51 1.40
N CYS A 35 -32.58 2.23 0.28
CA CYS A 35 -31.53 3.08 -0.26
C CYS A 35 -31.82 4.54 0.08
N MET A 36 -30.76 5.28 0.42
CA MET A 36 -30.88 6.67 0.81
C MET A 36 -30.07 7.57 -0.10
N GLY A 37 -29.79 7.11 -1.31
CA GLY A 37 -28.93 7.82 -2.25
C GLY A 37 -29.36 9.23 -2.57
N SER A 38 -30.56 9.65 -2.15
CA SER A 38 -31.05 11.02 -2.36
C SER A 38 -31.19 11.81 -1.06
N ILE A 39 -30.79 11.26 0.07
CA ILE A 39 -30.77 12.01 1.32
C ILE A 39 -29.53 12.87 1.36
N MET A 40 -29.67 14.12 1.80
CA MET A 40 -28.50 14.99 1.78
C MET A 40 -27.54 14.66 2.90
N HIS A 41 -28.06 14.33 4.08
CA HIS A 41 -27.24 13.92 5.24
C HIS A 41 -27.75 12.58 5.75
N PRO A 42 -27.39 11.49 5.09
CA PRO A 42 -27.52 10.19 5.74
C PRO A 42 -26.31 9.98 6.65
N SER A 43 -26.36 8.92 7.45
CA SER A 43 -25.20 8.48 8.22
C SER A 43 -24.42 9.64 8.90
N PRO A 49 -18.90 17.54 21.57
CA PRO A 49 -17.51 18.01 21.59
C PRO A 49 -16.57 17.04 22.33
N GLU A 50 -17.13 15.95 22.88
CA GLU A 50 -16.37 14.96 23.64
C GLU A 50 -15.78 13.87 22.75
N ASP A 51 -15.94 13.95 21.43
CA ASP A 51 -15.30 12.95 20.56
C ASP A 51 -13.79 13.08 20.55
N VAL A 52 -13.21 13.58 21.65
CA VAL A 52 -11.77 13.56 21.89
C VAL A 52 -11.38 12.12 22.23
N ALA A 53 -10.86 11.40 21.22
CA ALA A 53 -10.68 9.97 21.33
C ALA A 53 -9.74 9.59 22.47
N THR A 54 -9.85 8.34 22.89
CA THR A 54 -8.80 7.70 23.66
C THR A 54 -7.69 7.29 22.68
N LYS A 55 -6.70 6.54 23.16
CA LYS A 55 -5.68 6.06 22.22
C LYS A 55 -6.19 4.90 21.37
N ASP A 56 -6.95 3.97 21.97
CA ASP A 56 -7.52 2.87 21.21
C ASP A 56 -8.46 3.37 20.14
N GLN A 57 -9.00 4.59 20.29
CA GLN A 57 -9.89 5.14 19.28
C GLN A 57 -9.14 5.93 18.22
N LEU A 58 -8.14 6.71 18.60
CA LEU A 58 -7.49 7.56 17.61
C LEU A 58 -6.34 6.88 16.87
N PHE A 59 -5.56 6.05 17.56
CA PHE A 59 -4.40 5.44 16.91
C PHE A 59 -4.76 4.64 15.68
N PRO A 60 -5.75 3.72 15.70
CA PRO A 60 -6.01 2.92 14.50
C PRO A 60 -6.37 3.75 13.27
N LEU A 61 -7.11 4.85 13.44
CA LEU A 61 -7.35 5.76 12.32
C LEU A 61 -6.04 6.33 11.80
N ALA A 62 -5.23 6.91 12.71
CA ALA A 62 -3.94 7.46 12.31
C ALA A 62 -3.09 6.42 11.59
N LYS A 63 -3.03 5.21 12.17
CA LYS A 63 -2.25 4.13 11.58
C LYS A 63 -2.72 3.83 10.18
N GLU A 64 -4.01 3.96 9.92
CA GLU A 64 -4.53 3.71 8.58
C GLU A 64 -4.00 4.74 7.60
N PHE A 65 -4.18 6.04 7.90
CA PHE A 65 -3.80 7.08 6.96
C PHE A 65 -2.31 7.07 6.67
N ILE A 66 -1.47 6.89 7.71
CA ILE A 66 -0.03 6.82 7.49
C ILE A 66 0.31 5.61 6.61
N ASP A 67 -0.34 4.47 6.88
CA ASP A 67 -0.16 3.29 6.05
C ASP A 67 -0.54 3.58 4.61
N GLN A 68 -1.69 4.23 4.44
CA GLN A 68 -2.15 4.65 3.11
C GLN A 68 -1.19 5.63 2.45
N TYR A 69 -0.73 6.64 3.19
CA TYR A 69 0.19 7.60 2.59
C TYR A 69 1.49 6.93 2.16
N TYR A 70 2.08 6.12 3.05
CA TYR A 70 3.37 5.54 2.73
C TYR A 70 3.29 4.50 1.63
N SER A 71 2.09 3.95 1.36
CA SER A 71 1.91 3.07 0.23
C SER A 71 1.67 3.84 -1.06
N SER A 72 1.08 5.04 -0.99
CA SER A 72 1.01 5.87 -2.18
C SER A 72 2.40 6.19 -2.72
N ILE A 73 3.40 6.32 -1.85
CA ILE A 73 4.69 6.89 -2.23
C ILE A 73 5.75 5.82 -2.43
N LYS A 74 5.35 4.56 -2.64
CA LYS A 74 6.19 3.39 -2.91
C LYS A 74 6.95 2.91 -1.68
N ARG A 75 6.88 3.59 -0.55
CA ARG A 75 7.50 3.09 0.67
C ARG A 75 6.60 2.13 1.41
N PHE A 76 5.89 1.29 0.66
CA PHE A 76 5.07 0.21 1.20
C PHE A 76 5.81 -0.48 2.33
N GLY A 77 5.88 0.17 3.51
CA GLY A 77 6.70 -0.33 4.60
C GLY A 77 8.17 0.03 4.43
N SER A 78 8.75 0.73 5.41
CA SER A 78 10.08 1.31 5.27
C SER A 78 10.52 1.86 6.62
N LYS A 79 11.77 2.33 6.67
CA LYS A 79 12.28 2.95 7.88
C LYS A 79 11.42 4.15 8.28
N ALA A 80 11.25 5.10 7.36
CA ALA A 80 10.48 6.30 7.68
C ALA A 80 9.07 5.93 8.14
N HIS A 81 8.40 5.05 7.41
CA HIS A 81 7.03 4.67 7.76
C HIS A 81 6.95 4.06 9.15
N MET A 82 7.93 3.22 9.52
CA MET A 82 7.92 2.61 10.84
C MET A 82 8.21 3.65 11.93
N GLU A 83 9.14 4.56 11.68
CA GLU A 83 9.40 5.62 12.65
C GLU A 83 8.19 6.52 12.80
N ARG A 84 7.51 6.82 11.68
CA ARG A 84 6.36 7.70 11.74
C ARG A 84 5.25 7.10 12.60
N LEU A 85 4.98 5.80 12.43
CA LEU A 85 4.05 5.10 13.30
C LEU A 85 4.42 5.26 14.77
N GLU A 86 5.68 5.00 15.12
CA GLU A 86 6.10 5.14 16.51
C GLU A 86 6.10 6.61 16.95
N GLU A 87 6.40 7.53 16.03
CA GLU A 87 6.30 8.95 16.35
C GLU A 87 4.86 9.33 16.66
N VAL A 88 3.94 8.97 15.76
CA VAL A 88 2.52 9.24 16.01
C VAL A 88 2.07 8.53 17.28
N ASN A 89 2.55 7.30 17.51
CA ASN A 89 2.18 6.57 18.72
C ASN A 89 2.52 7.38 19.96
N LYS A 90 3.80 7.76 20.13
CA LYS A 90 4.20 8.52 21.31
C LYS A 90 3.49 9.86 21.38
N GLU A 91 3.21 10.45 20.23
CA GLU A 91 2.56 11.76 20.21
C GLU A 91 1.15 11.66 20.80
N ILE A 92 0.39 10.64 20.39
CA ILE A 92 -0.94 10.44 20.95
C ILE A 92 -0.85 10.15 22.45
N ASP A 93 0.19 9.43 22.87
CA ASP A 93 0.37 9.14 24.31
C ASP A 93 0.52 10.41 25.12
N THR A 94 1.19 11.42 24.56
CA THR A 94 1.54 12.62 25.31
C THR A 94 0.67 13.80 24.89
N THR A 95 0.79 14.29 23.66
CA THR A 95 0.00 15.46 23.26
C THR A 95 -1.50 15.14 23.04
N SER A 96 -1.97 13.93 23.35
CA SER A 96 -3.38 13.54 23.28
C SER A 96 -3.90 13.48 21.84
N THR A 97 -3.09 13.90 20.88
CA THR A 97 -3.45 13.77 19.47
C THR A 97 -2.15 13.63 18.67
N TYR A 98 -2.13 14.06 17.41
CA TYR A 98 -0.88 14.02 16.65
C TYR A 98 -0.96 14.98 15.49
N GLN A 99 0.21 15.36 15.00
CA GLN A 99 0.36 16.41 14.01
C GLN A 99 0.79 15.79 12.70
N LEU A 100 0.36 16.42 11.60
CA LEU A 100 0.64 15.90 10.27
C LEU A 100 1.86 16.58 9.68
N LYS A 101 2.78 15.78 9.14
CA LYS A 101 3.82 16.32 8.29
C LYS A 101 3.23 17.11 7.13
N ASP A 102 4.04 18.03 6.58
CA ASP A 102 3.61 18.86 5.47
C ASP A 102 3.21 18.04 4.26
N THR A 103 3.94 16.95 3.99
CA THR A 103 3.63 16.11 2.84
C THR A 103 2.31 15.36 3.04
N GLU A 104 2.17 14.71 4.19
CA GLU A 104 0.94 14.04 4.55
C GLU A 104 -0.25 14.97 4.50
N LEU A 105 -0.05 16.24 4.83
CA LEU A 105 -1.17 17.18 4.79
C LEU A 105 -1.56 17.50 3.36
N ILE A 106 -0.58 17.59 2.48
CA ILE A 106 -0.88 17.88 1.09
C ILE A 106 -1.52 16.68 0.42
N TYR A 107 -1.04 15.49 0.76
CA TYR A 107 -1.64 14.25 0.27
C TYR A 107 -3.07 14.12 0.75
N GLY A 108 -3.30 14.40 2.04
CA GLY A 108 -4.64 14.28 2.58
C GLY A 108 -5.63 15.24 1.94
N ALA A 109 -5.22 16.50 1.77
CA ALA A 109 -6.13 17.46 1.14
C ALA A 109 -6.45 17.04 -0.28
N LYS A 110 -5.43 16.69 -1.05
CA LYS A 110 -5.68 16.30 -2.43
C LYS A 110 -6.58 15.08 -2.51
N HIS A 111 -6.53 14.22 -1.50
CA HIS A 111 -7.26 12.96 -1.55
C HIS A 111 -8.66 13.07 -0.97
N ALA A 112 -8.88 13.99 -0.03
CA ALA A 112 -10.25 14.35 0.34
C ALA A 112 -11.03 14.80 -0.89
N TRP A 113 -10.43 15.72 -1.68
CA TRP A 113 -11.08 16.14 -2.92
C TRP A 113 -11.25 14.97 -3.88
N ARG A 114 -10.22 14.17 -4.08
CA ARG A 114 -10.36 13.02 -4.95
C ARG A 114 -11.54 12.16 -4.53
N ASN A 115 -11.74 11.96 -3.24
CA ASN A 115 -12.80 11.10 -2.75
C ASN A 115 -14.13 11.81 -2.61
N ALA A 116 -14.24 13.05 -3.10
CA ALA A 116 -15.49 13.81 -2.97
C ALA A 116 -16.50 13.26 -3.97
N SER A 117 -17.38 12.37 -3.50
CA SER A 117 -18.26 11.68 -4.43
CA SER A 117 -18.33 11.66 -4.35
C SER A 117 -19.29 12.61 -5.07
N ARG A 118 -19.55 13.77 -4.48
CA ARG A 118 -20.49 14.72 -5.09
C ARG A 118 -19.84 15.72 -6.04
N CYS A 119 -18.54 15.64 -6.28
CA CYS A 119 -17.82 16.70 -6.97
C CYS A 119 -17.61 16.33 -8.44
N VAL A 120 -18.32 17.03 -9.32
CA VAL A 120 -18.14 16.79 -10.75
C VAL A 120 -16.79 17.28 -11.24
N GLY A 121 -16.07 18.09 -10.45
CA GLY A 121 -14.88 18.71 -10.98
C GLY A 121 -13.59 17.98 -10.73
N ARG A 122 -13.65 16.83 -10.07
CA ARG A 122 -12.49 16.12 -9.57
C ARG A 122 -11.52 15.70 -10.61
N ILE A 123 -11.58 15.98 -11.91
CA ILE A 123 -10.44 15.60 -12.74
C ILE A 123 -9.19 16.39 -12.36
N GLN A 124 -9.33 17.56 -11.74
CA GLN A 124 -8.20 18.41 -11.36
C GLN A 124 -7.66 18.12 -9.97
N TRP A 125 -8.26 17.17 -9.24
CA TRP A 125 -7.97 16.89 -7.84
C TRP A 125 -6.49 16.95 -7.47
N SER A 126 -5.58 16.65 -8.39
CA SER A 126 -4.17 16.66 -8.01
C SER A 126 -3.48 18.01 -8.26
N LYS A 127 -4.14 18.98 -8.88
CA LYS A 127 -3.56 20.30 -9.14
C LYS A 127 -4.08 21.30 -8.12
N LEU A 128 -4.01 20.92 -6.85
CA LEU A 128 -4.64 21.66 -5.77
C LEU A 128 -3.58 22.36 -4.95
N GLN A 129 -3.67 23.68 -4.85
CA GLN A 129 -2.76 24.43 -3.99
C GLN A 129 -3.19 24.26 -2.55
N VAL A 130 -2.25 23.90 -1.67
CA VAL A 130 -2.52 23.67 -0.26
C VAL A 130 -1.79 24.73 0.56
N PHE A 131 -2.53 25.43 1.42
CA PHE A 131 -2.00 26.52 2.25
C PHE A 131 -2.06 26.07 3.71
N ASP A 132 -0.92 25.63 4.23
CA ASP A 132 -0.81 25.23 5.62
C ASP A 132 -0.92 26.46 6.52
N ALA A 133 -2.03 26.57 7.22
CA ALA A 133 -2.28 27.70 8.11
C ALA A 133 -2.42 27.20 9.54
N ARG A 134 -1.78 26.06 9.84
CA ARG A 134 -1.92 25.45 11.15
C ARG A 134 -1.22 26.23 12.26
N ASP A 135 -0.47 27.27 11.93
CA ASP A 135 0.14 28.14 12.92
C ASP A 135 -0.77 29.30 13.30
N CYS A 136 -1.96 29.37 12.70
CA CYS A 136 -2.87 30.47 13.00
C CYS A 136 -3.41 30.36 14.42
N THR A 137 -3.57 31.52 15.08
CA THR A 137 -4.09 31.56 16.45
C THR A 137 -5.28 32.49 16.64
N THR A 138 -5.53 33.44 15.75
CA THR A 138 -6.55 34.47 15.93
C THR A 138 -7.42 34.59 14.68
N ALA A 139 -8.59 35.20 14.86
CA ALA A 139 -9.46 35.51 13.73
C ALA A 139 -8.81 36.53 12.80
N HIS A 140 -8.05 37.47 13.36
CA HIS A 140 -7.28 38.40 12.52
C HIS A 140 -6.32 37.65 11.61
N GLY A 141 -5.60 36.67 12.16
CA GLY A 141 -4.75 35.84 11.33
C GLY A 141 -5.55 35.06 10.30
N MET A 142 -6.67 34.46 10.73
CA MET A 142 -7.54 33.77 9.79
C MET A 142 -7.96 34.71 8.66
N PHE A 143 -8.31 35.95 9.00
CA PHE A 143 -8.66 36.91 7.96
C PHE A 143 -7.49 37.12 6.99
N ASN A 144 -6.26 37.21 7.51
CA ASN A 144 -5.07 37.37 6.68
C ASN A 144 -4.89 36.17 5.75
N TYR A 145 -4.88 34.96 6.32
CA TYR A 145 -4.78 33.76 5.50
C TYR A 145 -5.90 33.65 4.46
N ILE A 146 -7.11 34.15 4.75
CA ILE A 146 -8.19 34.01 3.77
C ILE A 146 -8.06 35.05 2.67
N CYS A 147 -7.67 36.27 3.03
CA CYS A 147 -7.41 37.27 2.01
C CYS A 147 -6.31 36.80 1.06
N ASN A 148 -5.34 36.07 1.58
CA ASN A 148 -4.31 35.52 0.71
C ASN A 148 -4.88 34.42 -0.18
N HIS A 149 -5.77 33.58 0.37
CA HIS A 149 -6.41 32.55 -0.44
C HIS A 149 -7.21 33.16 -1.59
N VAL A 150 -8.09 34.09 -1.26
CA VAL A 150 -8.97 34.72 -2.24
C VAL A 150 -8.17 35.35 -3.38
N LYS A 151 -7.11 36.10 -3.04
CA LYS A 151 -6.32 36.76 -4.06
C LYS A 151 -5.57 35.74 -4.90
N TYR A 152 -4.91 34.78 -4.24
CA TYR A 152 -4.22 33.72 -4.96
C TYR A 152 -5.16 32.98 -5.91
N ALA A 153 -6.28 32.48 -5.38
CA ALA A 153 -7.21 31.63 -6.13
C ALA A 153 -7.93 32.41 -7.24
N THR A 154 -8.22 33.70 -7.01
CA THR A 154 -8.87 34.52 -8.03
C THR A 154 -7.94 34.77 -9.22
N ASN A 155 -6.70 35.15 -8.93
CA ASN A 155 -5.65 35.29 -9.94
C ASN A 155 -6.12 36.09 -11.15
N LYS A 156 -6.81 37.20 -10.89
CA LYS A 156 -7.22 38.14 -11.93
C LYS A 156 -8.07 37.47 -13.01
N GLY A 157 -8.96 36.55 -12.59
CA GLY A 157 -9.86 35.84 -13.47
C GLY A 157 -9.39 34.48 -13.93
N ASN A 158 -8.08 34.22 -13.89
CA ASN A 158 -7.54 32.89 -14.22
C ASN A 158 -7.51 32.08 -12.93
N LEU A 159 -8.69 31.62 -12.54
CA LEU A 159 -8.89 30.99 -11.24
C LEU A 159 -8.02 29.76 -11.07
N ARG A 160 -7.59 29.54 -9.83
CA ARG A 160 -6.77 28.40 -9.45
C ARG A 160 -7.43 27.74 -8.24
N SER A 161 -7.38 26.42 -8.17
CA SER A 161 -7.92 25.74 -7.01
C SER A 161 -6.99 25.92 -5.80
N ALA A 162 -7.58 26.06 -4.60
CA ALA A 162 -6.77 26.17 -3.39
C ALA A 162 -7.58 25.77 -2.17
N ILE A 163 -6.87 25.42 -1.11
CA ILE A 163 -7.47 25.14 0.18
C ILE A 163 -6.54 25.69 1.28
N THR A 164 -7.11 26.39 2.26
CA THR A 164 -6.34 26.88 3.41
C THR A 164 -6.77 26.07 4.63
N ILE A 165 -5.79 25.54 5.37
CA ILE A 165 -6.06 24.54 6.40
C ILE A 165 -5.66 25.09 7.77
N PHE A 166 -6.64 25.56 8.51
CA PHE A 166 -6.43 26.11 9.84
C PHE A 166 -6.24 24.99 10.85
N PRO A 167 -5.88 25.30 12.10
CA PRO A 167 -5.45 24.25 13.03
C PRO A 167 -6.56 23.25 13.32
N GLN A 168 -6.16 22.00 13.56
CA GLN A 168 -7.13 20.91 13.69
C GLN A 168 -7.89 20.99 15.02
N ARG A 169 -9.04 20.32 15.05
CA ARG A 169 -9.82 20.26 16.28
C ARG A 169 -9.06 19.54 17.38
N THR A 170 -9.23 19.99 18.62
CA THR A 170 -8.52 19.38 19.74
C THR A 170 -9.50 18.87 20.78
N ASP A 171 -10.24 19.75 21.45
CA ASP A 171 -11.18 19.33 22.49
C ASP A 171 -12.62 19.72 22.19
N GLY A 172 -12.90 20.23 20.99
CA GLY A 172 -14.26 20.60 20.64
C GLY A 172 -14.62 22.02 21.02
N LYS A 173 -13.98 22.54 22.08
CA LYS A 173 -14.22 23.89 22.57
C LYS A 173 -13.11 24.87 22.18
N HIS A 174 -12.14 24.44 21.38
CA HIS A 174 -11.14 25.31 20.79
C HIS A 174 -11.16 25.18 19.28
N ASP A 175 -12.36 25.12 18.69
CA ASP A 175 -12.51 24.96 17.26
C ASP A 175 -12.18 26.24 16.53
N PHE A 176 -11.48 26.10 15.40
CA PHE A 176 -11.43 27.14 14.39
C PHE A 176 -12.57 26.90 13.39
N ARG A 177 -13.33 27.95 13.06
CA ARG A 177 -14.45 27.89 12.14
C ARG A 177 -14.53 29.13 11.28
N VAL A 178 -14.85 28.94 10.00
CA VAL A 178 -15.39 30.01 9.17
C VAL A 178 -16.92 29.90 9.25
N TRP A 179 -17.58 30.94 9.77
CA TRP A 179 -19.02 30.83 9.92
C TRP A 179 -19.77 31.04 8.62
N ASN A 180 -19.17 31.68 7.63
CA ASN A 180 -19.80 31.79 6.32
C ASN A 180 -19.78 30.44 5.66
N SER A 181 -20.82 30.16 4.88
CA SER A 181 -20.85 28.89 4.18
C SER A 181 -19.92 28.91 2.97
N GLN A 182 -19.90 30.02 2.26
CA GLN A 182 -18.88 30.33 1.25
C GLN A 182 -18.17 31.61 1.66
N LEU A 183 -16.89 31.74 1.27
CA LEU A 183 -16.17 32.97 1.61
C LEU A 183 -16.89 34.20 1.09
N ILE A 184 -17.51 34.10 -0.10
CA ILE A 184 -18.14 35.23 -0.75
C ILE A 184 -19.59 34.87 -1.02
N ARG A 185 -20.51 35.52 -0.30
CA ARG A 185 -21.95 35.30 -0.43
C ARG A 185 -22.66 36.63 -0.38
N TYR A 186 -23.79 36.74 -1.07
CA TYR A 186 -24.58 37.96 -1.01
C TYR A 186 -25.54 37.90 0.16
N ALA A 187 -25.82 39.06 0.75
CA ALA A 187 -26.71 39.14 1.91
C ALA A 187 -28.16 38.94 1.51
N GLY A 188 -28.94 38.45 2.47
CA GLY A 188 -30.37 38.30 2.32
C GLY A 188 -31.13 38.98 3.43
N TYR A 189 -32.01 39.91 3.08
CA TYR A 189 -32.66 40.78 4.03
C TYR A 189 -34.16 40.52 4.03
N LYS A 190 -34.73 40.46 5.24
CA LYS A 190 -36.15 40.19 5.42
C LYS A 190 -36.92 41.51 5.32
N GLN A 191 -37.75 41.65 4.27
CA GLN A 191 -38.44 42.90 4.00
C GLN A 191 -39.66 43.09 4.91
N PRO A 192 -40.01 44.35 5.21
CA PRO A 192 -41.12 44.61 6.15
C PRO A 192 -42.43 43.93 5.75
N ASP A 193 -42.77 43.96 4.46
CA ASP A 193 -44.01 43.34 4.01
C ASP A 193 -43.94 41.81 4.16
N GLY A 194 -42.82 41.22 3.77
CA GLY A 194 -42.67 39.79 3.89
C GLY A 194 -41.78 39.23 2.81
N SER A 195 -41.51 40.02 1.78
CA SER A 195 -40.62 39.58 0.70
C SER A 195 -39.18 39.54 1.22
N THR A 196 -38.24 39.23 0.34
CA THR A 196 -36.85 39.19 0.74
C THR A 196 -36.00 39.84 -0.33
N LEU A 197 -35.13 40.74 0.09
CA LEU A 197 -34.19 41.42 -0.80
C LEU A 197 -32.84 40.72 -0.71
N GLY A 198 -32.22 40.50 -1.85
CA GLY A 198 -30.91 39.87 -1.92
C GLY A 198 -31.03 38.36 -2.12
N ASP A 199 -30.31 37.59 -1.30
CA ASP A 199 -30.20 36.15 -1.43
C ASP A 199 -30.87 35.47 -0.24
N PRO A 200 -32.03 34.83 -0.43
CA PRO A 200 -32.79 34.31 0.71
C PRO A 200 -32.09 33.20 1.47
N ALA A 201 -31.16 32.50 0.82
CA ALA A 201 -30.46 31.42 1.50
C ALA A 201 -29.74 31.91 2.76
N ASN A 202 -29.39 33.20 2.77
CA ASN A 202 -28.46 33.74 3.76
C ASN A 202 -29.13 34.70 4.72
N VAL A 203 -30.45 34.66 4.81
CA VAL A 203 -31.13 35.60 5.68
C VAL A 203 -30.69 35.40 7.12
N GLN A 204 -30.48 34.13 7.53
CA GLN A 204 -30.07 33.90 8.91
C GLN A 204 -28.65 34.38 9.14
N PHE A 205 -27.73 34.00 8.26
CA PHE A 205 -26.37 34.47 8.40
C PHE A 205 -26.30 35.99 8.33
N THR A 206 -27.09 36.59 7.44
CA THR A 206 -27.09 38.05 7.36
C THR A 206 -27.56 38.66 8.67
N GLU A 207 -28.55 38.05 9.34
CA GLU A 207 -28.99 38.63 10.59
C GLU A 207 -27.96 38.44 11.70
N ILE A 208 -27.25 37.29 11.70
CA ILE A 208 -26.19 37.09 12.67
C ILE A 208 -25.12 38.15 12.51
N CYS A 209 -24.72 38.42 11.27
CA CYS A 209 -23.76 39.50 11.00
C CYS A 209 -24.30 40.85 11.46
N ILE A 210 -25.59 41.12 11.20
CA ILE A 210 -26.13 42.40 11.64
C ILE A 210 -26.21 42.44 13.16
N GLN A 211 -26.62 41.33 13.77
CA GLN A 211 -26.61 41.21 15.23
C GLN A 211 -25.21 41.35 15.80
N GLN A 212 -24.17 41.11 15.00
CA GLN A 212 -22.82 41.34 15.46
C GLN A 212 -22.29 42.71 15.10
N GLY A 213 -23.14 43.60 14.58
CA GLY A 213 -22.75 44.96 14.32
C GLY A 213 -22.34 45.28 12.90
N TRP A 214 -22.46 44.33 11.99
CA TRP A 214 -22.29 44.67 10.58
C TRP A 214 -23.38 45.66 10.19
N LYS A 215 -22.96 46.77 9.59
CA LYS A 215 -23.92 47.75 9.10
C LYS A 215 -24.37 47.31 7.71
N PRO A 216 -25.60 46.84 7.56
CA PRO A 216 -26.07 46.39 6.27
C PRO A 216 -26.24 47.55 5.30
N PRO A 217 -25.60 47.49 4.13
CA PRO A 217 -25.96 48.43 3.06
C PRO A 217 -27.34 48.18 2.48
N ARG A 218 -27.89 46.96 2.63
CA ARG A 218 -29.25 46.64 2.22
C ARG A 218 -29.45 46.88 0.72
N GLY A 219 -28.55 46.29 -0.08
CA GLY A 219 -28.74 46.16 -1.50
C GLY A 219 -29.10 44.73 -1.88
N ARG A 220 -29.09 44.46 -3.18
CA ARG A 220 -29.44 43.12 -3.66
C ARG A 220 -28.23 42.21 -3.79
N PHE A 221 -27.02 42.77 -3.90
CA PHE A 221 -25.80 41.97 -3.99
C PHE A 221 -24.72 42.54 -3.06
N ASP A 222 -25.04 42.66 -1.77
CA ASP A 222 -24.04 43.09 -0.79
C ASP A 222 -23.21 41.89 -0.37
N VAL A 223 -21.88 42.03 -0.49
CA VAL A 223 -21.02 40.93 -0.07
C VAL A 223 -20.98 40.86 1.45
N LEU A 224 -21.23 39.68 1.99
CA LEU A 224 -21.22 39.47 3.41
C LEU A 224 -19.80 39.58 3.97
N PRO A 225 -19.68 39.99 5.22
CA PRO A 225 -18.37 39.97 5.88
C PRO A 225 -18.01 38.57 6.33
N LEU A 226 -16.71 38.32 6.40
CA LEU A 226 -16.24 37.10 7.05
C LEU A 226 -16.61 37.12 8.54
N LEU A 227 -17.15 36.00 9.04
CA LEU A 227 -17.35 35.80 10.47
C LEU A 227 -16.39 34.67 10.87
N LEU A 228 -15.27 35.03 11.48
CA LEU A 228 -14.18 34.09 11.70
C LEU A 228 -14.02 33.75 13.16
N GLN A 229 -13.77 32.48 13.42
CA GLN A 229 -13.68 31.95 14.78
C GLN A 229 -12.37 31.19 14.94
N ALA A 230 -11.63 31.54 15.98
CA ALA A 230 -10.33 30.94 16.28
C ALA A 230 -10.34 30.42 17.71
N ASN A 231 -9.90 29.17 17.88
CA ASN A 231 -9.67 28.60 19.20
C ASN A 231 -10.91 28.71 20.07
N GLY A 232 -12.06 28.36 19.50
CA GLY A 232 -13.32 28.31 20.23
C GLY A 232 -13.82 29.65 20.74
N ASN A 233 -13.10 30.72 20.42
CA ASN A 233 -13.44 32.05 20.88
C ASN A 233 -14.60 32.62 20.07
N ASP A 234 -15.17 33.72 20.55
CA ASP A 234 -16.27 34.36 19.84
C ASP A 234 -15.82 34.70 18.41
N PRO A 235 -16.74 34.77 17.47
CA PRO A 235 -16.37 35.10 16.10
C PRO A 235 -16.30 36.60 15.86
N GLU A 236 -15.44 36.99 14.91
CA GLU A 236 -15.14 38.38 14.62
C GLU A 236 -15.43 38.72 13.17
N LEU A 237 -16.02 39.90 12.93
CA LEU A 237 -16.41 40.33 11.60
C LEU A 237 -15.25 41.06 10.91
N PHE A 238 -14.99 40.69 9.66
CA PHE A 238 -14.04 41.41 8.82
C PHE A 238 -14.65 41.60 7.44
N GLN A 239 -14.53 42.80 6.90
CA GLN A 239 -14.97 43.08 5.54
C GLN A 239 -13.84 42.70 4.59
N ILE A 240 -14.12 41.78 3.67
CA ILE A 240 -13.15 41.47 2.63
C ILE A 240 -12.89 42.73 1.82
N PRO A 241 -11.67 42.98 1.36
CA PRO A 241 -11.44 44.12 0.49
C PRO A 241 -12.11 43.90 -0.86
N PRO A 242 -12.88 44.87 -1.34
CA PRO A 242 -13.66 44.63 -2.57
C PRO A 242 -12.79 44.38 -3.79
N GLU A 243 -11.62 45.01 -3.86
CA GLU A 243 -10.68 44.71 -4.93
C GLU A 243 -10.22 43.27 -4.93
N LEU A 244 -10.54 42.52 -3.89
CA LEU A 244 -10.23 41.11 -3.82
C LEU A 244 -11.41 40.23 -4.22
N VAL A 245 -12.62 40.79 -4.33
CA VAL A 245 -13.82 40.05 -4.67
C VAL A 245 -14.18 40.39 -6.11
N LEU A 246 -13.83 39.49 -7.02
CA LEU A 246 -14.11 39.70 -8.43
C LEU A 246 -15.58 39.38 -8.70
N GLU A 247 -16.24 40.25 -9.47
CA GLU A 247 -17.64 40.10 -9.77
C GLU A 247 -17.85 40.29 -11.25
N VAL A 248 -18.71 39.47 -11.83
CA VAL A 248 -19.05 39.53 -13.25
C VAL A 248 -20.45 40.12 -13.38
N PRO A 249 -20.62 41.25 -14.08
CA PRO A 249 -21.97 41.70 -14.43
C PRO A 249 -22.56 40.79 -15.48
N ILE A 250 -23.83 40.40 -15.31
CA ILE A 250 -24.47 39.43 -16.20
C ILE A 250 -25.19 40.15 -17.34
N ARG A 251 -24.72 39.89 -18.56
CA ARG A 251 -25.34 40.41 -19.77
C ARG A 251 -25.61 39.24 -20.73
N HIS A 252 -26.40 39.51 -21.77
CA HIS A 252 -26.79 38.42 -22.65
C HIS A 252 -26.35 38.70 -24.08
N PRO A 253 -25.77 37.71 -24.76
CA PRO A 253 -25.16 38.00 -26.08
C PRO A 253 -26.16 38.49 -27.11
N LYS A 254 -27.44 38.15 -26.98
CA LYS A 254 -28.45 38.58 -27.92
C LYS A 254 -29.42 39.57 -27.29
N PHE A 255 -30.07 39.19 -26.19
CA PHE A 255 -30.99 40.08 -25.50
C PHE A 255 -30.20 41.26 -24.97
N GLU A 256 -30.29 42.41 -25.64
CA GLU A 256 -29.64 43.60 -25.12
C GLU A 256 -30.37 44.17 -23.90
N TRP A 257 -31.63 43.83 -23.70
CA TRP A 257 -32.32 44.27 -22.50
C TRP A 257 -31.89 43.51 -21.26
N PHE A 258 -31.01 42.51 -21.38
CA PHE A 258 -30.75 41.64 -20.25
C PHE A 258 -29.91 42.33 -19.19
N LYS A 259 -28.88 43.10 -19.58
CA LYS A 259 -28.03 43.75 -18.59
C LYS A 259 -28.83 44.75 -17.76
N ASP A 260 -29.94 45.27 -18.27
CA ASP A 260 -30.83 46.17 -17.56
C ASP A 260 -31.60 45.49 -16.43
N LEU A 261 -31.42 44.17 -16.23
CA LEU A 261 -31.92 43.45 -15.06
C LEU A 261 -31.15 43.76 -13.78
N GLY A 262 -30.00 44.43 -13.87
CA GLY A 262 -29.19 44.73 -12.70
C GLY A 262 -28.68 43.52 -11.97
N LEU A 263 -28.13 42.56 -12.72
CA LEU A 263 -27.68 41.30 -12.18
C LEU A 263 -26.17 41.20 -12.26
N LYS A 264 -25.58 40.51 -11.27
CA LYS A 264 -24.15 40.24 -11.22
C LYS A 264 -23.92 39.12 -10.22
N TRP A 265 -22.82 38.39 -10.41
CA TRP A 265 -22.44 37.37 -9.46
C TRP A 265 -20.95 37.48 -9.19
N TYR A 266 -20.49 36.71 -8.20
CA TYR A 266 -19.08 36.68 -7.86
C TYR A 266 -18.38 35.56 -8.61
N GLY A 267 -17.08 35.72 -8.78
CA GLY A 267 -16.33 34.80 -9.61
C GLY A 267 -15.77 33.60 -8.88
N LEU A 268 -15.55 33.74 -7.58
CA LEU A 268 -14.80 32.74 -6.85
C LEU A 268 -15.71 31.94 -5.94
N PRO A 269 -16.03 30.68 -6.28
CA PRO A 269 -16.79 29.84 -5.35
C PRO A 269 -15.83 29.22 -4.34
N ALA A 270 -16.17 29.30 -3.05
CA ALA A 270 -15.27 28.82 -2.01
C ALA A 270 -16.06 28.20 -0.87
N VAL A 271 -16.10 26.88 -0.78
CA VAL A 271 -16.86 26.27 0.32
C VAL A 271 -16.06 26.42 1.62
N SER A 272 -16.68 27.04 2.63
CA SER A 272 -15.95 27.34 3.85
C SER A 272 -16.64 26.81 5.11
N ASN A 273 -17.51 25.81 4.98
CA ASN A 273 -18.19 25.28 6.17
C ASN A 273 -18.09 23.76 6.31
N MET A 274 -17.21 23.10 5.57
CA MET A 274 -17.06 21.66 5.68
C MET A 274 -15.85 21.30 6.52
N LEU A 275 -15.76 20.01 6.85
CA LEU A 275 -14.73 19.50 7.74
C LEU A 275 -13.85 18.54 6.96
N LEU A 276 -12.55 18.77 7.01
CA LEU A 276 -11.58 17.97 6.27
C LEU A 276 -10.94 16.98 7.24
N GLU A 277 -11.30 15.71 7.09
CA GLU A 277 -10.89 14.66 7.99
C GLU A 277 -9.69 13.91 7.39
N ILE A 278 -8.61 13.81 8.16
CA ILE A 278 -7.40 13.09 7.77
C ILE A 278 -6.91 12.28 8.96
N GLY A 279 -6.74 10.97 8.76
CA GLY A 279 -6.17 10.10 9.77
C GLY A 279 -6.73 10.28 11.16
N GLY A 280 -8.04 10.51 11.25
CA GLY A 280 -8.66 10.75 12.54
C GLY A 280 -8.61 12.18 13.02
N LEU A 281 -7.79 13.03 12.40
CA LEU A 281 -7.76 14.45 12.70
C LEU A 281 -8.86 15.17 11.95
N GLU A 282 -9.42 16.19 12.58
CA GLU A 282 -10.59 16.90 12.05
C GLU A 282 -10.26 18.38 11.89
N PHE A 283 -10.29 18.86 10.65
CA PHE A 283 -10.01 20.26 10.35
C PHE A 283 -11.32 20.99 10.09
N SER A 284 -11.86 21.62 11.13
CA SER A 284 -13.13 22.33 11.06
C SER A 284 -13.09 23.60 10.21
N ALA A 285 -11.92 24.15 9.94
CA ALA A 285 -11.81 25.34 9.11
C ALA A 285 -10.87 25.03 7.96
N CYS A 286 -11.42 24.98 6.76
CA CYS A 286 -10.62 24.57 5.60
C CYS A 286 -11.22 25.09 4.31
N PRO A 287 -11.47 26.40 4.19
CA PRO A 287 -12.10 26.90 2.96
C PRO A 287 -11.35 26.38 1.74
N PHE A 288 -12.10 25.87 0.76
CA PHE A 288 -11.53 25.42 -0.50
C PHE A 288 -12.32 26.03 -1.65
N SER A 289 -11.59 26.52 -2.66
CA SER A 289 -12.19 27.21 -3.77
C SER A 289 -11.77 26.52 -5.06
N GLY A 290 -12.56 26.74 -6.10
CA GLY A 290 -12.26 26.28 -7.45
C GLY A 290 -12.78 27.30 -8.42
N TRP A 291 -13.52 26.85 -9.43
CA TRP A 291 -14.28 27.77 -10.25
C TRP A 291 -15.66 27.17 -10.52
N TYR A 292 -16.57 28.01 -10.97
CA TYR A 292 -17.97 27.62 -11.15
C TYR A 292 -18.20 26.78 -12.40
N MET A 293 -19.16 25.87 -12.27
CA MET A 293 -19.97 25.43 -13.39
C MET A 293 -21.14 26.41 -13.51
N GLY A 294 -21.40 26.87 -14.73
CA GLY A 294 -22.37 27.92 -14.93
C GLY A 294 -23.74 27.61 -14.32
N THR A 295 -24.13 26.33 -14.35
CA THR A 295 -25.42 25.95 -13.80
C THR A 295 -25.53 26.26 -12.32
N GLU A 296 -24.40 26.29 -11.60
CA GLU A 296 -24.41 26.59 -10.17
C GLU A 296 -25.00 27.97 -9.91
N ILE A 297 -24.64 28.93 -10.75
CA ILE A 297 -25.11 30.30 -10.62
C ILE A 297 -26.50 30.46 -11.20
N GLY A 298 -26.70 29.97 -12.44
CA GLY A 298 -27.82 30.34 -13.26
C GLY A 298 -29.02 29.41 -13.20
N VAL A 299 -28.82 28.19 -12.74
CA VAL A 299 -29.94 27.29 -12.49
C VAL A 299 -30.40 27.40 -11.04
N ARG A 300 -29.43 27.30 -10.13
CA ARG A 300 -29.70 27.22 -8.69
C ARG A 300 -29.71 28.59 -8.03
N ASP A 301 -28.56 29.29 -8.06
CA ASP A 301 -28.48 30.60 -7.43
C ASP A 301 -29.52 31.56 -7.99
N TYR A 302 -29.82 31.46 -9.27
CA TYR A 302 -30.70 32.45 -9.88
C TYR A 302 -32.15 32.00 -9.98
N CYS A 303 -32.43 30.71 -10.10
CA CYS A 303 -33.77 30.23 -10.44
C CYS A 303 -34.49 29.46 -9.35
N ASP A 304 -33.77 28.90 -8.38
CA ASP A 304 -34.41 28.27 -7.22
C ASP A 304 -35.49 29.19 -6.63
N ASN A 305 -36.62 28.58 -6.22
CA ASN A 305 -37.73 29.37 -5.69
C ASN A 305 -37.35 30.07 -4.39
N SER A 306 -36.67 29.37 -3.48
CA SER A 306 -36.19 29.94 -2.23
C SER A 306 -34.83 30.60 -2.38
N ARG A 307 -34.45 30.93 -3.61
CA ARG A 307 -33.25 31.72 -3.88
C ARG A 307 -33.63 32.98 -4.66
N TYR A 308 -32.88 33.34 -5.71
CA TYR A 308 -33.09 34.66 -6.31
C TYR A 308 -34.34 34.72 -7.16
N ASN A 309 -34.82 33.58 -7.68
CA ASN A 309 -36.18 33.45 -8.23
C ASN A 309 -36.44 34.43 -9.38
N ILE A 310 -35.45 34.61 -10.26
CA ILE A 310 -35.56 35.60 -11.33
C ILE A 310 -36.23 35.05 -12.58
N LEU A 311 -36.58 33.76 -12.62
CA LEU A 311 -37.27 33.20 -13.77
C LEU A 311 -38.45 34.06 -14.17
N GLU A 312 -39.26 34.46 -13.18
CA GLU A 312 -40.47 35.21 -13.46
C GLU A 312 -40.14 36.48 -14.24
N GLU A 313 -39.19 37.26 -13.75
CA GLU A 313 -38.86 38.55 -14.37
C GLU A 313 -38.22 38.37 -15.75
N VAL A 314 -37.30 37.42 -15.89
CA VAL A 314 -36.70 37.15 -17.20
C VAL A 314 -37.77 36.75 -18.20
N ALA A 315 -38.71 35.90 -17.77
CA ALA A 315 -39.77 35.43 -18.66
C ALA A 315 -40.68 36.57 -19.09
N LYS A 316 -41.02 37.46 -18.15
CA LYS A 316 -41.78 38.65 -18.50
C LYS A 316 -41.16 39.39 -19.68
N LYS A 317 -39.85 39.63 -19.61
CA LYS A 317 -39.17 40.39 -20.66
C LYS A 317 -38.99 39.59 -21.94
N MET A 318 -39.10 38.25 -21.88
CA MET A 318 -39.02 37.42 -23.07
C MET A 318 -40.36 37.28 -23.79
N ASN A 319 -41.45 37.74 -23.18
CA ASN A 319 -42.79 37.66 -23.77
C ASN A 319 -43.22 36.21 -23.98
N LEU A 320 -43.26 35.47 -22.88
CA LEU A 320 -43.58 34.06 -22.90
C LEU A 320 -44.99 33.83 -22.37
N ASP A 321 -45.67 32.82 -22.93
CA ASP A 321 -46.97 32.40 -22.42
C ASP A 321 -46.78 31.89 -20.99
N MET A 322 -46.98 32.77 -20.02
CA MET A 322 -46.93 32.37 -18.62
C MET A 322 -48.31 32.02 -18.07
N ARG A 323 -49.27 31.68 -18.94
CA ARG A 323 -50.57 31.20 -18.48
C ARG A 323 -50.48 29.83 -17.84
N LYS A 324 -49.70 28.92 -18.44
CA LYS A 324 -49.64 27.54 -18.00
C LYS A 324 -48.18 27.08 -17.99
N THR A 325 -47.94 25.94 -17.33
CA THR A 325 -46.59 25.38 -17.32
C THR A 325 -46.20 24.79 -18.66
N SER A 326 -47.14 24.14 -19.35
CA SER A 326 -46.86 23.39 -20.56
C SER A 326 -46.27 24.25 -21.68
N SER A 327 -46.39 25.57 -21.59
CA SER A 327 -45.60 26.43 -22.47
C SER A 327 -44.10 26.29 -22.23
N LEU A 328 -43.70 25.75 -21.08
CA LEU A 328 -42.29 25.68 -20.68
C LEU A 328 -41.62 27.06 -20.72
N TRP A 329 -42.35 28.08 -20.26
CA TRP A 329 -41.76 29.41 -20.17
C TRP A 329 -40.61 29.43 -19.16
N LYS A 330 -40.72 28.66 -18.08
CA LYS A 330 -39.61 28.56 -17.15
C LYS A 330 -38.38 27.97 -17.83
N ASP A 331 -38.55 26.80 -18.45
CA ASP A 331 -37.44 26.13 -19.10
C ASP A 331 -36.74 27.05 -20.08
N GLN A 332 -37.53 27.76 -20.91
CA GLN A 332 -36.96 28.60 -21.95
C GLN A 332 -36.14 29.74 -21.35
N ALA A 333 -36.68 30.41 -20.33
CA ALA A 333 -35.93 31.44 -19.64
C ALA A 333 -34.77 30.86 -18.87
N LEU A 334 -34.92 29.65 -18.34
CA LEU A 334 -33.78 29.03 -17.68
C LEU A 334 -32.59 28.92 -18.64
N VAL A 335 -32.85 28.51 -19.88
CA VAL A 335 -31.77 28.38 -20.86
C VAL A 335 -31.10 29.73 -21.08
N GLU A 336 -31.89 30.76 -21.39
CA GLU A 336 -31.33 32.07 -21.70
C GLU A 336 -30.47 32.62 -20.58
N ILE A 337 -30.90 32.41 -19.32
CA ILE A 337 -30.13 32.95 -18.21
C ILE A 337 -28.76 32.29 -18.14
N ASN A 338 -28.72 30.95 -18.21
CA ASN A 338 -27.43 30.28 -18.15
C ASN A 338 -26.56 30.68 -19.34
N ILE A 339 -27.18 30.91 -20.50
CA ILE A 339 -26.43 31.45 -21.63
C ILE A 339 -25.81 32.79 -21.26
N ALA A 340 -26.61 33.67 -20.65
CA ALA A 340 -26.11 34.98 -20.23
C ALA A 340 -24.96 34.85 -19.24
N VAL A 341 -25.05 33.88 -18.33
CA VAL A 341 -24.04 33.76 -17.29
C VAL A 341 -22.72 33.29 -17.88
N LEU A 342 -22.75 32.20 -18.65
CA LEU A 342 -21.55 31.76 -19.34
C LEU A 342 -20.98 32.87 -20.22
N TYR A 343 -21.84 33.52 -21.01
CA TYR A 343 -21.39 34.57 -21.92
C TYR A 343 -20.71 35.71 -21.19
N SER A 344 -21.08 35.92 -19.92
CA SER A 344 -20.56 37.03 -19.15
C SER A 344 -19.21 36.67 -18.53
N PHE A 345 -19.13 35.52 -17.87
CA PHE A 345 -17.85 35.08 -17.32
C PHE A 345 -16.78 34.98 -18.41
N GLN A 346 -17.14 34.49 -19.60
CA GLN A 346 -16.13 34.31 -20.64
C GLN A 346 -15.74 35.64 -21.28
N SER A 347 -16.68 36.59 -21.38
CA SER A 347 -16.34 37.90 -21.93
C SER A 347 -15.40 38.69 -21.03
N ASP A 348 -15.33 38.33 -19.75
CA ASP A 348 -14.48 38.96 -18.76
C ASP A 348 -13.26 38.10 -18.41
N LYS A 349 -13.06 37.01 -19.15
CA LYS A 349 -11.90 36.13 -18.95
C LYS A 349 -11.82 35.67 -17.49
N VAL A 350 -12.98 35.39 -16.91
CA VAL A 350 -13.07 34.73 -15.61
C VAL A 350 -13.35 33.25 -15.87
N THR A 351 -12.63 32.39 -15.17
CA THR A 351 -12.75 30.96 -15.41
C THR A 351 -14.16 30.49 -15.10
N ILE A 352 -14.74 29.76 -16.03
CA ILE A 352 -16.06 29.15 -15.89
C ILE A 352 -16.09 27.95 -16.81
N VAL A 353 -16.85 26.93 -16.42
CA VAL A 353 -17.01 25.73 -17.24
C VAL A 353 -18.51 25.47 -17.39
N ASP A 354 -18.94 25.19 -18.62
CA ASP A 354 -20.34 24.85 -18.86
C ASP A 354 -20.62 23.43 -18.38
N HIS A 355 -21.89 23.05 -18.36
CA HIS A 355 -22.22 21.77 -17.77
C HIS A 355 -21.97 20.63 -18.73
N HIS A 356 -22.03 20.89 -20.05
CA HIS A 356 -21.62 19.90 -21.04
C HIS A 356 -20.14 19.54 -20.89
N SER A 357 -19.26 20.55 -20.97
CA SER A 357 -17.83 20.31 -20.82
CA SER A 357 -17.83 20.31 -20.82
C SER A 357 -17.52 19.63 -19.49
N ALA A 358 -18.13 20.09 -18.40
CA ALA A 358 -17.77 19.58 -17.08
C ALA A 358 -18.10 18.11 -16.93
N THR A 359 -19.27 17.68 -17.44
CA THR A 359 -19.66 16.28 -17.31
C THR A 359 -18.83 15.40 -18.23
N GLU A 360 -18.58 15.85 -19.45
CA GLU A 360 -17.63 15.18 -20.34
C GLU A 360 -16.28 14.93 -19.66
N SER A 361 -15.73 15.96 -19.01
CA SER A 361 -14.45 15.81 -18.35
C SER A 361 -14.52 14.74 -17.27
N PHE A 362 -15.58 14.77 -16.47
CA PHE A 362 -15.72 13.82 -15.38
C PHE A 362 -15.89 12.38 -15.87
N ILE A 363 -16.46 12.18 -17.06
CA ILE A 363 -16.47 10.84 -17.66
C ILE A 363 -15.03 10.37 -17.89
N LYS A 364 -14.24 11.21 -18.56
CA LYS A 364 -12.81 10.94 -18.70
C LYS A 364 -12.15 10.70 -17.34
N HIS A 365 -12.48 11.52 -16.34
CA HIS A 365 -11.92 11.32 -15.01
C HIS A 365 -12.26 9.95 -14.47
N MET A 366 -13.53 9.57 -14.59
CA MET A 366 -13.96 8.29 -14.07
C MET A 366 -13.18 7.15 -14.71
N GLU A 367 -13.17 7.11 -16.04
CA GLU A 367 -12.36 6.14 -16.75
C GLU A 367 -10.94 6.11 -16.21
N ASN A 368 -10.33 7.29 -16.03
CA ASN A 368 -8.97 7.37 -15.51
C ASN A 368 -8.85 6.67 -14.17
N GLU A 369 -9.80 6.92 -13.27
CA GLU A 369 -9.72 6.38 -11.92
C GLU A 369 -9.91 4.87 -11.91
N TYR A 370 -10.75 4.35 -12.81
CA TYR A 370 -10.91 2.91 -12.94
C TYR A 370 -9.71 2.26 -13.61
N ARG A 371 -8.95 3.00 -14.42
CA ARG A 371 -7.67 2.51 -14.91
C ARG A 371 -6.67 2.30 -13.79
N CYS A 372 -6.36 3.36 -13.05
CA CYS A 372 -5.23 3.39 -12.14
CA CYS A 372 -5.22 3.35 -12.15
C CYS A 372 -5.59 3.02 -10.71
N ARG A 373 -6.79 3.35 -10.26
CA ARG A 373 -7.14 3.14 -8.85
C ARG A 373 -8.10 1.99 -8.64
N GLY A 374 -8.83 1.58 -9.68
CA GLY A 374 -9.81 0.52 -9.53
C GLY A 374 -11.18 0.99 -9.09
N GLY A 375 -11.54 2.21 -9.41
CA GLY A 375 -12.81 2.75 -9.00
C GLY A 375 -12.75 4.26 -8.85
N CYS A 376 -13.92 4.84 -8.66
CA CYS A 376 -14.14 6.25 -8.43
C CYS A 376 -15.52 6.44 -7.82
N PRO A 377 -15.62 6.73 -6.52
CA PRO A 377 -16.93 6.98 -5.91
C PRO A 377 -17.58 8.21 -6.50
N ALA A 378 -18.85 8.07 -6.90
CA ALA A 378 -19.57 9.17 -7.50
C ALA A 378 -21.00 9.16 -7.03
N ASP A 379 -21.60 10.34 -6.99
CA ASP A 379 -22.97 10.53 -6.50
C ASP A 379 -23.78 11.04 -7.68
N TRP A 380 -24.46 10.11 -8.38
CA TRP A 380 -25.19 10.47 -9.58
C TRP A 380 -26.18 11.60 -9.33
N VAL A 381 -26.84 11.57 -8.17
CA VAL A 381 -27.79 12.60 -7.82
C VAL A 381 -27.15 13.98 -7.83
N TRP A 382 -25.87 14.08 -7.45
CA TRP A 382 -25.17 15.35 -7.42
C TRP A 382 -24.37 15.61 -8.68
N ILE A 383 -23.92 14.56 -9.35
CA ILE A 383 -23.12 14.77 -10.56
C ILE A 383 -23.99 15.27 -11.72
N VAL A 384 -25.23 14.79 -11.83
CA VAL A 384 -26.04 15.20 -12.98
C VAL A 384 -26.44 16.65 -12.79
N PRO A 385 -26.06 17.53 -13.73
CA PRO A 385 -26.38 18.94 -13.58
C PRO A 385 -27.90 19.14 -13.48
N PRO A 386 -28.31 20.24 -12.86
CA PRO A 386 -29.74 20.49 -12.63
C PRO A 386 -30.49 21.07 -13.82
N MET A 387 -29.88 21.14 -15.00
CA MET A 387 -30.67 21.30 -16.22
C MET A 387 -30.08 20.39 -17.29
N SER A 388 -30.93 20.02 -18.26
CA SER A 388 -30.50 19.27 -19.43
C SER A 388 -29.76 17.98 -19.05
N GLY A 389 -30.23 17.30 -18.02
CA GLY A 389 -29.45 16.21 -17.44
C GLY A 389 -29.20 15.10 -18.43
N SER A 390 -30.26 14.63 -19.10
CA SER A 390 -30.13 13.50 -20.00
C SER A 390 -29.30 13.81 -21.24
N ILE A 391 -29.20 15.08 -21.65
CA ILE A 391 -28.33 15.41 -22.78
C ILE A 391 -26.89 15.64 -22.33
N THR A 392 -26.54 15.30 -21.06
CA THR A 392 -25.13 15.29 -20.67
C THR A 392 -24.68 13.86 -20.40
N PRO A 393 -23.44 13.52 -20.73
CA PRO A 393 -23.04 12.10 -20.73
C PRO A 393 -23.18 11.42 -19.38
N VAL A 394 -23.17 12.18 -18.27
CA VAL A 394 -23.21 11.55 -16.94
C VAL A 394 -24.57 10.97 -16.61
N PHE A 395 -25.64 11.53 -17.19
CA PHE A 395 -26.98 11.02 -16.93
C PHE A 395 -27.09 9.53 -17.23
N HIS A 396 -26.43 9.10 -18.30
CA HIS A 396 -26.44 7.71 -18.72
C HIS A 396 -25.27 6.92 -18.16
N GLN A 397 -24.54 7.48 -17.20
CA GLN A 397 -23.38 6.82 -16.62
C GLN A 397 -23.75 6.29 -15.23
N GLU A 398 -23.83 4.96 -15.13
CA GLU A 398 -24.01 4.30 -13.84
C GLU A 398 -22.84 4.63 -12.93
N MET A 399 -23.14 4.82 -11.65
CA MET A 399 -22.12 5.18 -10.67
C MET A 399 -22.32 4.37 -9.40
N LEU A 400 -21.20 3.89 -8.88
CA LEU A 400 -21.10 3.35 -7.52
C LEU A 400 -20.72 4.47 -6.56
N ASN A 401 -21.35 4.47 -5.39
CA ASN A 401 -21.04 5.45 -4.38
C ASN A 401 -20.63 4.76 -3.08
N TYR A 402 -19.57 5.28 -2.48
CA TYR A 402 -19.00 4.78 -1.24
C TYR A 402 -18.11 5.88 -0.67
N ARG A 403 -17.75 5.72 0.60
CA ARG A 403 -17.08 6.76 1.40
C ARG A 403 -15.65 6.33 1.67
N LEU A 404 -14.70 7.05 1.07
CA LEU A 404 -13.26 6.83 1.29
C LEU A 404 -12.67 7.95 2.14
N THR A 405 -11.65 7.61 2.96
CA THR A 405 -10.96 8.62 3.74
CA THR A 405 -10.96 8.62 3.74
C THR A 405 -9.53 8.83 3.22
N PRO A 406 -8.98 10.06 3.32
CA PRO A 406 -9.49 11.33 3.82
C PRO A 406 -10.66 11.90 3.05
N SER A 407 -11.42 12.80 3.67
CA SER A 407 -12.65 13.27 3.04
C SER A 407 -13.06 14.62 3.62
N PHE A 408 -13.95 15.28 2.89
CA PHE A 408 -14.71 16.41 3.43
C PHE A 408 -16.06 15.93 3.98
N GLU A 409 -16.39 16.40 5.19
CA GLU A 409 -17.60 16.04 5.88
C GLU A 409 -18.39 17.30 6.20
N TYR A 410 -19.72 17.17 6.26
CA TYR A 410 -20.46 18.31 6.75
C TYR A 410 -20.33 18.36 8.26
N GLN A 411 -20.69 19.51 8.83
CA GLN A 411 -20.60 19.75 10.26
C GLN A 411 -21.69 20.74 10.64
N PRO A 412 -22.07 20.80 11.92
CA PRO A 412 -23.14 21.69 12.32
C PRO A 412 -22.78 23.15 12.06
N ASP A 413 -23.80 23.95 11.76
CA ASP A 413 -23.63 25.39 11.70
C ASP A 413 -23.18 25.86 13.07
N PRO A 414 -22.04 26.52 13.19
CA PRO A 414 -21.43 26.70 14.51
C PRO A 414 -22.30 27.46 15.50
N TRP A 415 -23.27 28.24 15.02
CA TRP A 415 -24.13 28.96 15.93
C TRP A 415 -25.17 28.09 16.61
N ASN A 416 -25.40 26.87 16.11
CA ASN A 416 -26.23 25.94 16.86
C ASN A 416 -25.51 25.46 18.11
N THR A 417 -24.17 25.47 18.10
CA THR A 417 -23.39 24.65 19.02
C THR A 417 -22.32 25.44 19.78
N HIS A 418 -22.38 26.77 19.78
CA HIS A 418 -21.26 27.58 20.25
C HIS A 418 -21.59 28.25 21.57
N VAL A 419 -20.72 28.04 22.56
CA VAL A 419 -20.83 28.71 23.86
C VAL A 419 -20.24 30.11 23.72
N TRP A 420 -21.09 31.13 23.70
CA TRP A 420 -20.63 32.52 23.53
C TRP A 420 -19.93 33.00 24.79
N LYS A 421 -18.65 33.35 24.66
CA LYS A 421 -17.89 33.84 25.80
C LYS A 421 -18.48 35.17 26.28
N ARG B 3 -38.21 1.15 13.76
CA ARG B 3 -37.68 2.48 13.51
C ARG B 3 -38.61 3.35 12.64
N PHE B 4 -38.33 4.66 12.64
CA PHE B 4 -38.94 5.64 11.75
C PHE B 4 -37.82 6.20 10.89
N LEU B 5 -38.17 6.78 9.74
CA LEU B 5 -37.18 7.47 8.92
C LEU B 5 -37.75 8.80 8.44
N LYS B 6 -36.92 9.85 8.45
CA LYS B 6 -37.35 11.18 8.04
C LYS B 6 -36.81 11.52 6.67
N VAL B 7 -37.61 12.23 5.87
CA VAL B 7 -37.18 12.78 4.60
C VAL B 7 -37.63 14.23 4.58
N LYS B 8 -36.85 15.07 3.89
CA LYS B 8 -36.97 16.53 3.95
C LYS B 8 -37.03 17.12 2.56
N ASN B 9 -37.93 18.08 2.36
CA ASN B 9 -37.91 18.91 1.17
C ASN B 9 -37.05 20.12 1.50
N TRP B 10 -36.01 20.35 0.69
CA TRP B 10 -35.13 21.47 1.01
C TRP B 10 -35.59 22.80 0.42
N GLU B 11 -36.47 22.74 -0.59
CA GLU B 11 -37.11 23.95 -1.10
C GLU B 11 -38.16 24.48 -0.11
N THR B 12 -38.90 23.58 0.59
CA THR B 12 -40.03 23.97 1.43
C THR B 12 -39.89 23.64 2.91
N GLU B 13 -38.91 22.84 3.31
CA GLU B 13 -38.66 22.38 4.69
C GLU B 13 -39.71 21.41 5.22
N VAL B 14 -40.72 21.01 4.42
CA VAL B 14 -41.64 19.94 4.84
C VAL B 14 -40.86 18.69 5.16
N VAL B 15 -41.23 18.02 6.25
CA VAL B 15 -40.59 16.77 6.66
C VAL B 15 -41.65 15.69 6.85
N LEU B 16 -41.44 14.54 6.24
CA LEU B 16 -42.34 13.40 6.33
C LEU B 16 -41.62 12.25 7.01
N THR B 17 -42.39 11.33 7.58
CA THR B 17 -41.85 10.30 8.45
C THR B 17 -42.24 8.93 7.90
N ASP B 18 -41.26 8.25 7.33
CA ASP B 18 -41.52 7.00 6.65
C ASP B 18 -41.52 5.86 7.65
N THR B 19 -42.69 5.25 7.87
CA THR B 19 -42.73 3.98 8.61
C THR B 19 -42.87 2.77 7.70
N LEU B 20 -43.32 2.97 6.46
CA LEU B 20 -43.69 1.85 5.59
C LEU B 20 -42.48 1.04 5.15
N HIS B 21 -41.27 1.61 5.24
CA HIS B 21 -40.07 0.93 4.81
C HIS B 21 -39.80 -0.33 5.61
N LEU B 22 -40.36 -0.40 6.83
CA LEU B 22 -40.27 -1.61 7.64
C LEU B 22 -40.89 -2.82 6.96
N LYS B 23 -41.71 -2.60 5.93
CA LYS B 23 -42.37 -3.68 5.20
C LYS B 23 -41.70 -3.97 3.86
N SER B 24 -40.43 -3.60 3.69
CA SER B 24 -39.76 -3.84 2.41
C SER B 24 -39.06 -5.20 2.44
N THR B 25 -38.76 -5.71 1.23
CA THR B 25 -38.40 -7.13 1.08
C THR B 25 -37.09 -7.39 0.33
N LEU B 26 -37.18 -7.63 -0.99
CA LEU B 26 -36.02 -8.02 -1.79
C LEU B 26 -35.00 -6.89 -1.81
N GLU B 27 -33.84 -7.12 -2.41
CA GLU B 27 -32.72 -6.18 -2.35
C GLU B 27 -33.01 -4.89 -3.10
N THR B 28 -32.50 -3.78 -2.54
CA THR B 28 -32.29 -2.57 -3.34
C THR B 28 -31.06 -2.71 -4.23
N GLY B 29 -30.17 -3.65 -3.92
CA GLY B 29 -28.86 -3.71 -4.48
C GLY B 29 -27.81 -3.08 -3.59
N CYS B 30 -28.16 -2.01 -2.89
CA CYS B 30 -27.21 -1.32 -2.04
C CYS B 30 -26.80 -2.20 -0.87
N THR B 31 -25.58 -1.98 -0.39
CA THR B 31 -25.09 -2.64 0.81
C THR B 31 -24.92 -1.59 1.91
N GLU B 32 -24.51 -2.05 3.09
CA GLU B 32 -24.27 -1.12 4.19
C GLU B 32 -23.21 -0.08 3.82
N TYR B 33 -22.27 -0.43 2.94
CA TYR B 33 -21.13 0.41 2.60
C TYR B 33 -21.13 0.92 1.17
N ILE B 34 -21.96 0.38 0.28
CA ILE B 34 -22.05 0.85 -1.10
C ILE B 34 -23.50 1.19 -1.40
N CYS B 35 -23.72 2.30 -2.11
CA CYS B 35 -25.01 2.67 -2.69
C CYS B 35 -24.95 2.47 -4.19
N MET B 36 -26.04 1.91 -4.74
CA MET B 36 -26.16 1.64 -6.16
C MET B 36 -27.36 2.34 -6.80
N GLY B 37 -27.97 3.30 -6.13
CA GLY B 37 -29.14 4.00 -6.62
C GLY B 37 -29.15 4.42 -8.08
N SER B 38 -27.99 4.45 -8.74
CA SER B 38 -27.91 4.83 -10.15
C SER B 38 -27.71 3.63 -11.08
N ILE B 39 -27.61 2.43 -10.52
CA ILE B 39 -27.49 1.21 -11.32
C ILE B 39 -28.88 0.78 -11.79
N MET B 40 -29.03 0.55 -13.10
CA MET B 40 -30.36 0.27 -13.63
C MET B 40 -30.84 -1.14 -13.27
N HIS B 41 -30.06 -2.17 -13.61
CA HIS B 41 -30.41 -3.54 -13.25
C HIS B 41 -29.43 -4.06 -12.19
N PRO B 42 -29.70 -3.91 -10.90
CA PRO B 42 -28.92 -4.64 -9.89
C PRO B 42 -29.54 -6.00 -9.63
N SER B 43 -28.73 -6.91 -9.09
CA SER B 43 -29.25 -8.24 -8.77
C SER B 43 -29.90 -8.23 -7.39
N VAL B 52 -38.19 -21.26 -10.93
CA VAL B 52 -39.54 -20.96 -10.45
C VAL B 52 -39.65 -21.37 -9.00
N ALA B 53 -40.48 -20.63 -8.26
CA ALA B 53 -40.58 -20.83 -6.81
C ALA B 53 -40.98 -22.26 -6.49
N THR B 54 -40.35 -22.81 -5.45
CA THR B 54 -40.72 -24.13 -4.97
C THR B 54 -41.90 -24.01 -4.00
N LYS B 55 -42.51 -25.15 -3.68
CA LYS B 55 -43.65 -25.15 -2.76
C LYS B 55 -43.32 -24.39 -1.48
N ASP B 56 -42.19 -24.71 -0.85
CA ASP B 56 -41.82 -24.05 0.40
C ASP B 56 -41.67 -22.54 0.19
N GLN B 57 -41.05 -22.13 -0.92
CA GLN B 57 -40.81 -20.71 -1.12
C GLN B 57 -42.09 -19.93 -1.35
N LEU B 58 -43.15 -20.60 -1.83
CA LEU B 58 -44.35 -19.89 -2.29
C LEU B 58 -45.31 -19.55 -1.16
N PHE B 59 -45.45 -20.44 -0.15
CA PHE B 59 -46.33 -20.22 1.00
C PHE B 59 -46.10 -18.86 1.68
N PRO B 60 -44.89 -18.56 2.16
CA PRO B 60 -44.73 -17.29 2.89
C PRO B 60 -45.10 -16.12 2.03
N LEU B 61 -44.76 -16.16 0.74
CA LEU B 61 -45.13 -15.07 -0.15
C LEU B 61 -46.65 -14.98 -0.28
N ALA B 62 -47.28 -16.11 -0.58
CA ALA B 62 -48.74 -16.13 -0.73
C ALA B 62 -49.43 -15.65 0.55
N LYS B 63 -48.99 -16.15 1.71
CA LYS B 63 -49.58 -15.73 2.96
C LYS B 63 -49.41 -14.23 3.17
N GLU B 64 -48.25 -13.69 2.82
CA GLU B 64 -48.03 -12.27 3.08
C GLU B 64 -48.98 -11.41 2.24
N PHE B 65 -49.12 -11.74 0.96
CA PHE B 65 -50.00 -10.95 0.11
C PHE B 65 -51.46 -11.12 0.49
N ILE B 66 -51.91 -12.35 0.75
CA ILE B 66 -53.28 -12.52 1.25
C ILE B 66 -53.46 -11.77 2.56
N ASP B 67 -52.43 -11.79 3.43
CA ASP B 67 -52.50 -11.02 4.66
C ASP B 67 -52.71 -9.55 4.37
N GLN B 68 -52.00 -9.01 3.39
CA GLN B 68 -52.04 -7.59 3.13
C GLN B 68 -53.32 -7.18 2.40
N TYR B 69 -53.80 -8.04 1.50
CA TYR B 69 -55.09 -7.78 0.85
C TYR B 69 -56.23 -7.72 1.86
N TYR B 70 -56.32 -8.74 2.72
CA TYR B 70 -57.41 -8.73 3.69
C TYR B 70 -57.26 -7.62 4.70
N SER B 71 -56.05 -7.12 4.92
CA SER B 71 -55.89 -5.96 5.77
C SER B 71 -56.36 -4.70 5.06
N SER B 72 -56.12 -4.61 3.75
CA SER B 72 -56.53 -3.43 3.02
C SER B 72 -58.05 -3.28 2.93
N ILE B 73 -58.81 -4.35 3.08
CA ILE B 73 -60.25 -4.30 3.03
C ILE B 73 -60.88 -4.46 4.41
N LYS B 74 -60.10 -4.23 5.47
CA LYS B 74 -60.59 -4.22 6.86
C LYS B 74 -61.34 -5.51 7.19
N ARG B 75 -60.66 -6.63 6.93
CA ARG B 75 -61.17 -7.97 7.18
C ARG B 75 -60.07 -8.87 7.72
N PHE B 76 -59.00 -8.29 8.28
CA PHE B 76 -57.88 -9.10 8.75
C PHE B 76 -58.31 -9.97 9.91
N GLY B 77 -57.87 -11.23 9.90
CA GLY B 77 -58.29 -12.16 10.92
C GLY B 77 -59.72 -12.63 10.79
N SER B 78 -60.43 -12.25 9.71
CA SER B 78 -61.83 -12.59 9.56
C SER B 78 -62.01 -14.03 9.08
N LYS B 79 -63.27 -14.47 9.14
CA LYS B 79 -63.64 -15.80 8.68
C LYS B 79 -63.24 -16.00 7.23
N ALA B 80 -63.53 -15.02 6.38
CA ALA B 80 -63.20 -15.14 4.96
C ALA B 80 -61.70 -15.02 4.72
N HIS B 81 -60.99 -14.36 5.64
CA HIS B 81 -59.55 -14.29 5.52
C HIS B 81 -58.94 -15.67 5.80
N MET B 82 -59.31 -16.27 6.94
CA MET B 82 -58.68 -17.53 7.35
C MET B 82 -59.02 -18.66 6.40
N GLU B 83 -60.19 -18.60 5.75
CA GLU B 83 -60.52 -19.62 4.76
C GLU B 83 -59.72 -19.43 3.49
N ARG B 84 -59.54 -18.18 3.07
CA ARG B 84 -58.73 -17.93 1.88
C ARG B 84 -57.33 -18.50 2.05
N LEU B 85 -56.68 -18.20 3.19
CA LEU B 85 -55.35 -18.73 3.47
C LEU B 85 -55.31 -20.24 3.32
N GLU B 86 -56.21 -20.92 4.03
CA GLU B 86 -56.31 -22.38 3.96
C GLU B 86 -56.57 -22.87 2.54
N GLU B 87 -57.36 -22.11 1.76
CA GLU B 87 -57.60 -22.49 0.39
C GLU B 87 -56.32 -22.35 -0.44
N VAL B 88 -55.55 -21.28 -0.22
CA VAL B 88 -54.29 -21.11 -0.92
C VAL B 88 -53.30 -22.18 -0.51
N ASN B 89 -53.24 -22.48 0.79
CA ASN B 89 -52.37 -23.53 1.29
C ASN B 89 -52.69 -24.87 0.64
N LYS B 90 -53.99 -25.18 0.52
CA LYS B 90 -54.43 -26.38 -0.19
C LYS B 90 -53.86 -26.42 -1.60
N GLU B 91 -54.08 -25.35 -2.37
CA GLU B 91 -53.72 -25.35 -3.79
C GLU B 91 -52.22 -25.54 -3.97
N ILE B 92 -51.40 -24.93 -3.11
CA ILE B 92 -49.96 -25.07 -3.28
C ILE B 92 -49.52 -26.49 -2.99
N ASP B 93 -50.20 -27.19 -2.07
CA ASP B 93 -49.89 -28.60 -1.89
C ASP B 93 -50.35 -29.42 -3.10
N THR B 94 -51.60 -29.23 -3.51
CA THR B 94 -52.12 -29.96 -4.68
C THR B 94 -51.30 -29.64 -5.92
N THR B 95 -51.28 -28.36 -6.31
CA THR B 95 -50.84 -27.95 -7.64
C THR B 95 -49.47 -27.27 -7.64
N SER B 96 -48.76 -27.28 -6.51
CA SER B 96 -47.49 -26.58 -6.38
C SER B 96 -47.58 -25.09 -6.66
N THR B 97 -48.78 -24.56 -6.88
CA THR B 97 -49.04 -23.14 -7.11
C THR B 97 -50.46 -22.85 -6.67
N TYR B 98 -50.95 -21.64 -6.96
CA TYR B 98 -52.33 -21.29 -6.62
C TYR B 98 -52.80 -20.20 -7.57
N GLN B 99 -54.10 -19.89 -7.49
CA GLN B 99 -54.71 -18.94 -8.41
C GLN B 99 -55.34 -17.80 -7.62
N LEU B 100 -55.07 -16.57 -8.07
CA LEU B 100 -55.66 -15.39 -7.46
C LEU B 100 -57.13 -15.28 -7.78
N LYS B 101 -57.92 -14.88 -6.79
CA LYS B 101 -59.27 -14.40 -7.06
C LYS B 101 -59.20 -13.18 -7.95
N ASP B 102 -60.35 -12.77 -8.50
CA ASP B 102 -60.34 -11.56 -9.34
C ASP B 102 -60.02 -10.32 -8.52
N THR B 103 -60.65 -10.18 -7.34
CA THR B 103 -60.39 -9.03 -6.48
C THR B 103 -58.92 -8.91 -6.12
N GLU B 104 -58.28 -10.04 -5.82
CA GLU B 104 -56.86 -10.02 -5.47
C GLU B 104 -56.00 -9.66 -6.67
N LEU B 105 -56.45 -10.04 -7.88
CA LEU B 105 -55.71 -9.67 -9.09
C LEU B 105 -55.82 -8.17 -9.36
N ILE B 106 -57.00 -7.59 -9.20
CA ILE B 106 -57.14 -6.14 -9.39
C ILE B 106 -56.32 -5.41 -8.34
N TYR B 107 -56.44 -5.85 -7.08
CA TYR B 107 -55.73 -5.20 -5.98
C TYR B 107 -54.23 -5.34 -6.14
N GLY B 108 -53.78 -6.53 -6.57
CA GLY B 108 -52.35 -6.73 -6.78
C GLY B 108 -51.80 -5.80 -7.84
N ALA B 109 -52.48 -5.74 -9.00
CA ALA B 109 -52.03 -4.89 -10.09
C ALA B 109 -51.96 -3.43 -9.67
N LYS B 110 -52.98 -2.95 -8.98
CA LYS B 110 -52.98 -1.55 -8.63
C LYS B 110 -51.83 -1.25 -7.67
N HIS B 111 -51.59 -2.14 -6.73
CA HIS B 111 -50.53 -1.90 -5.76
C HIS B 111 -49.13 -2.12 -6.33
N ALA B 112 -49.00 -2.91 -7.40
CA ALA B 112 -47.69 -2.96 -8.04
C ALA B 112 -47.37 -1.64 -8.72
N TRP B 113 -48.38 -0.94 -9.24
CA TRP B 113 -48.16 0.40 -9.77
C TRP B 113 -47.88 1.37 -8.63
N ARG B 114 -48.67 1.27 -7.57
CA ARG B 114 -48.50 2.12 -6.40
C ARG B 114 -47.08 1.99 -5.87
N ASN B 115 -46.49 0.80 -5.99
CA ASN B 115 -45.19 0.48 -5.44
C ASN B 115 -44.04 0.68 -6.43
N ALA B 116 -44.34 1.13 -7.64
CA ALA B 116 -43.33 1.40 -8.68
C ALA B 116 -42.52 2.63 -8.28
N SER B 117 -41.35 2.44 -7.68
CA SER B 117 -40.62 3.60 -7.16
CA SER B 117 -40.55 3.57 -7.18
C SER B 117 -40.27 4.58 -8.28
N ARG B 118 -39.96 4.10 -9.48
CA ARG B 118 -39.53 4.94 -10.60
C ARG B 118 -40.65 5.67 -11.32
N CYS B 119 -41.91 5.47 -10.94
CA CYS B 119 -43.03 6.03 -11.69
C CYS B 119 -43.49 7.34 -11.07
N VAL B 120 -43.45 8.42 -11.86
CA VAL B 120 -43.94 9.73 -11.45
C VAL B 120 -45.43 9.93 -11.65
N GLY B 121 -46.13 8.98 -12.26
CA GLY B 121 -47.55 9.14 -12.46
C GLY B 121 -48.45 8.51 -11.42
N ARG B 122 -47.90 7.92 -10.37
CA ARG B 122 -48.63 7.09 -9.42
C ARG B 122 -49.78 7.76 -8.68
N ILE B 123 -49.97 9.07 -8.85
CA ILE B 123 -51.14 9.68 -8.23
C ILE B 123 -52.43 9.09 -8.82
N GLN B 124 -52.36 8.54 -10.02
CA GLN B 124 -53.48 7.87 -10.66
C GLN B 124 -53.60 6.40 -10.28
N TRP B 125 -52.73 5.88 -9.41
CA TRP B 125 -52.61 4.43 -9.23
C TRP B 125 -53.97 3.74 -9.02
N SER B 126 -54.86 4.36 -8.26
CA SER B 126 -56.10 3.66 -7.93
C SER B 126 -57.10 3.62 -9.09
N LYS B 127 -56.82 4.26 -10.23
CA LYS B 127 -57.76 4.33 -11.35
C LYS B 127 -57.36 3.39 -12.50
N LEU B 128 -56.72 2.29 -12.18
CA LEU B 128 -56.23 1.37 -13.19
C LEU B 128 -57.34 0.44 -13.70
N GLN B 129 -57.47 0.34 -15.01
CA GLN B 129 -58.36 -0.65 -15.59
C GLN B 129 -57.57 -1.95 -15.71
N VAL B 130 -58.02 -2.99 -15.03
CA VAL B 130 -57.36 -4.29 -15.04
C VAL B 130 -58.16 -5.22 -15.97
N PHE B 131 -57.53 -5.72 -17.03
CA PHE B 131 -58.16 -6.69 -17.92
C PHE B 131 -57.61 -8.07 -17.62
N ASP B 132 -58.46 -8.95 -17.07
CA ASP B 132 -58.10 -10.32 -16.72
C ASP B 132 -58.08 -11.17 -17.97
N ALA B 133 -56.90 -11.61 -18.37
CA ALA B 133 -56.70 -12.42 -19.56
C ALA B 133 -56.05 -13.75 -19.20
N ARG B 134 -56.15 -14.15 -17.94
CA ARG B 134 -55.59 -15.40 -17.48
C ARG B 134 -56.21 -16.64 -18.13
N ASP B 135 -57.31 -16.48 -18.89
CA ASP B 135 -57.94 -17.57 -19.63
C ASP B 135 -57.37 -17.74 -21.03
N CYS B 136 -56.32 -16.99 -21.36
CA CYS B 136 -55.78 -16.96 -22.71
C CYS B 136 -54.82 -18.12 -22.95
N THR B 137 -54.82 -18.66 -24.18
CA THR B 137 -54.09 -19.87 -24.51
C THR B 137 -53.21 -19.79 -25.75
N THR B 138 -53.39 -18.79 -26.61
CA THR B 138 -52.75 -18.73 -27.91
C THR B 138 -52.29 -17.31 -28.18
N ALA B 139 -51.36 -17.19 -29.13
CA ALA B 139 -50.93 -15.87 -29.56
C ALA B 139 -52.10 -15.06 -30.10
N HIS B 140 -52.88 -15.63 -31.04
CA HIS B 140 -54.05 -14.96 -31.59
C HIS B 140 -54.94 -14.41 -30.49
N GLY B 141 -55.08 -15.14 -29.38
CA GLY B 141 -55.91 -14.66 -28.29
C GLY B 141 -55.27 -13.47 -27.57
N MET B 142 -53.97 -13.58 -27.28
CA MET B 142 -53.21 -12.41 -26.83
C MET B 142 -53.42 -11.23 -27.78
N PHE B 143 -53.34 -11.48 -29.08
CA PHE B 143 -53.58 -10.40 -30.05
C PHE B 143 -54.93 -9.74 -29.81
N ASN B 144 -55.95 -10.55 -29.53
CA ASN B 144 -57.27 -9.97 -29.30
C ASN B 144 -57.30 -9.16 -28.01
N TYR B 145 -56.68 -9.66 -26.94
CA TYR B 145 -56.67 -8.95 -25.68
C TYR B 145 -55.94 -7.61 -25.79
N ILE B 146 -54.79 -7.59 -26.45
CA ILE B 146 -54.01 -6.36 -26.56
C ILE B 146 -54.71 -5.37 -27.48
N CYS B 147 -55.30 -5.85 -28.57
CA CYS B 147 -56.07 -4.95 -29.41
C CYS B 147 -57.16 -4.25 -28.61
N ASN B 148 -57.95 -5.02 -27.85
CA ASN B 148 -58.94 -4.43 -26.97
C ASN B 148 -58.28 -3.51 -25.94
N HIS B 149 -57.15 -3.94 -25.36
CA HIS B 149 -56.46 -3.07 -24.41
C HIS B 149 -56.18 -1.72 -25.05
N VAL B 150 -55.66 -1.73 -26.28
CA VAL B 150 -55.25 -0.48 -26.92
C VAL B 150 -56.46 0.36 -27.27
N LYS B 151 -57.49 -0.26 -27.82
CA LYS B 151 -58.70 0.50 -28.15
C LYS B 151 -59.24 1.19 -26.91
N TYR B 152 -59.31 0.46 -25.80
CA TYR B 152 -59.81 1.02 -24.54
C TYR B 152 -58.90 2.15 -24.05
N ALA B 153 -57.63 1.83 -23.83
CA ALA B 153 -56.68 2.79 -23.26
C ALA B 153 -56.66 4.07 -24.07
N THR B 154 -56.70 3.96 -25.40
CA THR B 154 -56.53 5.14 -26.23
C THR B 154 -57.76 6.02 -26.17
N ASN B 155 -58.95 5.45 -26.33
CA ASN B 155 -60.22 6.14 -26.07
C ASN B 155 -60.30 7.46 -26.86
N LYS B 156 -59.92 7.38 -28.14
CA LYS B 156 -59.97 8.52 -29.07
C LYS B 156 -59.20 9.75 -28.59
N GLY B 157 -58.16 9.55 -27.78
CA GLY B 157 -57.31 10.64 -27.32
C GLY B 157 -57.41 10.90 -25.85
N ASN B 158 -58.53 10.52 -25.24
CA ASN B 158 -58.73 10.75 -23.81
C ASN B 158 -58.27 9.48 -23.09
N LEU B 159 -56.95 9.33 -23.03
CA LEU B 159 -56.34 8.07 -22.61
C LEU B 159 -56.75 7.66 -21.20
N ARG B 160 -56.75 6.35 -20.99
CA ARG B 160 -57.15 5.70 -19.74
C ARG B 160 -56.13 4.64 -19.37
N SER B 161 -55.65 4.66 -18.13
CA SER B 161 -54.69 3.66 -17.68
C SER B 161 -55.28 2.26 -17.72
N ALA B 162 -54.49 1.30 -18.16
CA ALA B 162 -54.99 -0.06 -18.18
C ALA B 162 -53.84 -1.03 -18.19
N ILE B 163 -54.12 -2.21 -17.65
CA ILE B 163 -53.23 -3.35 -17.73
C ILE B 163 -54.02 -4.56 -18.21
N THR B 164 -53.33 -5.45 -18.90
CA THR B 164 -53.87 -6.75 -19.28
C THR B 164 -52.93 -7.80 -18.73
N ILE B 165 -53.48 -8.72 -17.96
CA ILE B 165 -52.67 -9.73 -17.28
C ILE B 165 -52.99 -11.10 -17.88
N PHE B 166 -51.94 -11.78 -18.30
CA PHE B 166 -52.01 -13.07 -18.97
C PHE B 166 -51.61 -14.18 -18.01
N PRO B 167 -51.72 -15.45 -18.42
CA PRO B 167 -51.44 -16.53 -17.47
C PRO B 167 -50.07 -16.45 -16.79
N GLN B 168 -50.09 -16.64 -15.47
CA GLN B 168 -48.89 -16.59 -14.67
C GLN B 168 -47.92 -17.70 -15.05
N ARG B 169 -46.70 -17.56 -14.57
CA ARG B 169 -45.70 -18.58 -14.82
C ARG B 169 -46.15 -19.92 -14.22
N THR B 170 -45.49 -20.99 -14.64
CA THR B 170 -45.79 -22.31 -14.15
C THR B 170 -44.50 -23.01 -13.81
N ASP B 171 -43.91 -23.67 -14.80
CA ASP B 171 -42.58 -24.23 -14.68
C ASP B 171 -41.50 -23.27 -15.19
N GLY B 172 -41.88 -22.12 -15.76
CA GLY B 172 -40.96 -21.30 -16.52
C GLY B 172 -40.75 -21.75 -17.95
N LYS B 173 -41.23 -22.95 -18.31
CA LYS B 173 -41.13 -23.49 -19.65
C LYS B 173 -42.35 -23.18 -20.50
N HIS B 174 -43.32 -22.45 -19.96
CA HIS B 174 -44.58 -22.23 -20.67
C HIS B 174 -44.98 -20.76 -20.56
N ASP B 175 -43.98 -19.89 -20.59
CA ASP B 175 -44.20 -18.48 -20.28
C ASP B 175 -45.02 -17.80 -21.37
N PHE B 176 -45.88 -16.88 -20.95
CA PHE B 176 -46.45 -15.89 -21.84
C PHE B 176 -45.54 -14.66 -21.83
N ARG B 177 -45.21 -14.15 -23.01
CA ARG B 177 -44.38 -12.98 -23.13
C ARG B 177 -44.89 -12.11 -24.26
N VAL B 178 -44.85 -10.80 -24.05
CA VAL B 178 -44.92 -9.85 -25.16
C VAL B 178 -43.47 -9.47 -25.48
N TRP B 179 -42.98 -9.92 -26.63
CA TRP B 179 -41.59 -9.66 -26.95
C TRP B 179 -41.35 -8.17 -27.20
N ASN B 180 -42.34 -7.46 -27.72
CA ASN B 180 -42.28 -6.02 -27.76
C ASN B 180 -41.98 -5.48 -26.38
N SER B 181 -41.16 -4.44 -26.31
CA SER B 181 -40.94 -3.78 -25.03
C SER B 181 -42.01 -2.73 -24.77
N GLN B 182 -42.53 -2.09 -25.80
CA GLN B 182 -43.78 -1.36 -25.69
C GLN B 182 -44.76 -1.88 -26.72
N LEU B 183 -46.06 -1.69 -26.46
CA LEU B 183 -47.06 -2.17 -27.41
C LEU B 183 -46.96 -1.43 -28.73
N ILE B 184 -46.95 -0.11 -28.69
CA ILE B 184 -46.71 0.72 -29.87
C ILE B 184 -45.26 1.24 -29.80
N ARG B 185 -44.40 0.80 -30.73
CA ARG B 185 -43.09 1.41 -30.98
C ARG B 185 -42.83 1.46 -32.48
N TYR B 186 -41.91 2.32 -32.89
CA TYR B 186 -41.51 2.44 -34.28
C TYR B 186 -40.27 1.60 -34.59
N ALA B 187 -40.15 1.22 -35.85
CA ALA B 187 -39.05 0.35 -36.21
C ALA B 187 -37.75 1.13 -36.38
N GLY B 188 -36.64 0.43 -36.23
CA GLY B 188 -35.33 0.97 -36.55
C GLY B 188 -34.66 0.09 -37.59
N TYR B 189 -33.98 0.72 -38.55
CA TYR B 189 -33.29 -0.01 -39.60
C TYR B 189 -31.87 0.54 -39.71
N LYS B 190 -30.88 -0.34 -39.54
CA LYS B 190 -29.51 0.07 -39.76
C LYS B 190 -29.18 -0.07 -41.24
N GLN B 191 -28.61 1.00 -41.83
CA GLN B 191 -28.23 1.04 -43.24
C GLN B 191 -26.81 0.51 -43.44
N PRO B 192 -26.47 0.13 -44.66
CA PRO B 192 -25.09 -0.33 -44.93
C PRO B 192 -24.03 0.73 -44.68
N ASP B 193 -24.38 2.01 -44.63
CA ASP B 193 -23.42 3.08 -44.47
C ASP B 193 -23.28 3.55 -43.03
N GLY B 194 -23.69 2.74 -42.06
CA GLY B 194 -23.69 3.13 -40.65
C GLY B 194 -24.96 3.80 -40.13
N SER B 195 -25.57 4.68 -40.94
CA SER B 195 -26.69 5.49 -40.49
C SER B 195 -27.92 4.63 -40.20
N THR B 196 -28.90 5.24 -39.54
CA THR B 196 -30.06 4.53 -39.03
C THR B 196 -31.35 5.23 -39.46
N LEU B 197 -32.23 4.48 -40.11
CA LEU B 197 -33.56 4.96 -40.45
C LEU B 197 -34.53 4.54 -39.37
N GLY B 198 -35.38 5.47 -38.94
CA GLY B 198 -36.30 5.16 -37.87
C GLY B 198 -35.67 5.28 -36.49
N ASP B 199 -36.06 4.40 -35.57
CA ASP B 199 -35.76 4.50 -34.15
C ASP B 199 -34.59 3.60 -33.79
N PRO B 200 -33.39 4.13 -33.65
CA PRO B 200 -32.21 3.30 -33.35
C PRO B 200 -32.39 2.37 -32.16
N ALA B 201 -33.22 2.76 -31.19
CA ALA B 201 -33.43 1.92 -30.01
C ALA B 201 -33.99 0.55 -30.36
N ASN B 202 -34.69 0.43 -31.48
CA ASN B 202 -35.47 -0.76 -31.77
C ASN B 202 -34.94 -1.57 -32.94
N VAL B 203 -33.68 -1.32 -33.33
CA VAL B 203 -33.09 -1.99 -34.49
C VAL B 203 -33.03 -3.50 -34.25
N GLN B 204 -32.56 -3.90 -33.07
CA GLN B 204 -32.47 -5.34 -32.79
C GLN B 204 -33.83 -6.00 -32.90
N PHE B 205 -34.83 -5.44 -32.22
CA PHE B 205 -36.17 -6.01 -32.29
C PHE B 205 -36.73 -5.95 -33.70
N THR B 206 -36.40 -4.91 -34.46
CA THR B 206 -36.85 -4.85 -35.85
C THR B 206 -36.27 -5.99 -36.67
N GLU B 207 -35.01 -6.35 -36.41
CA GLU B 207 -34.43 -7.51 -37.08
C GLU B 207 -35.18 -8.78 -36.72
N ILE B 208 -35.49 -8.97 -35.43
CA ILE B 208 -36.20 -10.18 -35.01
C ILE B 208 -37.50 -10.33 -35.78
N CYS B 209 -38.26 -9.26 -35.89
CA CYS B 209 -39.53 -9.32 -36.61
C CYS B 209 -39.31 -9.63 -38.09
N ILE B 210 -38.50 -8.83 -38.76
CA ILE B 210 -38.11 -9.11 -40.13
C ILE B 210 -37.73 -10.57 -40.29
N GLN B 211 -36.93 -11.09 -39.37
CA GLN B 211 -36.55 -12.50 -39.44
C GLN B 211 -37.77 -13.41 -39.37
N GLN B 212 -38.72 -13.08 -38.51
CA GLN B 212 -39.94 -13.88 -38.34
C GLN B 212 -40.95 -13.68 -39.46
N GLY B 213 -40.57 -13.03 -40.56
CA GLY B 213 -41.45 -12.87 -41.70
C GLY B 213 -42.05 -11.49 -41.86
N TRP B 214 -41.81 -10.58 -40.94
CA TRP B 214 -42.35 -9.24 -41.10
C TRP B 214 -41.80 -8.59 -42.36
N LYS B 215 -42.71 -8.16 -43.23
CA LYS B 215 -42.32 -7.35 -44.38
C LYS B 215 -42.35 -5.88 -43.97
N PRO B 216 -41.20 -5.27 -43.76
CA PRO B 216 -41.16 -3.92 -43.23
C PRO B 216 -41.33 -2.90 -44.35
N PRO B 217 -42.03 -1.80 -44.08
CA PRO B 217 -42.08 -0.71 -45.08
C PRO B 217 -40.79 0.10 -45.19
N ARG B 218 -39.77 -0.19 -44.38
CA ARG B 218 -38.52 0.58 -44.33
C ARG B 218 -38.80 2.07 -44.42
N GLY B 219 -39.53 2.55 -43.41
CA GLY B 219 -39.88 3.95 -43.28
C GLY B 219 -39.39 4.50 -41.95
N ARG B 220 -39.70 5.77 -41.73
CA ARG B 220 -39.16 6.49 -40.59
C ARG B 220 -39.99 6.32 -39.32
N PHE B 221 -41.27 5.97 -39.45
CA PHE B 221 -42.17 5.81 -38.31
C PHE B 221 -43.08 4.62 -38.52
N ASP B 222 -42.48 3.47 -38.83
CA ASP B 222 -43.23 2.22 -39.00
C ASP B 222 -43.60 1.64 -37.64
N VAL B 223 -44.91 1.64 -37.31
CA VAL B 223 -45.37 0.91 -36.14
C VAL B 223 -44.94 -0.55 -36.24
N LEU B 224 -44.27 -1.05 -35.21
CA LEU B 224 -43.76 -2.41 -35.26
C LEU B 224 -44.88 -3.41 -35.02
N PRO B 225 -44.69 -4.67 -35.39
CA PRO B 225 -45.73 -5.67 -35.15
C PRO B 225 -45.60 -6.31 -33.78
N LEU B 226 -46.75 -6.64 -33.19
CA LEU B 226 -46.73 -7.42 -31.98
C LEU B 226 -46.12 -8.78 -32.28
N LEU B 227 -45.16 -9.17 -31.45
CA LEU B 227 -44.53 -10.48 -31.50
C LEU B 227 -44.90 -11.10 -30.18
N LEU B 228 -45.83 -12.04 -30.19
CA LEU B 228 -46.44 -12.49 -28.97
C LEU B 228 -46.16 -13.96 -28.75
N GLN B 229 -45.75 -14.30 -27.54
CA GLN B 229 -45.51 -15.67 -27.12
C GLN B 229 -46.59 -16.12 -26.15
N ALA B 230 -47.09 -17.34 -26.34
CA ALA B 230 -48.13 -17.91 -25.49
C ALA B 230 -47.70 -19.31 -25.07
N ASN B 231 -47.77 -19.59 -23.77
CA ASN B 231 -47.56 -20.93 -23.23
C ASN B 231 -46.21 -21.51 -23.64
N GLY B 232 -45.19 -20.65 -23.78
CA GLY B 232 -43.86 -21.13 -24.07
C GLY B 232 -43.61 -21.54 -25.50
N ASN B 233 -44.55 -21.28 -26.39
CA ASN B 233 -44.37 -21.62 -27.79
C ASN B 233 -43.64 -20.50 -28.52
N ASP B 234 -43.17 -20.82 -29.72
CA ASP B 234 -42.48 -19.80 -30.49
C ASP B 234 -43.42 -18.62 -30.66
N PRO B 235 -42.92 -17.40 -30.62
CA PRO B 235 -43.80 -16.24 -30.71
C PRO B 235 -44.29 -16.06 -32.15
N GLU B 236 -45.36 -15.29 -32.29
CA GLU B 236 -46.01 -15.10 -33.58
C GLU B 236 -46.28 -13.62 -33.84
N LEU B 237 -46.26 -13.27 -35.13
CA LEU B 237 -46.44 -11.88 -35.55
C LEU B 237 -47.90 -11.53 -35.78
N PHE B 238 -48.27 -10.34 -35.30
CA PHE B 238 -49.56 -9.71 -35.60
C PHE B 238 -49.36 -8.23 -35.84
N GLN B 239 -50.01 -7.72 -36.89
CA GLN B 239 -50.02 -6.29 -37.18
C GLN B 239 -51.19 -5.66 -36.44
N ILE B 240 -50.88 -4.71 -35.56
CA ILE B 240 -51.94 -3.92 -34.94
C ILE B 240 -52.75 -3.26 -36.03
N PRO B 241 -54.08 -3.18 -35.93
CA PRO B 241 -54.85 -2.50 -36.97
C PRO B 241 -54.56 -1.01 -36.93
N PRO B 242 -54.21 -0.42 -38.06
CA PRO B 242 -53.72 0.97 -38.08
C PRO B 242 -54.70 1.96 -37.50
N GLU B 243 -56.00 1.66 -37.56
CA GLU B 243 -57.01 2.55 -36.99
C GLU B 243 -56.91 2.64 -35.47
N LEU B 244 -56.26 1.67 -34.83
CA LEU B 244 -56.14 1.64 -33.38
C LEU B 244 -54.91 2.39 -32.86
N VAL B 245 -53.98 2.76 -33.73
CA VAL B 245 -52.72 3.36 -33.33
C VAL B 245 -52.88 4.87 -33.44
N LEU B 246 -53.14 5.53 -32.31
CA LEU B 246 -53.28 6.98 -32.32
C LEU B 246 -51.89 7.61 -32.45
N GLU B 247 -51.77 8.56 -33.36
CA GLU B 247 -50.50 9.21 -33.63
C GLU B 247 -50.68 10.72 -33.71
N VAL B 248 -49.63 11.45 -33.33
CA VAL B 248 -49.73 12.90 -33.21
C VAL B 248 -48.61 13.53 -34.04
N PRO B 249 -48.91 14.16 -35.16
CA PRO B 249 -47.86 14.90 -35.86
C PRO B 249 -47.37 16.04 -34.97
N ILE B 250 -46.06 16.23 -34.93
CA ILE B 250 -45.44 17.22 -34.05
C ILE B 250 -45.20 18.51 -34.84
N ARG B 251 -45.78 19.61 -34.36
CA ARG B 251 -45.56 20.92 -34.93
C ARG B 251 -45.28 21.89 -33.79
N HIS B 252 -44.88 23.12 -34.13
CA HIS B 252 -44.41 24.10 -33.16
C HIS B 252 -45.26 25.38 -33.21
N PRO B 253 -45.60 25.97 -32.06
CA PRO B 253 -46.53 27.11 -32.07
C PRO B 253 -45.94 28.37 -32.67
N LYS B 254 -44.62 28.47 -32.76
CA LYS B 254 -43.97 29.65 -33.30
C LYS B 254 -43.25 29.38 -34.60
N PHE B 255 -42.60 28.23 -34.72
CA PHE B 255 -41.77 27.92 -35.89
C PHE B 255 -42.60 27.16 -36.92
N GLU B 256 -42.91 27.82 -38.04
CA GLU B 256 -43.66 27.16 -39.10
C GLU B 256 -42.85 26.05 -39.73
N TRP B 257 -41.53 26.20 -39.79
CA TRP B 257 -40.67 25.18 -40.36
C TRP B 257 -40.68 23.88 -39.56
N PHE B 258 -41.22 23.87 -38.34
CA PHE B 258 -41.07 22.69 -37.50
C PHE B 258 -41.79 21.48 -38.10
N LYS B 259 -42.99 21.70 -38.65
CA LYS B 259 -43.73 20.60 -39.26
C LYS B 259 -42.92 19.97 -40.38
N ASP B 260 -42.04 20.76 -41.02
CA ASP B 260 -41.23 20.21 -42.10
C ASP B 260 -40.22 19.17 -41.61
N LEU B 261 -39.95 19.12 -40.31
CA LEU B 261 -39.23 17.94 -39.81
C LEU B 261 -40.04 16.66 -40.00
N GLY B 262 -41.37 16.77 -40.12
CA GLY B 262 -42.20 15.62 -40.38
C GLY B 262 -42.18 14.59 -39.27
N LEU B 263 -42.01 15.03 -38.04
CA LEU B 263 -42.02 14.10 -36.94
C LEU B 263 -43.44 13.83 -36.50
N LYS B 264 -43.62 12.65 -35.92
CA LYS B 264 -44.84 12.31 -35.22
C LYS B 264 -44.46 11.42 -34.05
N TRP B 265 -45.42 11.19 -33.17
CA TRP B 265 -45.23 10.17 -32.15
C TRP B 265 -46.57 9.50 -31.91
N TYR B 266 -46.53 8.28 -31.42
CA TYR B 266 -47.75 7.61 -31.00
C TYR B 266 -48.21 8.18 -29.67
N GLY B 267 -49.52 8.26 -29.50
CA GLY B 267 -50.05 8.83 -28.28
C GLY B 267 -50.15 7.90 -27.09
N LEU B 268 -49.82 6.63 -27.20
CA LEU B 268 -50.17 5.68 -26.14
C LEU B 268 -48.95 4.92 -25.64
N PRO B 269 -48.44 5.27 -24.46
CA PRO B 269 -47.24 4.60 -23.95
C PRO B 269 -47.58 3.35 -23.16
N ALA B 270 -46.92 2.23 -23.43
CA ALA B 270 -47.40 0.97 -22.87
C ALA B 270 -46.24 0.01 -22.69
N VAL B 271 -45.85 -0.23 -21.46
CA VAL B 271 -44.74 -1.12 -21.19
C VAL B 271 -45.21 -2.56 -21.31
N SER B 272 -44.43 -3.41 -21.97
CA SER B 272 -44.82 -4.81 -22.12
C SER B 272 -43.74 -5.81 -21.78
N ASN B 273 -42.50 -5.39 -21.57
CA ASN B 273 -41.41 -6.32 -21.31
C ASN B 273 -41.28 -6.67 -19.83
N MET B 274 -42.18 -6.20 -18.96
CA MET B 274 -41.94 -6.32 -17.52
C MET B 274 -42.75 -7.46 -16.91
N LEU B 275 -42.50 -7.71 -15.63
CA LEU B 275 -43.03 -8.84 -14.90
C LEU B 275 -43.78 -8.31 -13.69
N LEU B 276 -44.97 -8.84 -13.46
CA LEU B 276 -45.82 -8.43 -12.34
C LEU B 276 -45.89 -9.56 -11.33
N GLU B 277 -45.31 -9.33 -10.15
CA GLU B 277 -45.28 -10.30 -9.07
C GLU B 277 -46.40 -10.00 -8.10
N ILE B 278 -47.19 -11.01 -7.77
CA ILE B 278 -48.26 -10.88 -6.79
C ILE B 278 -48.29 -12.18 -6.01
N GLY B 279 -48.20 -12.09 -4.68
CA GLY B 279 -48.25 -13.25 -3.83
C GLY B 279 -47.20 -14.30 -4.16
N GLY B 280 -46.16 -13.88 -4.88
CA GLY B 280 -45.14 -14.80 -5.31
C GLY B 280 -45.44 -15.47 -6.62
N LEU B 281 -46.57 -15.12 -7.24
CA LEU B 281 -46.90 -15.57 -8.58
C LEU B 281 -46.35 -14.57 -9.59
N GLU B 282 -45.73 -15.06 -10.65
CA GLU B 282 -45.12 -14.19 -11.63
C GLU B 282 -45.98 -14.13 -12.88
N PHE B 283 -46.42 -12.92 -13.26
CA PHE B 283 -47.11 -12.71 -14.53
C PHE B 283 -46.11 -12.09 -15.50
N SER B 284 -45.52 -12.95 -16.35
CA SER B 284 -44.48 -12.56 -17.29
C SER B 284 -45.02 -11.79 -18.49
N ALA B 285 -46.35 -11.71 -18.67
CA ALA B 285 -46.89 -10.87 -19.73
C ALA B 285 -48.02 -10.02 -19.15
N CYS B 286 -47.72 -8.75 -18.89
CA CYS B 286 -48.69 -7.88 -18.24
C CYS B 286 -48.66 -6.48 -18.81
N PRO B 287 -48.85 -6.28 -20.12
CA PRO B 287 -48.66 -4.94 -20.68
C PRO B 287 -49.55 -3.92 -20.00
N PHE B 288 -48.95 -2.76 -19.66
CA PHE B 288 -49.72 -1.69 -19.03
C PHE B 288 -49.43 -0.38 -19.74
N SER B 289 -50.47 0.45 -19.82
CA SER B 289 -50.41 1.72 -20.51
C SER B 289 -50.99 2.83 -19.63
N GLY B 290 -50.50 4.04 -19.89
CA GLY B 290 -50.99 5.24 -19.24
C GLY B 290 -51.01 6.36 -20.25
N TRP B 291 -50.49 7.51 -19.88
CA TRP B 291 -50.30 8.57 -20.84
C TRP B 291 -48.92 9.19 -20.61
N TYR B 292 -48.50 9.98 -21.59
CA TYR B 292 -47.11 10.40 -21.68
C TYR B 292 -46.84 11.64 -20.85
N MET B 293 -45.68 11.64 -20.19
CA MET B 293 -45.04 12.90 -19.85
C MET B 293 -44.28 13.41 -21.08
N GLY B 294 -44.39 14.70 -21.34
CA GLY B 294 -43.86 15.25 -22.58
C GLY B 294 -42.36 15.04 -22.76
N THR B 295 -41.61 14.98 -21.66
CA THR B 295 -40.16 14.83 -21.75
C THR B 295 -39.72 13.43 -22.11
N GLU B 296 -40.61 12.44 -21.97
CA GLU B 296 -40.27 11.10 -22.45
C GLU B 296 -40.07 11.12 -23.97
N ILE B 297 -40.96 11.80 -24.69
CA ILE B 297 -40.81 11.92 -26.14
C ILE B 297 -39.85 13.04 -26.48
N GLY B 298 -40.07 14.21 -25.85
CA GLY B 298 -39.40 15.43 -26.27
C GLY B 298 -37.91 15.42 -26.00
N VAL B 299 -37.49 14.76 -24.93
CA VAL B 299 -36.10 14.76 -24.48
C VAL B 299 -35.39 13.46 -24.83
N ARG B 300 -35.99 12.33 -24.44
CA ARG B 300 -35.39 11.01 -24.54
C ARG B 300 -35.66 10.32 -25.88
N ASP B 301 -36.90 10.37 -26.38
CA ASP B 301 -37.21 9.71 -27.64
C ASP B 301 -36.61 10.50 -28.81
N TYR B 302 -36.66 11.82 -28.76
CA TYR B 302 -36.19 12.67 -29.86
C TYR B 302 -34.75 13.13 -29.75
N CYS B 303 -34.21 13.34 -28.54
CA CYS B 303 -32.95 14.07 -28.36
C CYS B 303 -31.80 13.26 -27.79
N ASP B 304 -32.04 12.06 -27.25
CA ASP B 304 -30.95 11.16 -26.92
C ASP B 304 -30.11 10.87 -28.15
N ASN B 305 -28.79 10.80 -27.95
CA ASN B 305 -27.88 10.53 -29.07
C ASN B 305 -28.06 9.12 -29.63
N SER B 306 -28.53 8.18 -28.81
CA SER B 306 -28.82 6.82 -29.24
C SER B 306 -30.26 6.65 -29.73
N ARG B 307 -30.95 7.75 -30.04
CA ARG B 307 -32.33 7.73 -30.51
C ARG B 307 -32.50 8.56 -31.78
N TYR B 308 -33.58 9.33 -31.86
CA TYR B 308 -33.91 10.03 -33.10
C TYR B 308 -33.00 11.23 -33.35
N ASN B 309 -32.44 11.82 -32.30
CA ASN B 309 -31.29 12.75 -32.36
C ASN B 309 -31.49 13.88 -33.37
N ILE B 310 -32.55 14.66 -33.14
CA ILE B 310 -32.93 15.75 -34.06
C ILE B 310 -32.43 17.06 -33.50
N LEU B 311 -31.61 16.98 -32.45
CA LEU B 311 -31.11 18.19 -31.81
C LEU B 311 -30.33 19.04 -32.81
N GLU B 312 -29.33 18.46 -33.49
CA GLU B 312 -28.59 19.25 -34.48
C GLU B 312 -29.51 19.75 -35.57
N GLU B 313 -30.41 18.89 -36.06
CA GLU B 313 -31.38 19.31 -37.05
C GLU B 313 -32.18 20.51 -36.56
N VAL B 314 -32.71 20.42 -35.33
CA VAL B 314 -33.59 21.48 -34.86
C VAL B 314 -32.80 22.76 -34.59
N ALA B 315 -31.58 22.62 -34.06
CA ALA B 315 -30.72 23.77 -33.80
C ALA B 315 -30.21 24.40 -35.09
N LYS B 316 -30.04 23.58 -36.13
CA LYS B 316 -29.63 24.11 -37.44
C LYS B 316 -30.66 25.10 -37.96
N LYS B 317 -31.94 24.73 -37.87
CA LYS B 317 -33.05 25.60 -38.30
C LYS B 317 -33.33 26.72 -37.32
N MET B 318 -32.76 26.68 -36.12
CA MET B 318 -32.87 27.78 -35.19
C MET B 318 -31.69 28.75 -35.29
N ASN B 319 -30.90 28.65 -36.35
CA ASN B 319 -29.69 29.47 -36.56
C ASN B 319 -28.90 29.64 -35.26
N LEU B 320 -28.63 28.51 -34.62
CA LEU B 320 -27.89 28.51 -33.37
C LEU B 320 -26.42 28.34 -33.64
N ASP B 321 -25.61 28.91 -32.75
CA ASP B 321 -24.17 28.74 -32.84
C ASP B 321 -23.86 27.36 -32.27
N MET B 322 -23.44 26.44 -33.14
CA MET B 322 -23.15 25.08 -32.77
C MET B 322 -21.65 24.80 -32.68
N ARG B 323 -20.83 25.85 -32.80
CA ARG B 323 -19.40 25.76 -32.51
C ARG B 323 -19.16 25.48 -31.03
N LYS B 324 -19.36 26.49 -30.18
CA LYS B 324 -19.12 26.34 -28.75
C LYS B 324 -20.33 25.70 -28.08
N THR B 325 -20.09 24.68 -27.25
CA THR B 325 -21.17 24.12 -26.45
C THR B 325 -21.73 25.15 -25.47
N SER B 326 -20.89 26.07 -25.01
CA SER B 326 -21.29 27.05 -24.00
C SER B 326 -22.34 28.02 -24.52
N SER B 327 -22.56 28.07 -25.84
CA SER B 327 -23.71 28.78 -26.37
C SER B 327 -25.02 28.12 -25.95
N LEU B 328 -24.95 26.90 -25.42
CA LEU B 328 -26.11 26.13 -24.97
C LEU B 328 -27.13 25.94 -26.08
N TRP B 329 -26.65 25.62 -27.29
CA TRP B 329 -27.59 25.35 -28.37
C TRP B 329 -28.40 24.08 -28.07
N LYS B 330 -27.73 22.99 -27.69
CA LYS B 330 -28.40 21.76 -27.29
C LYS B 330 -29.53 22.03 -26.30
N ASP B 331 -29.25 22.82 -25.25
CA ASP B 331 -30.28 23.10 -24.25
C ASP B 331 -31.42 23.90 -24.86
N GLN B 332 -31.09 24.94 -25.63
CA GLN B 332 -32.11 25.78 -26.27
C GLN B 332 -32.99 24.95 -27.20
N ALA B 333 -32.36 24.09 -28.00
CA ALA B 333 -33.10 23.29 -28.97
C ALA B 333 -33.94 22.24 -28.25
N LEU B 334 -33.47 21.78 -27.09
CA LEU B 334 -34.21 20.79 -26.33
C LEU B 334 -35.53 21.36 -25.80
N VAL B 335 -35.50 22.61 -25.31
CA VAL B 335 -36.73 23.22 -24.82
C VAL B 335 -37.77 23.32 -25.94
N GLU B 336 -37.37 23.91 -27.07
CA GLU B 336 -38.31 24.14 -28.16
C GLU B 336 -38.96 22.85 -28.63
N ILE B 337 -38.16 21.78 -28.77
CA ILE B 337 -38.69 20.47 -29.12
C ILE B 337 -39.73 20.01 -28.11
N ASN B 338 -39.55 20.34 -26.84
CA ASN B 338 -40.49 19.91 -25.81
C ASN B 338 -41.72 20.81 -25.73
N ILE B 339 -41.59 22.07 -26.12
CA ILE B 339 -42.77 22.91 -26.31
C ILE B 339 -43.63 22.32 -27.41
N ALA B 340 -43.00 21.89 -28.51
CA ALA B 340 -43.72 21.41 -29.68
C ALA B 340 -44.45 20.11 -29.35
N VAL B 341 -43.75 19.20 -28.69
CA VAL B 341 -44.36 17.93 -28.29
C VAL B 341 -45.64 18.18 -27.50
N LEU B 342 -45.56 19.03 -26.48
CA LEU B 342 -46.73 19.32 -25.66
C LEU B 342 -47.83 20.00 -26.48
N TYR B 343 -47.49 21.08 -27.18
CA TYR B 343 -48.46 21.80 -27.99
C TYR B 343 -49.16 20.90 -28.99
N SER B 344 -48.46 19.88 -29.49
CA SER B 344 -49.00 19.03 -30.54
C SER B 344 -50.05 18.08 -29.98
N PHE B 345 -49.72 17.41 -28.88
CA PHE B 345 -50.69 16.56 -28.21
C PHE B 345 -51.89 17.35 -27.72
N GLN B 346 -51.64 18.51 -27.11
CA GLN B 346 -52.75 19.32 -26.62
C GLN B 346 -53.63 19.79 -27.77
N SER B 347 -53.03 20.20 -28.88
CA SER B 347 -53.84 20.66 -30.02
C SER B 347 -54.72 19.54 -30.56
N ASP B 348 -54.20 18.32 -30.63
CA ASP B 348 -54.97 17.17 -31.13
C ASP B 348 -55.75 16.47 -30.02
N LYS B 349 -55.97 17.15 -28.89
CA LYS B 349 -56.69 16.62 -27.73
C LYS B 349 -56.34 15.15 -27.42
N VAL B 350 -55.05 14.84 -27.51
CA VAL B 350 -54.46 13.62 -26.98
C VAL B 350 -53.81 13.92 -25.63
N THR B 351 -54.23 13.19 -24.59
CA THR B 351 -53.76 13.39 -23.24
C THR B 351 -52.23 13.36 -23.18
N ILE B 352 -51.65 14.37 -22.52
CA ILE B 352 -50.22 14.42 -22.21
C ILE B 352 -49.99 15.28 -20.96
N VAL B 353 -48.88 15.07 -20.26
CA VAL B 353 -48.58 15.86 -19.07
C VAL B 353 -47.16 16.43 -19.17
N ASP B 354 -47.03 17.74 -18.94
CA ASP B 354 -45.71 18.36 -18.93
C ASP B 354 -44.98 17.99 -17.64
N HIS B 355 -43.66 18.11 -17.66
CA HIS B 355 -42.88 17.64 -16.51
C HIS B 355 -43.15 18.47 -15.27
N HIS B 356 -43.48 19.75 -15.43
CA HIS B 356 -43.77 20.57 -14.24
C HIS B 356 -45.01 20.07 -13.54
N SER B 357 -46.12 19.93 -14.28
CA SER B 357 -47.37 19.48 -13.70
C SER B 357 -47.24 18.07 -13.12
N ALA B 358 -46.53 17.19 -13.81
CA ALA B 358 -46.40 15.80 -13.37
C ALA B 358 -45.65 15.70 -12.05
N THR B 359 -44.58 16.48 -11.89
CA THR B 359 -43.81 16.43 -10.64
C THR B 359 -44.56 17.11 -9.51
N GLU B 360 -45.13 18.30 -9.79
CA GLU B 360 -46.00 18.96 -8.82
C GLU B 360 -47.08 18.01 -8.31
N SER B 361 -47.62 17.18 -9.21
CA SER B 361 -48.62 16.22 -8.76
CA SER B 361 -48.62 16.20 -8.80
C SER B 361 -47.98 15.05 -8.03
N PHE B 362 -46.74 14.68 -8.41
CA PHE B 362 -46.09 13.61 -7.66
C PHE B 362 -45.73 14.05 -6.24
N ILE B 363 -45.39 15.32 -6.01
CA ILE B 363 -45.13 15.75 -4.63
C ILE B 363 -46.42 15.65 -3.80
N LYS B 364 -47.54 16.10 -4.34
CA LYS B 364 -48.81 15.96 -3.62
C LYS B 364 -49.10 14.49 -3.31
N HIS B 365 -49.04 13.64 -4.32
CA HIS B 365 -49.25 12.21 -4.11
C HIS B 365 -48.34 11.66 -3.03
N MET B 366 -47.05 12.04 -3.06
CA MET B 366 -46.11 11.51 -2.08
C MET B 366 -46.45 11.97 -0.68
N GLU B 367 -46.81 13.24 -0.50
CA GLU B 367 -47.23 13.70 0.82
C GLU B 367 -48.46 12.94 1.29
N ASN B 368 -49.44 12.75 0.41
CA ASN B 368 -50.65 12.03 0.81
C ASN B 368 -50.33 10.58 1.14
N GLU B 369 -49.39 9.98 0.40
CA GLU B 369 -49.04 8.57 0.66
C GLU B 369 -48.31 8.41 1.98
N TYR B 370 -47.47 9.38 2.38
CA TYR B 370 -46.88 9.28 3.71
C TYR B 370 -47.96 9.38 4.77
N ARG B 371 -48.98 10.19 4.51
CA ARG B 371 -50.02 10.45 5.51
C ARG B 371 -50.89 9.22 5.74
N CYS B 372 -51.33 8.58 4.68
CA CYS B 372 -52.26 7.47 4.88
C CYS B 372 -51.60 6.10 4.84
N ARG B 373 -50.39 6.00 4.28
CA ARG B 373 -49.75 4.72 4.06
C ARG B 373 -48.43 4.55 4.81
N GLY B 374 -47.83 5.62 5.31
CA GLY B 374 -46.61 5.48 6.06
C GLY B 374 -45.37 5.73 5.24
N GLY B 375 -45.53 6.06 3.97
CA GLY B 375 -44.41 6.40 3.13
C GLY B 375 -44.75 6.11 1.68
N CYS B 376 -43.76 6.35 0.86
CA CYS B 376 -43.93 6.14 -0.57
C CYS B 376 -42.56 5.90 -1.18
N PRO B 377 -42.21 4.66 -1.52
CA PRO B 377 -40.91 4.42 -2.13
C PRO B 377 -40.76 5.23 -3.42
N ALA B 378 -39.57 5.74 -3.67
CA ALA B 378 -39.39 6.69 -4.76
C ALA B 378 -37.95 6.70 -5.20
N ASP B 379 -37.72 6.63 -6.51
CA ASP B 379 -36.39 6.54 -7.09
C ASP B 379 -36.07 7.92 -7.65
N TRP B 380 -35.38 8.73 -6.83
CA TRP B 380 -35.08 10.10 -7.23
C TRP B 380 -34.39 10.15 -8.58
N VAL B 381 -33.46 9.22 -8.82
CA VAL B 381 -32.80 9.16 -10.13
C VAL B 381 -33.80 9.00 -11.27
N TRP B 382 -34.92 8.34 -11.03
CA TRP B 382 -35.90 8.19 -12.10
C TRP B 382 -37.01 9.20 -12.03
N ILE B 383 -37.29 9.74 -10.84
CA ILE B 383 -38.43 10.64 -10.69
C ILE B 383 -38.11 12.01 -11.28
N VAL B 384 -36.92 12.52 -10.99
CA VAL B 384 -36.54 13.84 -11.52
C VAL B 384 -36.59 13.79 -13.04
N PRO B 385 -37.30 14.71 -13.68
CA PRO B 385 -37.35 14.74 -15.13
C PRO B 385 -35.97 14.86 -15.72
N PRO B 386 -35.79 14.40 -16.97
CA PRO B 386 -34.47 14.48 -17.62
C PRO B 386 -34.10 15.86 -18.14
N MET B 387 -34.93 16.88 -17.93
CA MET B 387 -34.55 18.24 -18.29
C MET B 387 -35.10 19.18 -17.24
N SER B 388 -34.40 20.30 -17.03
CA SER B 388 -34.87 21.34 -16.11
C SER B 388 -35.04 20.80 -14.68
N GLY B 389 -34.17 19.88 -14.29
CA GLY B 389 -34.35 19.15 -13.06
C GLY B 389 -34.62 20.01 -11.86
N SER B 390 -33.75 21.00 -11.59
CA SER B 390 -33.84 21.70 -10.33
C SER B 390 -35.03 22.64 -10.27
N ILE B 391 -35.64 22.95 -11.39
CA ILE B 391 -36.78 23.87 -11.32
C ILE B 391 -38.09 23.10 -11.18
N THR B 392 -37.99 21.78 -10.97
CA THR B 392 -39.18 21.03 -10.61
C THR B 392 -39.10 20.65 -9.15
N PRO B 393 -40.24 20.48 -8.46
CA PRO B 393 -40.20 20.28 -7.00
C PRO B 393 -39.65 18.94 -6.57
N VAL B 394 -39.57 17.93 -7.45
CA VAL B 394 -39.07 16.64 -6.97
C VAL B 394 -37.56 16.68 -6.71
N PHE B 395 -36.84 17.51 -7.47
CA PHE B 395 -35.40 17.68 -7.31
C PHE B 395 -34.98 17.99 -5.86
N HIS B 396 -35.75 18.84 -5.18
CA HIS B 396 -35.43 19.23 -3.80
C HIS B 396 -36.06 18.32 -2.76
N GLN B 397 -36.72 17.24 -3.21
CA GLN B 397 -37.43 16.31 -2.36
C GLN B 397 -36.58 15.07 -2.13
N GLU B 398 -36.14 14.88 -0.90
CA GLU B 398 -35.54 13.61 -0.52
C GLU B 398 -36.57 12.49 -0.62
N MET B 399 -36.10 11.31 -1.04
CA MET B 399 -36.95 10.14 -1.24
C MET B 399 -36.22 8.90 -0.75
N LEU B 400 -36.98 7.99 -0.15
CA LEU B 400 -36.46 6.69 0.26
C LEU B 400 -36.85 5.63 -0.76
N ASN B 401 -35.89 4.78 -1.12
CA ASN B 401 -36.15 3.72 -2.09
C ASN B 401 -36.08 2.36 -1.41
N TYR B 402 -37.20 1.64 -1.47
CA TYR B 402 -37.28 0.26 -1.00
C TYR B 402 -38.19 -0.48 -1.96
N ARG B 403 -38.20 -1.81 -1.84
CA ARG B 403 -38.97 -2.65 -2.75
C ARG B 403 -40.17 -3.18 -1.97
N LEU B 404 -41.34 -2.63 -2.25
CA LEU B 404 -42.58 -3.21 -1.76
C LEU B 404 -43.13 -4.15 -2.81
N THR B 405 -43.76 -5.22 -2.35
CA THR B 405 -44.46 -6.17 -3.21
C THR B 405 -45.97 -6.14 -2.90
N PRO B 406 -46.86 -6.29 -3.89
CA PRO B 406 -46.67 -6.58 -5.32
C PRO B 406 -45.79 -5.59 -6.05
N SER B 407 -45.02 -6.06 -7.01
CA SER B 407 -44.15 -5.17 -7.74
C SER B 407 -44.16 -5.49 -9.23
N PHE B 408 -43.78 -4.49 -10.02
CA PHE B 408 -43.31 -4.73 -11.37
C PHE B 408 -41.81 -4.96 -11.31
N GLU B 409 -41.37 -5.96 -12.08
CA GLU B 409 -39.98 -6.40 -12.09
C GLU B 409 -39.50 -6.48 -13.53
N TYR B 410 -38.20 -6.22 -13.70
CA TYR B 410 -37.57 -6.47 -14.97
C TYR B 410 -37.38 -7.97 -15.18
N GLN B 411 -37.37 -8.39 -16.43
CA GLN B 411 -37.02 -9.79 -16.70
C GLN B 411 -36.09 -9.86 -17.91
N PRO B 412 -35.48 -11.01 -18.14
CA PRO B 412 -34.62 -11.12 -19.33
C PRO B 412 -35.42 -10.98 -20.62
N ASP B 413 -34.73 -10.52 -21.66
CA ASP B 413 -35.33 -10.46 -22.98
C ASP B 413 -35.67 -11.87 -23.45
N PRO B 414 -36.84 -12.09 -24.04
CA PRO B 414 -37.24 -13.47 -24.39
C PRO B 414 -36.30 -14.09 -25.40
N TRP B 415 -35.68 -13.31 -26.27
CA TRP B 415 -34.81 -13.93 -27.26
C TRP B 415 -33.50 -14.42 -26.64
N ASN B 416 -33.19 -13.99 -25.42
CA ASN B 416 -32.03 -14.54 -24.72
C ASN B 416 -32.35 -15.84 -24.00
N THR B 417 -33.62 -16.12 -23.74
CA THR B 417 -34.04 -17.31 -23.01
C THR B 417 -34.66 -18.40 -23.90
N HIS B 418 -35.49 -18.02 -24.87
CA HIS B 418 -36.38 -18.96 -25.54
C HIS B 418 -35.63 -19.97 -26.37
N VAL B 419 -36.04 -21.23 -26.27
CA VAL B 419 -35.47 -22.32 -27.07
C VAL B 419 -36.48 -22.67 -28.16
N TRP B 420 -36.12 -22.34 -29.40
CA TRP B 420 -37.04 -22.48 -30.53
C TRP B 420 -37.35 -23.95 -30.83
N LYS B 421 -38.53 -24.19 -31.39
CA LYS B 421 -38.95 -25.56 -31.68
C LYS B 421 -39.24 -25.81 -33.17
N PHE C 4 28.36 2.59 -10.37
CA PHE C 4 29.44 1.62 -10.19
C PHE C 4 29.92 1.49 -8.73
N LEU C 5 30.15 0.25 -8.28
CA LEU C 5 30.64 -0.07 -6.93
C LEU C 5 31.56 -1.29 -7.02
N LYS C 6 32.74 -1.21 -6.42
CA LYS C 6 33.72 -2.28 -6.54
C LYS C 6 33.80 -3.07 -5.24
N VAL C 7 33.97 -4.39 -5.35
CA VAL C 7 34.29 -5.26 -4.23
C VAL C 7 35.61 -5.95 -4.55
N LYS C 8 36.44 -6.13 -3.51
CA LYS C 8 37.80 -6.65 -3.68
C LYS C 8 37.97 -7.89 -2.83
N ASN C 9 38.69 -8.88 -3.37
CA ASN C 9 39.09 -10.06 -2.61
C ASN C 9 40.50 -9.83 -2.10
N TRP C 10 40.67 -9.91 -0.79
CA TRP C 10 41.95 -9.57 -0.18
C TRP C 10 42.94 -10.73 -0.18
N GLU C 11 42.58 -11.87 -0.75
CA GLU C 11 43.51 -12.97 -0.91
C GLU C 11 43.93 -13.17 -2.36
N THR C 12 43.19 -12.63 -3.33
CA THR C 12 43.58 -12.72 -4.72
C THR C 12 43.68 -11.35 -5.39
N GLU C 13 43.36 -10.28 -4.67
CA GLU C 13 43.33 -8.92 -5.22
C GLU C 13 42.41 -8.80 -6.43
N VAL C 14 41.46 -9.71 -6.62
CA VAL C 14 40.47 -9.56 -7.68
C VAL C 14 39.46 -8.48 -7.29
N VAL C 15 39.18 -7.56 -8.20
CA VAL C 15 38.14 -6.56 -8.03
C VAL C 15 37.00 -6.84 -9.00
N LEU C 16 35.77 -6.91 -8.48
CA LEU C 16 34.56 -6.97 -9.29
C LEU C 16 33.82 -5.66 -9.19
N THR C 17 33.17 -5.28 -10.29
CA THR C 17 32.41 -4.04 -10.38
C THR C 17 30.94 -4.37 -10.37
N ASP C 18 30.19 -3.75 -9.47
CA ASP C 18 28.78 -4.06 -9.29
C ASP C 18 27.92 -2.94 -9.83
N THR C 19 26.99 -3.28 -10.73
CA THR C 19 25.90 -2.40 -11.13
C THR C 19 24.52 -3.01 -10.93
N LEU C 20 24.45 -4.32 -10.71
CA LEU C 20 23.15 -4.95 -10.45
C LEU C 20 22.43 -4.25 -9.31
N HIS C 21 23.17 -3.70 -8.35
CA HIS C 21 22.56 -3.05 -7.19
C HIS C 21 21.66 -1.88 -7.56
N LEU C 22 21.85 -1.26 -8.73
CA LEU C 22 20.97 -0.16 -9.07
C LEU C 22 19.56 -0.61 -9.42
N LYS C 23 19.30 -1.93 -9.43
CA LYS C 23 17.97 -2.49 -9.54
C LYS C 23 17.48 -3.07 -8.23
N SER C 24 18.08 -2.66 -7.11
CA SER C 24 17.62 -3.15 -5.83
C SER C 24 16.29 -2.50 -5.49
N THR C 25 15.41 -3.26 -4.84
CA THR C 25 14.03 -2.86 -4.74
C THR C 25 13.73 -2.13 -3.44
N LEU C 26 13.66 -2.83 -2.31
CA LEU C 26 13.35 -2.14 -1.06
C LEU C 26 14.56 -2.18 -0.12
N GLU C 27 14.37 -1.59 1.06
CA GLU C 27 15.48 -1.19 1.93
C GLU C 27 16.20 -2.40 2.55
N THR C 28 17.50 -2.20 2.85
CA THR C 28 18.28 -3.22 3.55
C THR C 28 18.18 -3.08 5.06
N GLY C 29 17.69 -1.95 5.56
CA GLY C 29 17.69 -1.65 6.96
C GLY C 29 18.85 -0.78 7.37
N CYS C 30 19.93 -0.81 6.60
CA CYS C 30 21.04 0.10 6.83
C CYS C 30 20.68 1.52 6.45
N THR C 31 21.41 2.48 7.01
CA THR C 31 21.37 3.86 6.56
C THR C 31 22.79 4.38 6.43
N GLU C 32 22.89 5.58 5.87
CA GLU C 32 24.16 6.29 5.82
C GLU C 32 24.86 6.31 7.18
N TYR C 33 24.08 6.28 8.27
CA TYR C 33 24.58 6.42 9.63
C TYR C 33 24.61 5.14 10.42
N ILE C 34 24.00 4.06 9.95
CA ILE C 34 23.97 2.86 10.77
C ILE C 34 23.84 1.63 9.87
N CYS C 35 24.67 0.64 10.12
CA CYS C 35 24.65 -0.60 9.37
C CYS C 35 24.07 -1.69 10.25
N MET C 36 23.18 -2.50 9.65
CA MET C 36 22.46 -3.57 10.32
C MET C 36 22.81 -4.94 9.78
N GLY C 37 23.93 -5.04 9.09
CA GLY C 37 24.31 -6.25 8.38
C GLY C 37 24.36 -7.50 9.23
N SER C 38 24.34 -7.37 10.55
CA SER C 38 24.28 -8.53 11.42
C SER C 38 22.90 -8.74 12.02
N ILE C 39 21.98 -7.82 11.80
CA ILE C 39 20.58 -8.03 12.22
C ILE C 39 19.95 -9.11 11.36
N MET C 40 19.23 -10.03 12.02
CA MET C 40 18.58 -11.11 11.29
C MET C 40 17.38 -10.59 10.50
N HIS C 41 16.53 -9.79 11.14
CA HIS C 41 15.32 -9.24 10.55
C HIS C 41 15.36 -7.71 10.64
N PRO C 42 16.09 -7.06 9.77
CA PRO C 42 15.92 -5.62 9.56
C PRO C 42 14.70 -5.41 8.65
N SER C 43 14.32 -4.13 8.50
CA SER C 43 13.23 -3.65 7.62
C SER C 43 11.89 -4.38 7.72
N GLN C 44 10.82 -3.61 7.88
CA GLN C 44 9.42 -4.07 7.80
C GLN C 44 9.14 -5.39 8.52
N ASP C 51 -3.50 -6.76 3.84
CA ASP C 51 -2.52 -6.24 2.88
C ASP C 51 -2.86 -6.65 1.46
N VAL C 52 -4.12 -7.05 1.24
CA VAL C 52 -4.59 -7.28 -0.12
C VAL C 52 -4.65 -5.92 -0.81
N ALA C 53 -3.93 -5.79 -1.91
CA ALA C 53 -3.70 -4.47 -2.48
C ALA C 53 -4.93 -3.97 -3.22
N THR C 54 -5.04 -2.66 -3.32
CA THR C 54 -5.83 -2.09 -4.40
C THR C 54 -5.06 -2.31 -5.72
N LYS C 55 -5.71 -1.99 -6.84
CA LYS C 55 -5.06 -2.14 -8.13
C LYS C 55 -3.75 -1.33 -8.21
N ASP C 56 -3.76 -0.08 -7.76
CA ASP C 56 -2.55 0.73 -7.89
C ASP C 56 -1.41 0.21 -7.04
N GLN C 57 -1.71 -0.61 -6.03
CA GLN C 57 -0.66 -1.20 -5.20
C GLN C 57 -0.17 -2.54 -5.75
N LEU C 58 -1.02 -3.28 -6.45
CA LEU C 58 -0.56 -4.58 -6.96
C LEU C 58 -0.01 -4.47 -8.38
N PHE C 59 -0.72 -3.78 -9.27
CA PHE C 59 -0.34 -3.82 -10.68
C PHE C 59 1.10 -3.42 -10.96
N PRO C 60 1.61 -2.30 -10.43
CA PRO C 60 3.02 -1.96 -10.74
C PRO C 60 4.01 -3.02 -10.29
N LEU C 61 3.69 -3.76 -9.22
CA LEU C 61 4.56 -4.86 -8.81
C LEU C 61 4.49 -6.00 -9.83
N ALA C 62 3.28 -6.34 -10.28
CA ALA C 62 3.12 -7.31 -11.37
C ALA C 62 3.78 -6.82 -12.65
N LYS C 63 3.49 -5.57 -13.03
CA LYS C 63 4.04 -5.02 -14.27
C LYS C 63 5.56 -5.06 -14.27
N GLU C 64 6.19 -4.96 -13.11
CA GLU C 64 7.64 -5.03 -13.08
C GLU C 64 8.13 -6.44 -13.37
N PHE C 65 7.61 -7.43 -12.61
CA PHE C 65 8.09 -8.80 -12.78
C PHE C 65 7.85 -9.30 -14.20
N ILE C 66 6.65 -9.04 -14.76
CA ILE C 66 6.37 -9.45 -16.13
C ILE C 66 7.34 -8.77 -17.09
N ASP C 67 7.67 -7.50 -16.83
CA ASP C 67 8.66 -6.81 -17.65
C ASP C 67 10.01 -7.47 -17.52
N GLN C 68 10.41 -7.79 -16.29
CA GLN C 68 11.65 -8.50 -16.03
C GLN C 68 11.66 -9.90 -16.67
N TYR C 69 10.54 -10.63 -16.61
CA TYR C 69 10.51 -11.95 -17.25
C TYR C 69 10.62 -11.85 -18.77
N TYR C 70 9.92 -10.89 -19.38
CA TYR C 70 10.00 -10.80 -20.82
C TYR C 70 11.32 -10.24 -21.29
N SER C 71 12.02 -9.48 -20.44
CA SER C 71 13.38 -9.04 -20.78
C SER C 71 14.38 -10.18 -20.64
N SER C 72 14.19 -11.04 -19.64
CA SER C 72 15.08 -12.19 -19.49
C SER C 72 15.15 -13.03 -20.75
N ILE C 73 14.03 -13.14 -21.48
CA ILE C 73 13.86 -14.00 -22.63
C ILE C 73 13.94 -13.22 -23.94
N LYS C 74 14.29 -11.93 -23.87
CA LYS C 74 14.59 -11.08 -25.02
C LYS C 74 13.37 -10.68 -25.82
N ARG C 75 12.35 -10.13 -25.16
CA ARG C 75 11.25 -9.54 -25.89
C ARG C 75 10.59 -8.45 -25.05
N PHE C 76 11.36 -7.39 -24.81
CA PHE C 76 10.77 -6.12 -24.39
C PHE C 76 9.65 -5.74 -25.35
N GLY C 77 8.46 -5.50 -24.80
CA GLY C 77 7.38 -4.89 -25.56
C GLY C 77 6.88 -5.71 -26.72
N SER C 78 7.16 -7.01 -26.74
CA SER C 78 6.71 -7.88 -27.82
C SER C 78 5.20 -8.02 -27.78
N LYS C 79 4.66 -8.89 -28.64
CA LYS C 79 3.22 -9.07 -28.66
C LYS C 79 2.75 -9.77 -27.39
N ALA C 80 3.36 -10.88 -27.03
CA ALA C 80 2.93 -11.62 -25.85
C ALA C 80 3.15 -10.80 -24.59
N HIS C 81 4.26 -10.06 -24.53
CA HIS C 81 4.48 -9.17 -23.39
C HIS C 81 3.36 -8.16 -23.25
N MET C 82 2.91 -7.57 -24.37
CA MET C 82 1.88 -6.54 -24.28
C MET C 82 0.52 -7.12 -23.87
N GLU C 83 0.16 -8.29 -24.43
CA GLU C 83 -1.09 -8.93 -24.02
C GLU C 83 -1.03 -9.37 -22.56
N ARG C 84 0.14 -9.86 -22.14
CA ARG C 84 0.29 -10.34 -20.78
C ARG C 84 0.07 -9.23 -19.75
N LEU C 85 0.50 -8.00 -20.08
CA LEU C 85 0.19 -6.85 -19.24
C LEU C 85 -1.32 -6.58 -19.21
N GLU C 86 -1.94 -6.40 -20.38
CA GLU C 86 -3.38 -6.19 -20.38
C GLU C 86 -4.12 -7.38 -19.80
N GLU C 87 -3.54 -8.59 -19.85
CA GLU C 87 -4.19 -9.72 -19.21
C GLU C 87 -4.10 -9.60 -17.69
N VAL C 88 -2.88 -9.48 -17.16
CA VAL C 88 -2.71 -9.23 -15.74
C VAL C 88 -3.47 -7.98 -15.31
N ASN C 89 -3.59 -6.99 -16.20
CA ASN C 89 -4.40 -5.81 -15.89
C ASN C 89 -5.82 -6.20 -15.54
N LYS C 90 -6.59 -6.75 -16.50
CA LYS C 90 -8.00 -7.03 -16.26
C LYS C 90 -8.21 -8.16 -15.26
N GLU C 91 -7.22 -9.06 -15.12
CA GLU C 91 -7.27 -10.05 -14.05
C GLU C 91 -7.35 -9.37 -12.69
N ILE C 92 -6.43 -8.44 -12.43
CA ILE C 92 -6.48 -7.69 -11.18
C ILE C 92 -7.76 -6.87 -11.10
N ASP C 93 -8.21 -6.32 -12.24
CA ASP C 93 -9.48 -5.59 -12.24
C ASP C 93 -10.65 -6.42 -11.74
N THR C 94 -10.65 -7.72 -12.03
CA THR C 94 -11.79 -8.56 -11.71
C THR C 94 -11.59 -9.49 -10.51
N THR C 95 -10.38 -10.02 -10.30
CA THR C 95 -10.13 -10.93 -9.20
C THR C 95 -9.31 -10.31 -8.07
N SER C 96 -8.93 -9.04 -8.18
CA SER C 96 -8.05 -8.34 -7.25
C SER C 96 -6.69 -9.02 -7.11
N THR C 97 -6.35 -9.94 -8.00
CA THR C 97 -5.03 -10.58 -8.02
C THR C 97 -4.76 -11.01 -9.46
N TYR C 98 -3.83 -11.95 -9.64
CA TYR C 98 -3.60 -12.52 -10.96
C TYR C 98 -2.84 -13.83 -10.80
N GLN C 99 -2.80 -14.60 -11.88
CA GLN C 99 -2.24 -15.94 -11.86
C GLN C 99 -1.02 -15.99 -12.75
N LEU C 100 0.03 -16.64 -12.25
CA LEU C 100 1.28 -16.74 -12.99
C LEU C 100 1.22 -17.90 -13.98
N LYS C 101 1.67 -17.65 -15.20
CA LYS C 101 1.96 -18.71 -16.14
C LYS C 101 2.98 -19.69 -15.54
N ASP C 102 3.00 -20.90 -16.11
CA ASP C 102 3.94 -21.93 -15.69
C ASP C 102 5.37 -21.45 -15.83
N THR C 103 5.71 -20.92 -17.01
CA THR C 103 7.09 -20.49 -17.27
C THR C 103 7.51 -19.37 -16.31
N GLU C 104 6.63 -18.41 -16.06
CA GLU C 104 6.96 -17.30 -15.15
C GLU C 104 7.19 -17.81 -13.74
N LEU C 105 6.32 -18.73 -13.28
CA LEU C 105 6.47 -19.32 -11.95
C LEU C 105 7.81 -20.03 -11.82
N ILE C 106 8.25 -20.70 -12.89
CA ILE C 106 9.54 -21.36 -12.83
C ILE C 106 10.67 -20.35 -12.82
N TYR C 107 10.58 -19.34 -13.69
CA TYR C 107 11.55 -18.24 -13.65
C TYR C 107 11.60 -17.61 -12.26
N GLY C 108 10.43 -17.32 -11.69
CA GLY C 108 10.38 -16.64 -10.41
C GLY C 108 10.99 -17.44 -9.29
N ALA C 109 10.81 -18.75 -9.30
CA ALA C 109 11.40 -19.55 -8.23
C ALA C 109 12.92 -19.57 -8.38
N LYS C 110 13.40 -19.89 -9.59
CA LYS C 110 14.84 -19.94 -9.81
C LYS C 110 15.53 -18.63 -9.47
N HIS C 111 14.83 -17.51 -9.62
CA HIS C 111 15.42 -16.22 -9.36
C HIS C 111 15.27 -15.76 -7.92
N ALA C 112 14.24 -16.24 -7.21
CA ALA C 112 14.24 -16.03 -5.76
C ALA C 112 15.43 -16.73 -5.13
N TRP C 113 15.74 -17.95 -5.60
CA TRP C 113 16.96 -18.61 -5.18
C TRP C 113 18.20 -17.84 -5.64
N ARG C 114 18.25 -17.46 -6.92
CA ARG C 114 19.41 -16.73 -7.42
C ARG C 114 19.66 -15.45 -6.64
N ASN C 115 18.60 -14.82 -6.14
CA ASN C 115 18.71 -13.57 -5.42
C ASN C 115 18.87 -13.75 -3.93
N ALA C 116 18.86 -15.00 -3.44
CA ALA C 116 18.93 -15.26 -2.00
C ALA C 116 20.33 -14.92 -1.46
N SER C 117 20.46 -13.71 -0.92
CA SER C 117 21.79 -13.21 -0.55
CA SER C 117 21.76 -13.17 -0.50
C SER C 117 22.47 -14.10 0.48
N ARG C 118 21.71 -14.71 1.40
CA ARG C 118 22.32 -15.49 2.46
C ARG C 118 22.80 -16.88 2.05
N CYS C 119 22.61 -17.28 0.81
CA CYS C 119 22.75 -18.69 0.43
C CYS C 119 24.08 -18.91 -0.26
N VAL C 120 24.92 -19.75 0.37
CA VAL C 120 26.21 -20.12 -0.20
C VAL C 120 26.09 -21.13 -1.33
N GLY C 121 24.95 -21.80 -1.47
CA GLY C 121 24.81 -22.86 -2.45
C GLY C 121 24.33 -22.44 -3.82
N ARG C 122 24.17 -21.14 -4.08
CA ARG C 122 23.46 -20.63 -5.26
C ARG C 122 24.12 -20.87 -6.61
N ILE C 123 25.26 -21.56 -6.65
CA ILE C 123 25.80 -21.84 -7.98
C ILE C 123 24.91 -22.82 -8.75
N GLN C 124 23.93 -23.42 -8.09
CA GLN C 124 22.99 -24.34 -8.72
C GLN C 124 21.65 -23.69 -9.03
N TRP C 125 21.45 -22.44 -8.63
CA TRP C 125 20.17 -21.73 -8.70
C TRP C 125 19.34 -22.08 -9.94
N SER C 126 19.99 -22.24 -11.09
CA SER C 126 19.25 -22.49 -12.31
C SER C 126 18.85 -23.95 -12.51
N LYS C 127 19.42 -24.88 -11.72
CA LYS C 127 19.14 -26.30 -11.81
C LYS C 127 17.98 -26.73 -10.93
N LEU C 128 17.05 -25.82 -10.67
CA LEU C 128 15.99 -26.03 -9.69
C LEU C 128 14.81 -26.76 -10.30
N GLN C 129 14.30 -27.76 -9.59
CA GLN C 129 13.10 -28.46 -10.01
C GLN C 129 11.88 -27.85 -9.29
N VAL C 130 10.90 -27.42 -10.08
CA VAL C 130 9.75 -26.67 -9.58
C VAL C 130 8.50 -27.54 -9.73
N PHE C 131 7.75 -27.67 -8.65
CA PHE C 131 6.54 -28.49 -8.55
C PHE C 131 5.38 -27.54 -8.32
N ASP C 132 4.65 -27.27 -9.38
CA ASP C 132 3.41 -26.52 -9.31
C ASP C 132 2.43 -27.29 -8.43
N ALA C 133 2.11 -26.78 -7.26
CA ALA C 133 1.03 -27.35 -6.48
C ALA C 133 -0.05 -26.31 -6.28
N ARG C 134 -0.14 -25.36 -7.22
CA ARG C 134 -1.13 -24.30 -7.12
C ARG C 134 -2.58 -24.79 -7.24
N ASP C 135 -2.80 -26.05 -7.63
CA ASP C 135 -4.14 -26.64 -7.65
C ASP C 135 -4.48 -27.32 -6.34
N CYS C 136 -3.56 -27.34 -5.37
CA CYS C 136 -3.84 -27.97 -4.10
C CYS C 136 -5.00 -27.25 -3.41
N THR C 137 -5.80 -28.00 -2.66
CA THR C 137 -6.89 -27.38 -1.89
C THR C 137 -7.04 -27.90 -0.47
N THR C 138 -6.48 -29.05 -0.12
CA THR C 138 -6.56 -29.57 1.24
C THR C 138 -5.18 -29.80 1.85
N ALA C 139 -5.19 -29.96 3.17
CA ALA C 139 -4.01 -30.41 3.89
C ALA C 139 -3.58 -31.80 3.44
N HIS C 140 -4.55 -32.66 3.12
CA HIS C 140 -4.22 -33.99 2.61
C HIS C 140 -3.47 -33.90 1.29
N GLY C 141 -3.98 -33.12 0.34
CA GLY C 141 -3.21 -32.88 -0.88
C GLY C 141 -1.84 -32.28 -0.60
N MET C 142 -1.75 -31.33 0.33
CA MET C 142 -0.43 -30.78 0.67
C MET C 142 0.51 -31.91 1.09
N PHE C 143 0.00 -32.89 1.83
CA PHE C 143 0.85 -33.96 2.32
C PHE C 143 1.31 -34.86 1.17
N ASN C 144 0.48 -35.01 0.14
CA ASN C 144 0.86 -35.82 -1.01
C ASN C 144 1.88 -35.09 -1.88
N TYR C 145 1.65 -33.81 -2.16
CA TYR C 145 2.69 -33.01 -2.81
C TYR C 145 4.01 -33.04 -2.03
N ILE C 146 3.95 -32.89 -0.71
CA ILE C 146 5.19 -32.84 0.06
C ILE C 146 5.84 -34.21 0.10
N CYS C 147 5.03 -35.27 0.19
CA CYS C 147 5.62 -36.60 0.14
C CYS C 147 6.35 -36.82 -1.19
N ASN C 148 5.79 -36.33 -2.29
CA ASN C 148 6.44 -36.53 -3.59
C ASN C 148 7.69 -35.68 -3.71
N HIS C 149 7.65 -34.46 -3.16
CA HIS C 149 8.81 -33.61 -3.08
C HIS C 149 9.97 -34.33 -2.39
N VAL C 150 9.71 -34.83 -1.18
CA VAL C 150 10.73 -35.49 -0.37
C VAL C 150 11.34 -36.68 -1.10
N LYS C 151 10.50 -37.45 -1.81
CA LYS C 151 10.96 -38.65 -2.52
C LYS C 151 11.75 -38.27 -3.76
N TYR C 152 11.24 -37.33 -4.54
CA TYR C 152 12.02 -36.82 -5.67
C TYR C 152 13.36 -36.25 -5.21
N ALA C 153 13.32 -35.35 -4.21
CA ALA C 153 14.54 -34.65 -3.79
C ALA C 153 15.55 -35.61 -3.18
N THR C 154 15.09 -36.56 -2.34
CA THR C 154 16.02 -37.50 -1.71
C THR C 154 16.67 -38.42 -2.73
N ASN C 155 15.89 -38.91 -3.71
CA ASN C 155 16.45 -39.67 -4.83
C ASN C 155 17.52 -40.66 -4.38
N LYS C 156 17.26 -41.41 -3.30
CA LYS C 156 18.12 -42.52 -2.87
C LYS C 156 19.53 -42.07 -2.56
N GLY C 157 19.67 -40.92 -1.88
CA GLY C 157 20.94 -40.35 -1.51
C GLY C 157 21.45 -39.29 -2.47
N ASN C 158 21.18 -39.45 -3.77
CA ASN C 158 21.64 -38.52 -4.81
C ASN C 158 20.68 -37.32 -4.86
N LEU C 159 20.84 -36.42 -3.90
CA LEU C 159 19.89 -35.35 -3.68
C LEU C 159 19.81 -34.42 -4.88
N ARG C 160 18.62 -33.84 -5.06
CA ARG C 160 18.33 -32.90 -6.13
C ARG C 160 17.51 -31.75 -5.57
N SER C 161 17.79 -30.54 -6.02
CA SER C 161 17.12 -29.40 -5.42
C SER C 161 15.71 -29.28 -5.98
N ALA C 162 14.72 -29.07 -5.10
CA ALA C 162 13.33 -28.97 -5.51
C ALA C 162 12.59 -27.97 -4.64
N ILE C 163 11.58 -27.35 -5.23
CA ILE C 163 10.66 -26.46 -4.53
C ILE C 163 9.24 -26.86 -4.91
N THR C 164 8.34 -26.91 -3.93
CA THR C 164 6.93 -27.16 -4.20
C THR C 164 6.13 -25.93 -3.80
N ILE C 165 5.40 -25.39 -4.76
CA ILE C 165 4.72 -24.10 -4.62
C ILE C 165 3.20 -24.31 -4.53
N PHE C 166 2.63 -23.98 -3.38
CA PHE C 166 1.21 -24.09 -3.11
C PHE C 166 0.52 -22.77 -3.43
N PRO C 167 -0.82 -22.73 -3.46
CA PRO C 167 -1.48 -21.53 -3.94
C PRO C 167 -1.07 -20.26 -3.19
N GLN C 168 -1.02 -19.17 -3.93
CA GLN C 168 -0.58 -17.88 -3.40
C GLN C 168 -1.54 -17.35 -2.34
N ARG C 169 -1.05 -16.39 -1.56
CA ARG C 169 -1.93 -15.74 -0.58
C ARG C 169 -2.99 -14.90 -1.29
N THR C 170 -4.20 -14.88 -0.73
CA THR C 170 -5.25 -14.12 -1.37
C THR C 170 -5.74 -13.02 -0.44
N ASP C 171 -6.67 -13.33 0.47
CA ASP C 171 -7.16 -12.31 1.38
C ASP C 171 -6.42 -12.30 2.71
N GLY C 172 -5.37 -13.11 2.85
CA GLY C 172 -4.60 -13.16 4.06
C GLY C 172 -5.15 -14.06 5.15
N LYS C 173 -6.42 -14.47 5.06
CA LYS C 173 -6.97 -15.47 5.98
C LYS C 173 -7.48 -16.69 5.22
N HIS C 174 -6.86 -16.98 4.08
CA HIS C 174 -6.99 -18.27 3.40
C HIS C 174 -5.61 -18.85 3.13
N ASP C 175 -4.67 -18.56 4.03
CA ASP C 175 -3.28 -18.86 3.76
C ASP C 175 -3.01 -20.36 3.74
N PHE C 176 -2.10 -20.75 2.85
CA PHE C 176 -1.49 -22.08 2.87
C PHE C 176 -0.16 -21.96 3.59
N ARG C 177 0.06 -22.82 4.60
CA ARG C 177 1.27 -22.81 5.39
C ARG C 177 1.68 -24.23 5.75
N VAL C 178 2.97 -24.53 5.57
CA VAL C 178 3.62 -25.62 6.29
C VAL C 178 4.10 -25.05 7.63
N TRP C 179 3.53 -25.57 8.73
CA TRP C 179 3.86 -25.05 10.05
C TRP C 179 5.22 -25.54 10.55
N ASN C 180 5.78 -26.58 9.95
CA ASN C 180 7.11 -27.02 10.32
C ASN C 180 8.12 -26.03 9.75
N SER C 181 9.24 -25.87 10.45
CA SER C 181 10.20 -24.90 9.95
C SER C 181 11.07 -25.50 8.86
N GLN C 182 11.49 -26.75 9.04
CA GLN C 182 11.98 -27.59 7.96
C GLN C 182 11.02 -28.76 7.79
N LEU C 183 11.08 -29.40 6.60
CA LEU C 183 10.17 -30.52 6.35
C LEU C 183 10.46 -31.68 7.29
N ILE C 184 11.73 -31.94 7.55
CA ILE C 184 12.15 -32.98 8.47
C ILE C 184 12.98 -32.32 9.56
N ARG C 185 12.46 -32.33 10.79
CA ARG C 185 13.17 -31.88 11.99
C ARG C 185 12.91 -32.89 13.10
N TYR C 186 13.87 -32.99 14.01
CA TYR C 186 13.66 -33.83 15.18
C TYR C 186 12.91 -33.05 16.25
N ALA C 187 12.32 -33.78 17.19
CA ALA C 187 11.44 -33.20 18.20
C ALA C 187 12.21 -32.79 19.45
N GLY C 188 11.71 -31.77 20.13
CA GLY C 188 12.29 -31.30 21.38
C GLY C 188 11.35 -31.47 22.55
N TYR C 189 11.83 -32.09 23.61
CA TYR C 189 11.02 -32.43 24.78
C TYR C 189 11.57 -31.75 26.02
N LYS C 190 10.67 -31.12 26.78
CA LYS C 190 11.03 -30.41 28.01
C LYS C 190 10.98 -31.40 29.16
N GLN C 191 12.15 -31.71 29.72
CA GLN C 191 12.27 -32.76 30.71
C GLN C 191 11.79 -32.30 32.09
N PRO C 192 11.42 -33.26 32.96
CA PRO C 192 10.87 -32.87 34.27
C PRO C 192 11.81 -32.03 35.11
N ASP C 193 13.10 -32.36 35.11
CA ASP C 193 14.06 -31.62 35.93
C ASP C 193 14.23 -30.20 35.40
N GLY C 194 14.45 -30.05 34.10
CA GLY C 194 14.66 -28.75 33.50
C GLY C 194 15.43 -28.83 32.20
N SER C 195 16.06 -29.98 31.95
CA SER C 195 16.84 -30.20 30.74
C SER C 195 15.92 -30.32 29.53
N THR C 196 16.50 -30.73 28.40
CA THR C 196 15.72 -30.85 27.17
C THR C 196 16.30 -31.98 26.31
N LEU C 197 15.49 -33.02 26.10
CA LEU C 197 15.83 -34.17 25.28
C LEU C 197 15.37 -33.95 23.84
N GLY C 198 16.19 -34.38 22.90
CA GLY C 198 15.91 -34.19 21.48
C GLY C 198 16.60 -32.94 20.95
N ASP C 199 15.84 -32.14 20.20
CA ASP C 199 16.35 -30.92 19.60
C ASP C 199 15.70 -29.70 20.26
N PRO C 200 16.44 -28.95 21.09
CA PRO C 200 15.79 -27.87 21.85
C PRO C 200 15.15 -26.80 21.00
N ALA C 201 15.64 -26.57 19.78
CA ALA C 201 15.05 -25.54 18.94
C ALA C 201 13.59 -25.80 18.63
N ASN C 202 13.12 -27.02 18.87
CA ASN C 202 11.81 -27.45 18.40
C ASN C 202 10.87 -27.78 19.54
N VAL C 203 11.23 -27.40 20.76
CA VAL C 203 10.36 -27.66 21.90
C VAL C 203 8.97 -27.12 21.63
N GLN C 204 8.89 -25.86 21.19
CA GLN C 204 7.57 -25.27 20.96
C GLN C 204 6.82 -26.03 19.88
N PHE C 205 7.45 -26.27 18.74
CA PHE C 205 6.75 -26.98 17.68
C PHE C 205 6.34 -28.38 18.15
N THR C 206 7.23 -29.07 18.87
CA THR C 206 6.86 -30.39 19.39
C THR C 206 5.63 -30.29 20.29
N GLU C 207 5.57 -29.26 21.13
CA GLU C 207 4.43 -29.15 22.05
C GLU C 207 3.14 -28.84 21.30
N ILE C 208 3.21 -27.95 20.30
CA ILE C 208 2.05 -27.70 19.43
C ILE C 208 1.60 -28.99 18.76
N CYS C 209 2.56 -29.82 18.37
CA CYS C 209 2.20 -31.11 17.79
C CYS C 209 1.55 -32.01 18.81
N ILE C 210 2.13 -32.09 20.02
CA ILE C 210 1.56 -32.98 21.03
C ILE C 210 0.20 -32.45 21.46
N GLN C 211 0.11 -31.13 21.69
CA GLN C 211 -1.18 -30.50 21.92
C GLN C 211 -2.15 -30.88 20.82
N GLN C 212 -1.68 -30.94 19.58
CA GLN C 212 -2.52 -31.32 18.46
C GLN C 212 -2.78 -32.82 18.38
N GLY C 213 -2.46 -33.59 19.42
CA GLY C 213 -2.71 -35.00 19.42
C GLY C 213 -1.60 -35.87 18.88
N TRP C 214 -0.47 -35.30 18.47
CA TRP C 214 0.66 -36.14 18.12
C TRP C 214 1.07 -36.93 19.35
N LYS C 215 1.17 -38.24 19.21
CA LYS C 215 1.63 -39.08 20.30
C LYS C 215 3.14 -39.15 20.21
N PRO C 216 3.86 -38.53 21.12
CA PRO C 216 5.31 -38.46 20.99
C PRO C 216 5.94 -39.78 21.39
N PRO C 217 6.77 -40.36 20.52
CA PRO C 217 7.62 -41.49 20.96
C PRO C 217 8.70 -41.10 21.97
N ARG C 218 9.00 -39.80 22.12
CA ARG C 218 9.87 -39.31 23.18
C ARG C 218 11.25 -39.97 23.17
N GLY C 219 11.88 -39.94 21.99
CA GLY C 219 13.29 -40.24 21.85
C GLY C 219 14.10 -38.97 21.63
N ARG C 220 15.34 -39.16 21.19
CA ARG C 220 16.21 -38.02 20.92
C ARG C 220 16.25 -37.65 19.44
N PHE C 221 15.76 -38.53 18.55
CA PHE C 221 15.70 -38.24 17.11
C PHE C 221 14.35 -38.73 16.56
N ASP C 222 13.26 -38.23 17.13
CA ASP C 222 11.91 -38.54 16.67
C ASP C 222 11.55 -37.54 15.58
N VAL C 223 11.39 -38.04 14.35
CA VAL C 223 11.02 -37.14 13.26
C VAL C 223 9.66 -36.55 13.55
N LEU C 224 9.58 -35.24 13.47
CA LEU C 224 8.34 -34.55 13.72
C LEU C 224 7.37 -34.82 12.59
N PRO C 225 6.07 -34.79 12.88
CA PRO C 225 5.05 -34.87 11.83
C PRO C 225 4.90 -33.53 11.14
N LEU C 226 4.46 -33.59 9.89
CA LEU C 226 4.06 -32.37 9.20
C LEU C 226 2.76 -31.81 9.77
N LEU C 227 2.72 -30.50 9.97
CA LEU C 227 1.52 -29.77 10.36
C LEU C 227 1.14 -28.88 9.18
N LEU C 228 0.12 -29.27 8.42
CA LEU C 228 -0.15 -28.62 7.15
C LEU C 228 -1.47 -27.88 7.20
N GLN C 229 -1.45 -26.66 6.68
CA GLN C 229 -2.58 -25.74 6.75
C GLN C 229 -2.93 -25.30 5.34
N ALA C 230 -4.21 -25.43 5.00
CA ALA C 230 -4.70 -25.22 3.64
C ALA C 230 -5.88 -24.24 3.68
N ASN C 231 -5.80 -23.21 2.84
CA ASN C 231 -6.91 -22.28 2.65
C ASN C 231 -7.34 -21.67 3.98
N GLY C 232 -6.35 -21.36 4.83
CA GLY C 232 -6.58 -20.75 6.12
C GLY C 232 -7.20 -21.64 7.17
N ASN C 233 -7.40 -22.93 6.87
CA ASN C 233 -8.09 -23.81 7.81
C ASN C 233 -7.14 -24.26 8.92
N ASP C 234 -7.71 -24.91 9.93
CA ASP C 234 -6.90 -25.46 11.01
C ASP C 234 -5.86 -26.41 10.42
N PRO C 235 -4.70 -26.51 11.05
CA PRO C 235 -3.65 -27.39 10.51
C PRO C 235 -3.86 -28.84 10.91
N GLU C 236 -3.32 -29.73 10.08
CA GLU C 236 -3.56 -31.16 10.20
C GLU C 236 -2.24 -31.92 10.29
N LEU C 237 -2.19 -32.90 11.21
CA LEU C 237 -0.97 -33.68 11.43
C LEU C 237 -0.92 -34.87 10.49
N PHE C 238 0.25 -35.03 9.84
CA PHE C 238 0.56 -36.19 9.01
C PHE C 238 1.94 -36.69 9.35
N GLN C 239 2.08 -38.02 9.49
CA GLN C 239 3.37 -38.65 9.67
C GLN C 239 3.98 -38.94 8.30
N ILE C 240 5.15 -38.38 8.03
CA ILE C 240 5.88 -38.74 6.81
C ILE C 240 6.29 -40.19 6.90
N PRO C 241 6.04 -41.00 5.88
CA PRO C 241 6.42 -42.39 5.94
C PRO C 241 7.91 -42.50 6.09
N PRO C 242 8.39 -43.32 7.03
CA PRO C 242 9.83 -43.33 7.34
C PRO C 242 10.70 -43.77 6.17
N GLU C 243 10.20 -44.65 5.30
CA GLU C 243 10.99 -45.02 4.13
C GLU C 243 11.23 -43.85 3.19
N LEU C 244 10.66 -42.67 3.48
CA LEU C 244 10.93 -41.46 2.71
C LEU C 244 11.88 -40.52 3.43
N VAL C 245 12.13 -40.72 4.71
CA VAL C 245 13.03 -39.88 5.51
C VAL C 245 14.34 -40.62 5.62
N LEU C 246 15.33 -40.19 4.83
CA LEU C 246 16.64 -40.83 4.78
C LEU C 246 17.52 -40.24 5.87
N GLU C 247 18.05 -41.10 6.73
CA GLU C 247 18.90 -40.66 7.83
C GLU C 247 20.28 -41.31 7.71
N VAL C 248 21.32 -40.57 8.10
CA VAL C 248 22.70 -41.06 8.13
C VAL C 248 23.09 -41.26 9.59
N PRO C 249 23.52 -42.47 9.98
CA PRO C 249 24.10 -42.68 11.33
C PRO C 249 25.54 -42.17 11.38
N ILE C 250 25.85 -41.35 12.39
CA ILE C 250 27.11 -40.61 12.40
C ILE C 250 28.20 -41.44 13.09
N ARG C 251 29.20 -41.81 12.31
CA ARG C 251 30.39 -42.49 12.82
C ARG C 251 31.64 -41.70 12.45
N HIS C 252 32.78 -42.10 12.99
CA HIS C 252 34.00 -41.34 12.78
C HIS C 252 35.08 -42.21 12.17
N PRO C 253 35.78 -41.71 11.15
CA PRO C 253 36.74 -42.57 10.41
C PRO C 253 37.90 -43.05 11.24
N LYS C 254 38.05 -42.60 12.47
CA LYS C 254 39.17 -43.05 13.30
C LYS C 254 38.68 -43.48 14.67
N PHE C 255 37.92 -42.61 15.32
CA PHE C 255 37.45 -42.88 16.68
C PHE C 255 36.44 -44.01 16.67
N GLU C 256 36.79 -45.13 17.28
CA GLU C 256 35.87 -46.27 17.39
C GLU C 256 34.63 -45.88 18.20
N TRP C 257 34.84 -45.23 19.35
CA TRP C 257 33.75 -44.92 20.27
C TRP C 257 32.74 -43.94 19.70
N PHE C 258 33.03 -43.31 18.56
CA PHE C 258 32.15 -42.25 18.10
C PHE C 258 30.78 -42.80 17.70
N LYS C 259 30.75 -43.91 16.96
CA LYS C 259 29.47 -44.49 16.59
C LYS C 259 28.62 -44.79 17.82
N ASP C 260 29.23 -44.95 18.99
CA ASP C 260 28.50 -45.26 20.21
C ASP C 260 27.93 -44.03 20.92
N LEU C 261 28.16 -42.82 20.39
CA LEU C 261 27.44 -41.64 20.86
C LEU C 261 25.94 -41.72 20.57
N GLY C 262 25.50 -42.60 19.68
CA GLY C 262 24.08 -42.76 19.39
C GLY C 262 23.47 -41.67 18.54
N LEU C 263 24.25 -41.08 17.64
CA LEU C 263 23.85 -39.91 16.90
C LEU C 263 23.52 -40.27 15.46
N LYS C 264 22.62 -39.49 14.87
CA LYS C 264 22.29 -39.56 13.44
C LYS C 264 21.72 -38.21 13.03
N TRP C 265 21.64 -37.98 11.71
CA TRP C 265 20.93 -36.81 11.20
C TRP C 265 20.13 -37.22 9.96
N TYR C 266 19.22 -36.34 9.55
CA TYR C 266 18.49 -36.56 8.32
C TYR C 266 19.29 -36.01 7.15
N GLY C 267 18.98 -36.53 5.97
CA GLY C 267 19.76 -36.21 4.79
C GLY C 267 19.22 -35.05 3.98
N LEU C 268 17.94 -34.75 4.15
CA LEU C 268 17.27 -33.78 3.28
C LEU C 268 17.00 -32.49 4.04
N PRO C 269 17.75 -31.40 3.78
CA PRO C 269 17.40 -30.13 4.41
C PRO C 269 16.31 -29.45 3.60
N ALA C 270 15.17 -29.13 4.20
CA ALA C 270 14.07 -28.59 3.43
C ALA C 270 13.46 -27.41 4.16
N VAL C 271 13.79 -26.19 3.74
CA VAL C 271 13.21 -25.03 4.41
C VAL C 271 11.74 -24.93 4.04
N SER C 272 10.88 -24.83 5.05
CA SER C 272 9.45 -24.91 4.78
C SER C 272 8.66 -23.81 5.47
N ASN C 273 9.31 -22.79 6.03
CA ASN C 273 8.59 -21.72 6.68
C ASN C 273 8.77 -20.38 5.99
N MET C 274 9.42 -20.33 4.83
CA MET C 274 9.60 -19.03 4.21
C MET C 274 8.48 -18.72 3.22
N LEU C 275 8.56 -17.53 2.65
CA LEU C 275 7.54 -16.97 1.79
C LEU C 275 8.18 -16.55 0.48
N LEU C 276 7.72 -17.11 -0.62
CA LEU C 276 8.24 -16.76 -1.94
C LEU C 276 7.38 -15.64 -2.52
N GLU C 277 8.03 -14.57 -2.96
CA GLU C 277 7.33 -13.42 -3.51
C GLU C 277 7.73 -13.25 -4.97
N ILE C 278 6.75 -13.28 -5.86
CA ILE C 278 6.94 -13.02 -7.28
C ILE C 278 5.91 -11.98 -7.71
N GLY C 279 6.40 -10.85 -8.24
CA GLY C 279 5.56 -9.80 -8.77
C GLY C 279 4.31 -9.51 -7.98
N GLY C 280 4.48 -9.04 -6.74
CA GLY C 280 3.35 -8.72 -5.89
C GLY C 280 2.63 -9.90 -5.29
N LEU C 281 2.89 -11.12 -5.77
CA LEU C 281 2.22 -12.32 -5.32
C LEU C 281 3.03 -12.99 -4.21
N GLU C 282 2.32 -13.59 -3.26
CA GLU C 282 2.95 -14.14 -2.07
C GLU C 282 2.60 -15.62 -1.94
N PHE C 283 3.59 -16.49 -2.12
CA PHE C 283 3.41 -17.93 -1.94
C PHE C 283 3.88 -18.29 -0.54
N SER C 284 2.93 -18.26 0.40
CA SER C 284 3.18 -18.50 1.81
C SER C 284 3.67 -19.91 2.11
N ALA C 285 3.54 -20.83 1.18
CA ALA C 285 3.91 -22.21 1.40
C ALA C 285 4.63 -22.66 0.16
N CYS C 286 5.93 -22.91 0.30
CA CYS C 286 6.82 -23.14 -0.83
C CYS C 286 8.04 -23.92 -0.38
N PRO C 287 7.87 -25.07 0.29
CA PRO C 287 9.04 -25.75 0.85
C PRO C 287 10.05 -26.05 -0.24
N PHE C 288 11.32 -25.79 0.05
CA PHE C 288 12.39 -26.04 -0.88
C PHE C 288 13.53 -26.76 -0.18
N SER C 289 14.24 -27.58 -0.95
CA SER C 289 15.26 -28.44 -0.39
C SER C 289 16.43 -28.45 -1.36
N GLY C 290 17.60 -28.72 -0.81
CA GLY C 290 18.81 -28.91 -1.58
C GLY C 290 19.57 -30.04 -0.93
N TRP C 291 20.81 -29.77 -0.53
CA TRP C 291 21.56 -30.74 0.23
C TRP C 291 22.45 -29.98 1.22
N TYR C 292 22.91 -30.69 2.23
CA TYR C 292 23.59 -30.04 3.35
C TYR C 292 25.03 -29.68 3.01
N MET C 293 25.45 -28.52 3.53
CA MET C 293 26.84 -28.28 3.92
C MET C 293 27.07 -28.85 5.33
N GLY C 294 28.22 -29.50 5.50
CA GLY C 294 28.46 -30.24 6.74
C GLY C 294 28.38 -29.41 8.00
N THR C 295 28.74 -28.12 7.91
CA THR C 295 28.76 -27.30 9.11
C THR C 295 27.38 -27.06 9.68
N GLU C 296 26.32 -27.18 8.85
CA GLU C 296 24.96 -27.02 9.32
C GLU C 296 24.62 -28.04 10.38
N ILE C 297 24.90 -29.30 10.11
CA ILE C 297 24.69 -30.35 11.10
C ILE C 297 25.78 -30.28 12.16
N GLY C 298 27.04 -30.28 11.73
CA GLY C 298 28.15 -30.54 12.63
C GLY C 298 28.61 -29.38 13.49
N VAL C 299 28.35 -28.15 13.06
CA VAL C 299 28.71 -26.97 13.85
C VAL C 299 27.52 -26.40 14.59
N ARG C 300 26.43 -26.15 13.86
CA ARG C 300 25.24 -25.53 14.43
C ARG C 300 24.31 -26.55 15.07
N ASP C 301 23.85 -27.52 14.29
CA ASP C 301 22.86 -28.49 14.78
C ASP C 301 23.38 -29.29 15.95
N TYR C 302 24.66 -29.59 15.99
CA TYR C 302 25.18 -30.43 17.07
C TYR C 302 25.83 -29.68 18.22
N CYS C 303 26.24 -28.41 18.03
CA CYS C 303 27.13 -27.74 18.97
C CYS C 303 26.63 -26.41 19.53
N ASP C 304 25.60 -25.78 18.94
CA ASP C 304 25.01 -24.60 19.55
C ASP C 304 24.57 -24.91 20.98
N ASN C 305 24.61 -23.88 21.83
CA ASN C 305 24.26 -24.10 23.24
C ASN C 305 22.77 -24.43 23.41
N SER C 306 21.89 -23.74 22.68
CA SER C 306 20.46 -24.04 22.74
C SER C 306 20.04 -25.02 21.65
N ARG C 307 20.96 -25.87 21.20
CA ARG C 307 20.68 -27.01 20.33
C ARG C 307 21.19 -28.29 20.97
N TYR C 308 21.82 -29.19 20.20
CA TYR C 308 22.10 -30.52 20.73
C TYR C 308 23.24 -30.52 21.74
N ASN C 309 24.17 -29.55 21.64
CA ASN C 309 25.17 -29.24 22.70
C ASN C 309 26.00 -30.47 23.08
N ILE C 310 26.53 -31.17 22.06
CA ILE C 310 27.23 -32.42 22.30
C ILE C 310 28.73 -32.23 22.46
N LEU C 311 29.22 -31.00 22.30
CA LEU C 311 30.65 -30.74 22.41
C LEU C 311 31.21 -31.34 23.69
N GLU C 312 30.62 -30.95 24.83
CA GLU C 312 31.13 -31.39 26.13
C GLU C 312 31.32 -32.90 26.15
N GLU C 313 30.39 -33.65 25.55
CA GLU C 313 30.45 -35.10 25.62
C GLU C 313 31.52 -35.68 24.71
N VAL C 314 31.59 -35.21 23.45
CA VAL C 314 32.67 -35.63 22.56
C VAL C 314 34.02 -35.31 23.20
N ALA C 315 34.10 -34.20 23.93
CA ALA C 315 35.35 -33.77 24.53
C ALA C 315 35.80 -34.74 25.63
N LYS C 316 34.86 -35.27 26.41
CA LYS C 316 35.21 -36.31 27.36
C LYS C 316 35.86 -37.49 26.66
N LYS C 317 35.26 -37.94 25.56
CA LYS C 317 35.72 -39.15 24.87
C LYS C 317 37.10 -38.98 24.26
N MET C 318 37.45 -37.77 23.83
CA MET C 318 38.79 -37.48 23.32
C MET C 318 39.80 -37.19 24.43
N ASN C 319 39.34 -36.95 25.66
CA ASN C 319 40.18 -36.70 26.83
C ASN C 319 40.97 -35.39 26.67
N LEU C 320 40.22 -34.30 26.79
CA LEU C 320 40.71 -32.96 26.52
C LEU C 320 40.80 -32.17 27.82
N ASP C 321 41.78 -31.26 27.89
CA ASP C 321 41.84 -30.39 29.05
C ASP C 321 40.63 -29.47 29.02
N MET C 322 39.57 -29.85 29.73
CA MET C 322 38.37 -29.02 29.81
C MET C 322 38.37 -28.11 31.03
N ARG C 323 39.55 -27.92 31.66
CA ARG C 323 39.65 -27.02 32.79
C ARG C 323 39.32 -25.58 32.39
N LYS C 324 39.94 -25.11 31.30
CA LYS C 324 39.81 -23.73 30.88
C LYS C 324 39.55 -23.69 29.38
N THR C 325 39.12 -22.53 28.90
CA THR C 325 38.81 -22.40 27.49
C THR C 325 40.05 -22.42 26.60
N SER C 326 41.21 -21.96 27.11
CA SER C 326 42.38 -21.74 26.26
C SER C 326 43.02 -23.04 25.80
N SER C 327 42.63 -24.19 26.33
CA SER C 327 43.07 -25.46 25.75
C SER C 327 42.45 -25.74 24.40
N LEU C 328 41.43 -24.98 23.99
CA LEU C 328 40.72 -25.15 22.72
C LEU C 328 40.09 -26.53 22.58
N TRP C 329 39.60 -27.08 23.70
CA TRP C 329 38.96 -28.38 23.65
C TRP C 329 37.68 -28.34 22.84
N LYS C 330 36.93 -27.23 22.93
CA LYS C 330 35.73 -27.09 22.10
C LYS C 330 36.08 -27.08 20.62
N ASP C 331 37.08 -26.28 20.25
CA ASP C 331 37.47 -26.19 18.86
C ASP C 331 37.92 -27.54 18.34
N GLN C 332 38.65 -28.29 19.17
CA GLN C 332 39.14 -29.60 18.76
C GLN C 332 38.00 -30.60 18.55
N ALA C 333 37.10 -30.71 19.54
CA ALA C 333 35.93 -31.57 19.39
C ALA C 333 35.10 -31.16 18.18
N LEU C 334 34.90 -29.86 18.02
CA LEU C 334 34.09 -29.39 16.90
C LEU C 334 34.63 -29.92 15.58
N VAL C 335 35.96 -29.99 15.46
CA VAL C 335 36.52 -30.48 14.19
C VAL C 335 36.21 -31.96 14.00
N GLU C 336 36.46 -32.79 15.03
CA GLU C 336 36.22 -34.22 14.90
C GLU C 336 34.76 -34.52 14.61
N ILE C 337 33.84 -33.85 15.30
CA ILE C 337 32.43 -33.98 14.98
C ILE C 337 32.21 -33.68 13.51
N ASN C 338 32.71 -32.54 13.04
CA ASN C 338 32.41 -32.18 11.66
C ASN C 338 33.06 -33.12 10.67
N ILE C 339 34.22 -33.70 11.02
CA ILE C 339 34.81 -34.74 10.18
C ILE C 339 33.91 -35.98 10.16
N ALA C 340 33.29 -36.30 11.29
CA ALA C 340 32.48 -37.50 11.38
C ALA C 340 31.21 -37.36 10.54
N VAL C 341 30.58 -36.19 10.61
CA VAL C 341 29.41 -35.92 9.78
C VAL C 341 29.73 -36.15 8.30
N LEU C 342 30.75 -35.46 7.77
CA LEU C 342 31.10 -35.60 6.37
C LEU C 342 31.42 -37.04 6.00
N TYR C 343 32.26 -37.70 6.80
CA TYR C 343 32.65 -39.07 6.51
C TYR C 343 31.47 -40.01 6.58
N SER C 344 30.42 -39.63 7.30
CA SER C 344 29.26 -40.49 7.41
C SER C 344 28.33 -40.30 6.22
N PHE C 345 28.11 -39.06 5.81
CA PHE C 345 27.25 -38.80 4.66
C PHE C 345 27.89 -39.33 3.38
N GLN C 346 29.22 -39.25 3.27
CA GLN C 346 29.90 -39.76 2.08
C GLN C 346 29.90 -41.28 2.05
N SER C 347 29.99 -41.92 3.21
CA SER C 347 30.02 -43.37 3.29
C SER C 347 28.66 -44.01 2.96
N ASP C 348 27.58 -43.25 2.98
CA ASP C 348 26.27 -43.75 2.57
C ASP C 348 25.86 -43.22 1.21
N LYS C 349 26.77 -42.51 0.53
CA LYS C 349 26.48 -41.91 -0.77
C LYS C 349 25.25 -41.02 -0.69
N VAL C 350 25.12 -40.31 0.43
CA VAL C 350 24.20 -39.20 0.57
C VAL C 350 24.94 -37.91 0.25
N THR C 351 24.32 -37.07 -0.59
CA THR C 351 24.96 -35.83 -1.00
C THR C 351 25.23 -34.93 0.20
N ILE C 352 26.47 -34.44 0.29
CA ILE C 352 26.85 -33.43 1.27
C ILE C 352 28.04 -32.71 0.69
N VAL C 353 28.25 -31.49 1.16
CA VAL C 353 29.35 -30.67 0.68
C VAL C 353 30.05 -30.09 1.90
N ASP C 354 31.39 -30.21 1.93
CA ASP C 354 32.10 -29.55 3.01
C ASP C 354 32.20 -28.06 2.70
N HIS C 355 32.51 -27.30 3.74
CA HIS C 355 32.48 -25.84 3.61
C HIS C 355 33.65 -25.30 2.80
N HIS C 356 34.77 -26.04 2.72
CA HIS C 356 35.85 -25.68 1.81
C HIS C 356 35.37 -25.70 0.36
N SER C 357 34.82 -26.83 -0.11
CA SER C 357 34.30 -26.91 -1.47
CA SER C 357 34.30 -26.90 -1.47
C SER C 357 33.18 -25.89 -1.68
N ALA C 358 32.28 -25.74 -0.70
CA ALA C 358 31.11 -24.90 -0.88
C ALA C 358 31.47 -23.43 -1.04
N THR C 359 32.37 -22.92 -0.17
CA THR C 359 32.76 -21.52 -0.30
C THR C 359 33.54 -21.30 -1.58
N GLU C 360 34.39 -22.27 -1.95
CA GLU C 360 35.10 -22.20 -3.22
C GLU C 360 34.13 -22.02 -4.39
N SER C 361 33.17 -22.96 -4.52
CA SER C 361 32.12 -22.85 -5.53
C SER C 361 31.51 -21.46 -5.54
N PHE C 362 31.21 -20.92 -4.36
CA PHE C 362 30.50 -19.65 -4.31
C PHE C 362 31.36 -18.48 -4.80
N ILE C 363 32.68 -18.52 -4.61
CA ILE C 363 33.52 -17.52 -5.27
C ILE C 363 33.36 -17.61 -6.78
N LYS C 364 33.34 -18.84 -7.31
CA LYS C 364 33.17 -19.05 -8.75
C LYS C 364 31.80 -18.57 -9.21
N HIS C 365 30.76 -18.78 -8.39
CA HIS C 365 29.44 -18.28 -8.75
C HIS C 365 29.41 -16.76 -8.78
N MET C 366 30.09 -16.14 -7.81
CA MET C 366 30.12 -14.70 -7.72
C MET C 366 30.74 -14.08 -8.96
N GLU C 367 31.91 -14.58 -9.36
CA GLU C 367 32.53 -14.10 -10.58
C GLU C 367 31.61 -14.26 -11.78
N ASN C 368 30.94 -15.42 -11.89
CA ASN C 368 30.02 -15.63 -13.01
C ASN C 368 28.94 -14.55 -13.04
N GLU C 369 28.36 -14.25 -11.88
CA GLU C 369 27.25 -13.29 -11.83
C GLU C 369 27.73 -11.88 -12.18
N TYR C 370 28.91 -11.47 -11.69
CA TYR C 370 29.44 -10.19 -12.13
C TYR C 370 29.69 -10.21 -13.62
N ARG C 371 30.17 -11.33 -14.16
CA ARG C 371 30.46 -11.45 -15.59
C ARG C 371 29.24 -11.13 -16.44
N CYS C 372 28.11 -11.80 -16.20
CA CYS C 372 26.92 -11.66 -17.04
C CYS C 372 25.86 -10.74 -16.45
N ARG C 373 25.59 -10.81 -15.15
CA ARG C 373 24.51 -10.07 -14.54
C ARG C 373 24.94 -8.70 -14.02
N GLY C 374 26.24 -8.48 -13.84
CA GLY C 374 26.70 -7.24 -13.27
C GLY C 374 26.66 -7.14 -11.76
N GLY C 375 26.70 -8.26 -11.06
CA GLY C 375 26.69 -8.28 -9.61
C GLY C 375 26.01 -9.52 -9.08
N CYS C 376 26.08 -9.66 -7.75
CA CYS C 376 25.52 -10.80 -7.03
C CYS C 376 25.33 -10.45 -5.57
N PRO C 377 24.11 -10.21 -5.10
CA PRO C 377 23.91 -9.94 -3.68
C PRO C 377 24.44 -11.06 -2.81
N ALA C 378 25.21 -10.68 -1.79
CA ALA C 378 25.80 -11.66 -0.88
C ALA C 378 25.83 -11.07 0.52
N ASP C 379 25.56 -11.94 1.49
CA ASP C 379 25.47 -11.57 2.89
C ASP C 379 26.66 -12.22 3.56
N TRP C 380 27.75 -11.46 3.71
CA TRP C 380 29.00 -11.99 4.28
C TRP C 380 28.73 -12.67 5.63
N VAL C 381 27.81 -12.13 6.41
CA VAL C 381 27.55 -12.68 7.74
C VAL C 381 27.03 -14.10 7.64
N TRP C 382 26.26 -14.40 6.60
CA TRP C 382 25.71 -15.74 6.47
C TRP C 382 26.56 -16.61 5.58
N ILE C 383 27.30 -16.02 4.63
CA ILE C 383 28.03 -16.82 3.67
C ILE C 383 29.21 -17.51 4.34
N VAL C 384 29.92 -16.79 5.21
CA VAL C 384 31.13 -17.31 5.84
C VAL C 384 30.73 -18.44 6.77
N PRO C 385 31.29 -19.63 6.60
CA PRO C 385 30.92 -20.78 7.45
C PRO C 385 31.14 -20.47 8.93
N PRO C 386 30.50 -21.23 9.81
CA PRO C 386 30.61 -20.99 11.26
C PRO C 386 31.82 -21.65 11.92
N MET C 387 32.63 -22.42 11.21
CA MET C 387 33.95 -22.75 11.69
C MET C 387 34.97 -22.41 10.61
N SER C 388 36.22 -22.22 11.04
CA SER C 388 37.34 -22.06 10.12
C SER C 388 37.10 -20.96 9.08
N GLY C 389 36.37 -19.93 9.48
CA GLY C 389 36.02 -18.85 8.57
C GLY C 389 37.17 -18.35 7.70
N SER C 390 38.27 -17.92 8.34
CA SER C 390 39.29 -17.22 7.60
C SER C 390 40.10 -18.15 6.69
N ILE C 391 40.08 -19.46 6.93
CA ILE C 391 40.71 -20.37 5.99
C ILE C 391 39.72 -20.83 4.90
N THR C 392 38.69 -20.03 4.61
CA THR C 392 37.86 -20.26 3.43
C THR C 392 37.90 -19.03 2.55
N PRO C 393 37.82 -19.18 1.23
CA PRO C 393 37.99 -18.01 0.35
C PRO C 393 36.98 -16.90 0.56
N VAL C 394 35.83 -17.16 1.19
CA VAL C 394 34.79 -16.15 1.26
C VAL C 394 35.05 -15.16 2.38
N PHE C 395 35.73 -15.60 3.44
CA PHE C 395 36.13 -14.69 4.51
C PHE C 395 36.91 -13.49 3.99
N HIS C 396 37.79 -13.71 3.02
CA HIS C 396 38.63 -12.67 2.43
C HIS C 396 37.96 -11.96 1.27
N GLN C 397 36.70 -12.27 1.01
CA GLN C 397 35.96 -11.74 -0.13
C GLN C 397 34.99 -10.67 0.33
N GLU C 398 35.17 -9.44 -0.16
CA GLU C 398 34.16 -8.43 0.08
C GLU C 398 32.88 -8.77 -0.66
N MET C 399 31.75 -8.41 -0.06
CA MET C 399 30.44 -8.68 -0.64
C MET C 399 29.54 -7.48 -0.47
N LEU C 400 28.83 -7.13 -1.54
CA LEU C 400 27.74 -6.17 -1.51
C LEU C 400 26.44 -6.89 -1.24
N ASN C 401 25.56 -6.26 -0.48
CA ASN C 401 24.28 -6.87 -0.18
C ASN C 401 23.17 -5.90 -0.49
N TYR C 402 22.16 -6.40 -1.21
CA TYR C 402 21.00 -5.63 -1.62
C TYR C 402 19.89 -6.62 -1.91
N ARG C 403 18.66 -6.11 -1.95
CA ARG C 403 17.45 -6.91 -2.05
C ARG C 403 16.88 -6.83 -3.46
N LEU C 404 16.82 -7.98 -4.14
CA LEU C 404 16.25 -8.12 -5.47
C LEU C 404 14.97 -8.95 -5.40
N THR C 405 14.04 -8.67 -6.31
CA THR C 405 12.82 -9.45 -6.42
CA THR C 405 12.83 -9.48 -6.41
C THR C 405 12.76 -10.17 -7.78
N PRO C 406 12.20 -11.39 -7.84
CA PRO C 406 11.59 -12.24 -6.80
C PRO C 406 12.57 -12.69 -5.72
N SER C 407 12.04 -13.08 -4.56
CA SER C 407 12.86 -13.38 -3.39
C SER C 407 12.12 -14.34 -2.47
N PHE C 408 12.88 -14.91 -1.54
CA PHE C 408 12.38 -15.59 -0.36
C PHE C 408 12.40 -14.64 0.84
N GLU C 409 11.26 -14.48 1.51
CA GLU C 409 11.13 -13.60 2.65
C GLU C 409 10.80 -14.43 3.88
N TYR C 410 11.09 -13.89 5.06
CA TYR C 410 10.55 -14.54 6.25
C TYR C 410 9.10 -14.13 6.45
N GLN C 411 8.40 -14.94 7.24
CA GLN C 411 7.01 -14.64 7.56
C GLN C 411 6.78 -15.06 8.99
N PRO C 412 5.77 -14.50 9.64
CA PRO C 412 5.54 -14.83 11.06
C PRO C 412 5.13 -16.29 11.21
N ASP C 413 5.55 -16.88 12.33
CA ASP C 413 5.13 -18.24 12.65
C ASP C 413 3.61 -18.29 12.71
N PRO C 414 2.97 -19.19 11.94
CA PRO C 414 1.51 -19.14 11.82
C PRO C 414 0.77 -19.20 13.15
N TRP C 415 1.36 -19.77 14.19
CA TRP C 415 0.62 -19.85 15.44
C TRP C 415 0.59 -18.54 16.20
N ASN C 416 1.38 -17.55 15.81
CA ASN C 416 1.18 -16.22 16.36
C ASN C 416 -0.02 -15.51 15.74
N THR C 417 -0.48 -15.99 14.57
CA THR C 417 -1.43 -15.26 13.74
C THR C 417 -2.72 -16.01 13.42
N HIS C 418 -2.82 -17.30 13.72
CA HIS C 418 -3.89 -18.11 13.17
C HIS C 418 -5.14 -18.05 14.03
N VAL C 419 -6.28 -17.72 13.41
CA VAL C 419 -7.58 -17.75 14.07
C VAL C 419 -8.15 -19.15 13.93
N TRP C 420 -8.32 -19.85 15.05
CA TRP C 420 -8.70 -21.27 15.03
C TRP C 420 -10.19 -21.44 14.82
N LYS C 421 -10.57 -22.14 13.75
CA LYS C 421 -11.96 -22.48 13.46
C LYS C 421 -12.52 -23.28 14.63
N ARG D 3 14.67 7.95 17.69
CA ARG D 3 14.26 6.54 17.65
C ARG D 3 14.91 5.72 18.76
N PHE D 4 14.57 4.43 18.79
CA PHE D 4 15.23 3.41 19.59
C PHE D 4 15.44 2.21 18.68
N LEU D 5 16.58 1.53 18.80
CA LEU D 5 16.85 0.33 18.01
C LEU D 5 17.12 -0.85 18.93
N LYS D 6 16.66 -2.03 18.53
CA LYS D 6 16.82 -3.23 19.35
C LYS D 6 17.76 -4.23 18.66
N VAL D 7 18.59 -4.87 19.46
CA VAL D 7 19.46 -5.96 19.03
C VAL D 7 19.09 -7.16 19.88
N LYS D 8 19.25 -8.35 19.32
CA LYS D 8 18.86 -9.58 19.99
C LYS D 8 20.03 -10.56 19.95
N ASN D 9 20.30 -11.18 21.10
CA ASN D 9 21.16 -12.35 21.14
C ASN D 9 20.28 -13.55 20.86
N TRP D 10 20.60 -14.28 19.80
CA TRP D 10 19.76 -15.42 19.43
C TRP D 10 20.15 -16.70 20.15
N GLU D 11 21.22 -16.71 20.92
CA GLU D 11 21.60 -17.81 21.79
C GLU D 11 20.94 -17.67 23.15
N THR D 12 20.88 -16.44 23.70
CA THR D 12 20.36 -16.17 25.04
C THR D 12 19.00 -15.47 25.05
N GLU D 13 18.49 -15.01 23.92
CA GLU D 13 17.24 -14.23 23.81
C GLU D 13 17.29 -12.87 24.53
N VAL D 14 18.43 -12.51 25.13
CA VAL D 14 18.56 -11.17 25.71
C VAL D 14 18.46 -10.13 24.61
N VAL D 15 17.78 -9.03 24.90
CA VAL D 15 17.58 -7.94 23.94
C VAL D 15 17.94 -6.62 24.59
N LEU D 16 18.63 -5.78 23.82
CA LEU D 16 19.17 -4.50 24.30
C LEU D 16 18.70 -3.39 23.38
N THR D 17 18.52 -2.20 23.93
CA THR D 17 18.01 -1.07 23.17
C THR D 17 19.13 -0.05 22.97
N ASP D 18 19.45 0.20 21.71
CA ASP D 18 20.51 1.14 21.35
C ASP D 18 19.88 2.52 21.19
N THR D 19 20.22 3.45 22.08
CA THR D 19 19.89 4.85 21.88
C THR D 19 21.09 5.68 21.44
N LEU D 20 22.29 5.13 21.51
CA LEU D 20 23.50 5.89 21.26
C LEU D 20 23.70 6.18 19.77
N HIS D 21 23.10 5.39 18.89
CA HIS D 21 23.30 5.58 17.45
C HIS D 21 22.81 6.94 16.97
N LEU D 22 21.91 7.57 17.73
CA LEU D 22 21.48 8.93 17.40
C LEU D 22 22.64 9.92 17.39
N LYS D 23 23.69 9.62 18.16
CA LYS D 23 24.88 10.45 18.20
C LYS D 23 25.95 9.99 17.23
N SER D 24 25.61 9.15 16.26
CA SER D 24 26.55 8.77 15.21
C SER D 24 26.67 9.90 14.20
N THR D 25 27.80 9.93 13.50
CA THR D 25 28.26 11.17 12.88
C THR D 25 28.36 11.07 11.37
N LEU D 26 29.17 10.17 10.84
CA LEU D 26 29.53 10.15 9.43
C LEU D 26 29.31 8.75 8.90
N GLU D 27 29.62 8.58 7.61
CA GLU D 27 29.16 7.44 6.83
C GLU D 27 29.60 6.11 7.42
N THR D 28 28.73 5.10 7.27
CA THR D 28 29.13 3.71 7.38
C THR D 28 29.58 3.16 6.03
N GLY D 29 29.16 3.77 4.93
CA GLY D 29 29.27 3.24 3.61
C GLY D 29 27.95 2.74 3.08
N CYS D 30 27.13 2.17 3.95
CA CYS D 30 25.84 1.63 3.56
C CYS D 30 24.87 2.75 3.17
N THR D 31 23.97 2.44 2.24
CA THR D 31 22.84 3.29 1.91
C THR D 31 21.56 2.66 2.43
N GLU D 32 20.44 3.39 2.26
CA GLU D 32 19.14 2.82 2.55
C GLU D 32 18.89 1.52 1.80
N TYR D 33 19.52 1.37 0.62
CA TYR D 33 19.26 0.26 -0.28
C TYR D 33 20.46 -0.67 -0.50
N ILE D 34 21.61 -0.38 0.09
CA ILE D 34 22.80 -1.21 -0.09
C ILE D 34 23.55 -1.26 1.23
N CYS D 35 23.96 -2.46 1.64
CA CYS D 35 24.79 -2.67 2.82
C CYS D 35 26.20 -3.00 2.37
N MET D 36 27.19 -2.37 3.04
CA MET D 36 28.59 -2.62 2.75
C MET D 36 29.33 -3.18 3.95
N GLY D 37 28.62 -3.85 4.86
CA GLY D 37 29.18 -4.29 6.11
C GLY D 37 30.47 -5.08 6.01
N SER D 38 30.76 -5.65 4.84
CA SER D 38 31.93 -6.50 4.64
C SER D 38 33.06 -5.82 3.88
N ILE D 39 32.77 -4.70 3.20
CA ILE D 39 33.82 -3.88 2.58
C ILE D 39 34.81 -3.44 3.67
N MET D 40 36.11 -3.49 3.34
CA MET D 40 37.08 -3.12 4.39
C MET D 40 37.33 -1.62 4.49
N HIS D 41 37.59 -0.95 3.37
CA HIS D 41 37.76 0.51 3.30
C HIS D 41 36.61 1.13 2.51
N PRO D 42 35.48 1.40 3.13
CA PRO D 42 34.42 2.13 2.44
C PRO D 42 34.75 3.61 2.35
N SER D 43 34.12 4.28 1.40
CA SER D 43 34.33 5.73 1.22
C SER D 43 33.09 6.44 0.69
N VAL D 52 42.68 18.90 4.82
CA VAL D 52 42.81 19.72 6.01
C VAL D 52 41.61 20.62 6.21
N ALA D 53 40.93 20.44 7.34
CA ALA D 53 39.62 21.07 7.51
C ALA D 53 39.76 22.58 7.69
N THR D 54 38.92 23.33 6.97
CA THR D 54 38.93 24.78 7.01
C THR D 54 38.53 25.27 8.40
N LYS D 55 38.57 26.60 8.56
CA LYS D 55 38.16 27.19 9.83
C LYS D 55 36.68 26.92 10.11
N ASP D 56 35.83 27.08 9.10
CA ASP D 56 34.39 26.87 9.27
C ASP D 56 34.06 25.40 9.51
N GLN D 57 34.82 24.49 8.92
CA GLN D 57 34.62 23.07 9.21
C GLN D 57 34.98 22.74 10.65
N LEU D 58 36.07 23.31 11.17
CA LEU D 58 36.67 22.80 12.40
C LEU D 58 35.87 23.19 13.65
N PHE D 59 35.18 24.33 13.65
CA PHE D 59 34.62 24.72 14.94
C PHE D 59 33.46 23.82 15.40
N PRO D 60 32.51 23.43 14.53
CA PRO D 60 31.48 22.50 15.02
C PRO D 60 32.08 21.21 15.52
N LEU D 61 33.05 20.65 14.79
CA LEU D 61 33.69 19.42 15.27
C LEU D 61 34.32 19.66 16.64
N ALA D 62 34.94 20.82 16.82
CA ALA D 62 35.55 21.15 18.11
C ALA D 62 34.48 21.35 19.18
N LYS D 63 33.48 22.20 18.91
CA LYS D 63 32.41 22.38 19.88
C LYS D 63 31.73 21.07 20.25
N GLU D 64 31.68 20.11 19.32
CA GLU D 64 31.02 18.85 19.63
C GLU D 64 31.83 18.05 20.63
N PHE D 65 33.12 17.87 20.37
CA PHE D 65 33.93 17.07 21.27
C PHE D 65 34.06 17.72 22.64
N ILE D 66 34.25 19.05 22.67
CA ILE D 66 34.29 19.75 23.97
C ILE D 66 32.97 19.60 24.70
N ASP D 67 31.85 19.75 23.97
CA ASP D 67 30.54 19.54 24.61
C ASP D 67 30.50 18.19 25.30
N GLN D 68 30.99 17.16 24.62
CA GLN D 68 30.83 15.81 25.13
C GLN D 68 31.83 15.50 26.23
N TYR D 69 33.02 16.10 26.18
CA TYR D 69 33.97 15.93 27.27
C TYR D 69 33.42 16.51 28.57
N TYR D 70 32.96 17.77 28.53
CA TYR D 70 32.38 18.37 29.73
C TYR D 70 31.13 17.65 30.19
N SER D 71 30.48 16.92 29.28
CA SER D 71 29.36 16.08 29.69
C SER D 71 29.83 14.82 30.40
N SER D 72 30.92 14.22 29.92
CA SER D 72 31.46 13.04 30.59
C SER D 72 31.90 13.31 32.01
N ILE D 73 32.24 14.56 32.34
CA ILE D 73 32.71 14.90 33.67
C ILE D 73 31.68 15.77 34.40
N LYS D 74 30.41 15.68 34.00
CA LYS D 74 29.30 16.31 34.73
C LYS D 74 29.57 17.78 34.99
N ARG D 75 29.95 18.49 33.94
CA ARG D 75 30.23 19.92 34.02
C ARG D 75 29.62 20.66 32.82
N PHE D 76 28.66 20.04 32.15
CA PHE D 76 28.06 20.64 30.96
C PHE D 76 27.29 21.88 31.37
N GLY D 77 27.55 23.00 30.68
CA GLY D 77 26.96 24.27 31.06
C GLY D 77 27.69 25.01 32.16
N SER D 78 28.85 24.53 32.58
CA SER D 78 29.59 25.17 33.66
C SER D 78 30.42 26.34 33.15
N LYS D 79 30.82 27.19 34.10
CA LYS D 79 31.75 28.27 33.81
C LYS D 79 32.99 27.76 33.08
N ALA D 80 33.53 26.62 33.51
CA ALA D 80 34.74 26.12 32.86
C ALA D 80 34.44 25.59 31.47
N HIS D 81 33.25 25.04 31.27
CA HIS D 81 32.86 24.58 29.94
C HIS D 81 32.77 25.75 28.97
N MET D 82 32.10 26.84 29.35
CA MET D 82 31.86 27.94 28.42
C MET D 82 33.15 28.69 28.07
N GLU D 83 34.06 28.82 29.03
CA GLU D 83 35.32 29.47 28.73
C GLU D 83 36.18 28.61 27.83
N ARG D 84 36.08 27.30 27.99
CA ARG D 84 36.79 26.40 27.07
C ARG D 84 36.28 26.59 25.65
N LEU D 85 34.96 26.52 25.48
CA LEU D 85 34.37 26.73 24.15
C LEU D 85 34.88 28.02 23.52
N GLU D 86 34.89 29.12 24.30
CA GLU D 86 35.37 30.41 23.82
C GLU D 86 36.87 30.40 23.57
N GLU D 87 37.62 29.64 24.37
CA GLU D 87 39.05 29.52 24.13
C GLU D 87 39.32 28.78 22.83
N VAL D 88 38.67 27.62 22.65
CA VAL D 88 38.86 26.87 21.41
C VAL D 88 38.43 27.72 20.21
N ASN D 89 37.42 28.57 20.39
CA ASN D 89 36.99 29.44 19.30
C ASN D 89 38.04 30.50 19.00
N LYS D 90 38.60 31.14 20.02
CA LYS D 90 39.66 32.12 19.81
C LYS D 90 40.84 31.51 19.08
N GLU D 91 41.19 30.26 19.42
CA GLU D 91 42.35 29.62 18.81
C GLU D 91 42.10 29.27 17.34
N ILE D 92 40.90 28.81 17.02
CA ILE D 92 40.61 28.51 15.62
C ILE D 92 40.55 29.78 14.81
N ASP D 93 40.08 30.89 15.40
CA ASP D 93 40.06 32.17 14.71
C ASP D 93 41.47 32.66 14.40
N THR D 94 42.34 32.64 15.39
CA THR D 94 43.68 33.16 15.17
C THR D 94 44.55 32.18 14.39
N THR D 95 44.60 30.92 14.81
CA THR D 95 45.58 29.98 14.30
C THR D 95 44.98 28.90 13.39
N SER D 96 43.71 29.02 13.01
CA SER D 96 43.05 28.05 12.13
C SER D 96 42.98 26.64 12.71
N THR D 97 43.52 26.42 13.91
CA THR D 97 43.40 25.14 14.60
C THR D 97 43.29 25.42 16.09
N TYR D 98 43.46 24.38 16.91
CA TYR D 98 43.45 24.56 18.35
C TYR D 98 44.11 23.36 19.00
N GLN D 99 44.48 23.51 20.26
CA GLN D 99 45.23 22.50 20.99
C GLN D 99 44.36 21.92 22.09
N LEU D 100 44.41 20.60 22.21
CA LEU D 100 43.69 19.91 23.27
C LEU D 100 44.43 20.06 24.59
N LYS D 101 43.67 20.27 25.67
CA LYS D 101 44.23 20.09 27.00
C LYS D 101 44.64 18.63 27.19
N ASP D 102 45.50 18.36 28.17
CA ASP D 102 45.90 16.98 28.40
C ASP D 102 44.71 16.10 28.80
N THR D 103 43.81 16.62 29.63
CA THR D 103 42.66 15.82 30.05
C THR D 103 41.79 15.42 28.86
N GLU D 104 41.58 16.36 27.93
CA GLU D 104 40.83 16.09 26.71
C GLU D 104 41.55 15.09 25.84
N LEU D 105 42.88 15.13 25.82
CA LEU D 105 43.64 14.20 24.99
C LEU D 105 43.56 12.79 25.53
N ILE D 106 43.67 12.64 26.86
CA ILE D 106 43.49 11.34 27.49
C ILE D 106 42.07 10.83 27.25
N TYR D 107 41.07 11.69 27.48
CA TYR D 107 39.68 11.34 27.25
C TYR D 107 39.45 10.91 25.81
N GLY D 108 39.93 11.71 24.85
CA GLY D 108 39.72 11.40 23.45
C GLY D 108 40.36 10.08 23.04
N ALA D 109 41.59 9.84 23.48
CA ALA D 109 42.26 8.60 23.13
C ALA D 109 41.48 7.40 23.64
N LYS D 110 40.99 7.48 24.86
CA LYS D 110 40.28 6.35 25.45
C LYS D 110 38.95 6.14 24.76
N HIS D 111 38.28 7.22 24.38
CA HIS D 111 36.99 7.09 23.73
C HIS D 111 37.11 6.70 22.27
N ALA D 112 38.24 6.99 21.62
CA ALA D 112 38.45 6.43 20.28
C ALA D 112 38.57 4.92 20.35
N TRP D 113 39.18 4.42 21.42
CA TRP D 113 39.23 2.97 21.58
C TRP D 113 37.85 2.44 21.90
N ARG D 114 37.10 3.19 22.71
CA ARG D 114 35.77 2.76 23.09
C ARG D 114 34.84 2.69 21.89
N ASN D 115 35.04 3.57 20.92
CA ASN D 115 34.22 3.68 19.72
C ASN D 115 34.77 2.86 18.56
N ALA D 116 35.88 2.15 18.77
CA ALA D 116 36.42 1.22 17.77
C ALA D 116 35.44 0.06 17.57
N SER D 117 34.69 0.10 16.48
CA SER D 117 33.67 -0.93 16.29
CA SER D 117 33.67 -0.93 16.24
C SER D 117 34.28 -2.31 16.03
N ARG D 118 35.47 -2.39 15.46
CA ARG D 118 36.08 -3.66 15.11
C ARG D 118 36.87 -4.29 16.24
N CYS D 119 36.97 -3.64 17.39
CA CYS D 119 37.83 -4.13 18.46
C CYS D 119 37.01 -4.94 19.46
N VAL D 120 37.33 -6.22 19.55
CA VAL D 120 36.78 -7.10 20.58
C VAL D 120 37.42 -6.93 21.95
N GLY D 121 38.53 -6.22 22.07
CA GLY D 121 39.13 -6.14 23.38
C GLY D 121 38.70 -4.94 24.20
N ARG D 122 37.62 -4.27 23.80
CA ARG D 122 37.27 -2.97 24.33
C ARG D 122 36.86 -2.97 25.81
N ILE D 123 36.70 -4.12 26.48
CA ILE D 123 36.35 -4.09 27.89
C ILE D 123 37.41 -3.38 28.74
N GLN D 124 38.57 -3.12 28.17
CA GLN D 124 39.70 -2.53 28.85
C GLN D 124 39.87 -1.05 28.55
N TRP D 125 38.96 -0.48 27.74
CA TRP D 125 39.19 0.85 27.15
C TRP D 125 39.59 1.92 28.18
N SER D 126 38.98 1.91 29.37
CA SER D 126 39.31 2.97 30.33
C SER D 126 40.67 2.76 30.99
N LYS D 127 41.30 1.60 30.80
CA LYS D 127 42.59 1.32 31.39
C LYS D 127 43.66 1.45 30.31
N LEU D 128 43.84 2.67 29.83
CA LEU D 128 44.71 2.94 28.70
C LEU D 128 45.74 3.98 29.11
N GLN D 129 47.01 3.61 29.04
CA GLN D 129 48.06 4.58 29.29
C GLN D 129 48.17 5.47 28.06
N VAL D 130 48.08 6.77 28.26
CA VAL D 130 48.26 7.73 27.18
C VAL D 130 49.62 8.40 27.37
N PHE D 131 50.41 8.43 26.30
CA PHE D 131 51.72 9.06 26.32
C PHE D 131 51.68 10.27 25.40
N ASP D 132 51.60 11.46 26.02
CA ASP D 132 51.48 12.72 25.30
C ASP D 132 52.82 13.07 24.66
N ALA D 133 52.88 13.01 23.35
CA ALA D 133 54.13 13.20 22.62
C ALA D 133 54.02 14.37 21.67
N ARG D 134 53.15 15.31 22.00
CA ARG D 134 52.88 16.41 21.09
C ARG D 134 53.98 17.45 21.08
N ASP D 135 55.01 17.30 21.90
CA ASP D 135 56.15 18.21 21.87
C ASP D 135 57.26 17.72 20.97
N CYS D 136 57.07 16.56 20.35
CA CYS D 136 58.10 15.91 19.55
C CYS D 136 58.32 16.67 18.25
N THR D 137 59.57 16.71 17.79
CA THR D 137 59.91 17.48 16.60
C THR D 137 60.69 16.71 15.55
N THR D 138 61.19 15.50 15.87
CA THR D 138 62.18 14.83 15.04
C THR D 138 61.96 13.34 15.04
N ALA D 139 62.46 12.69 14.00
CA ALA D 139 62.45 11.24 13.93
C ALA D 139 63.10 10.63 15.17
N HIS D 140 64.32 11.07 15.51
CA HIS D 140 65.00 10.58 16.70
C HIS D 140 64.11 10.71 17.93
N GLY D 141 63.46 11.86 18.11
CA GLY D 141 62.56 12.02 19.25
C GLY D 141 61.41 11.02 19.22
N MET D 142 60.76 10.88 18.06
CA MET D 142 59.80 9.81 17.88
C MET D 142 60.37 8.48 18.32
N PHE D 143 61.59 8.17 17.86
CA PHE D 143 62.18 6.87 18.19
C PHE D 143 62.33 6.69 19.68
N ASN D 144 62.70 7.76 20.37
CA ASN D 144 62.76 7.71 21.82
C ASN D 144 61.38 7.53 22.43
N TYR D 145 60.38 8.27 21.92
CA TYR D 145 59.03 8.16 22.46
C TYR D 145 58.48 6.75 22.27
N ILE D 146 58.77 6.13 21.14
CA ILE D 146 58.24 4.80 20.84
C ILE D 146 58.99 3.74 21.63
N CYS D 147 60.29 3.91 21.77
CA CYS D 147 61.06 2.95 22.55
C CYS D 147 60.50 2.85 23.96
N ASN D 148 60.22 4.00 24.58
CA ASN D 148 59.67 4.00 25.92
C ASN D 148 58.27 3.39 25.95
N HIS D 149 57.51 3.53 24.86
CA HIS D 149 56.17 2.95 24.79
C HIS D 149 56.27 1.43 24.82
N VAL D 150 57.18 0.86 24.03
CA VAL D 150 57.33 -0.58 24.01
C VAL D 150 57.81 -1.11 25.36
N LYS D 151 58.76 -0.39 25.97
CA LYS D 151 59.24 -0.81 27.28
C LYS D 151 58.10 -0.86 28.28
N TYR D 152 57.33 0.22 28.37
CA TYR D 152 56.20 0.25 29.28
C TYR D 152 55.18 -0.85 28.94
N ALA D 153 54.69 -0.85 27.71
CA ALA D 153 53.65 -1.80 27.30
C ALA D 153 54.09 -3.23 27.52
N THR D 154 55.36 -3.56 27.21
CA THR D 154 55.78 -4.95 27.29
C THR D 154 55.88 -5.43 28.73
N ASN D 155 56.60 -4.69 29.58
CA ASN D 155 56.54 -4.87 31.03
C ASN D 155 56.89 -6.31 31.42
N LYS D 156 57.96 -6.83 30.83
CA LYS D 156 58.43 -8.19 31.12
C LYS D 156 57.33 -9.26 30.93
N GLY D 157 56.49 -9.08 29.92
CA GLY D 157 55.48 -10.04 29.59
C GLY D 157 54.10 -9.75 30.15
N ASN D 158 54.02 -8.92 31.18
CA ASN D 158 52.74 -8.55 31.76
C ASN D 158 52.20 -7.34 31.03
N LEU D 159 51.65 -7.56 29.85
CA LEU D 159 51.43 -6.46 28.92
C LEU D 159 50.41 -5.46 29.44
N ARG D 160 50.57 -4.21 28.98
CA ARG D 160 49.77 -3.10 29.44
C ARG D 160 49.39 -2.25 28.25
N SER D 161 48.12 -1.88 28.16
CA SER D 161 47.67 -1.11 27.01
C SER D 161 48.31 0.27 27.00
N ALA D 162 48.62 0.76 25.81
CA ALA D 162 49.20 2.09 25.77
C ALA D 162 49.07 2.68 24.39
N ILE D 163 49.04 4.02 24.35
CA ILE D 163 49.10 4.76 23.10
C ILE D 163 50.07 5.94 23.24
N THR D 164 50.83 6.21 22.18
CA THR D 164 51.65 7.40 22.10
C THR D 164 51.14 8.31 20.99
N ILE D 165 50.86 9.56 21.34
CA ILE D 165 50.20 10.49 20.45
C ILE D 165 51.16 11.62 20.08
N PHE D 166 51.53 11.68 18.81
CA PHE D 166 52.48 12.64 18.26
C PHE D 166 51.74 13.85 17.72
N PRO D 167 52.47 14.91 17.33
CA PRO D 167 51.78 16.17 16.99
C PRO D 167 50.77 16.03 15.88
N GLN D 168 49.68 16.76 16.02
CA GLN D 168 48.56 16.67 15.11
C GLN D 168 48.87 17.31 13.77
N ARG D 169 48.10 16.89 12.77
CA ARG D 169 48.19 17.45 11.43
C ARG D 169 47.99 18.96 11.49
N THR D 170 48.51 19.66 10.49
CA THR D 170 48.44 21.12 10.45
C THR D 170 48.00 21.58 9.08
N ASP D 171 48.94 21.74 8.17
CA ASP D 171 48.62 22.06 6.78
C ASP D 171 48.53 20.83 5.89
N GLY D 172 48.78 19.63 6.44
CA GLY D 172 48.90 18.41 5.66
C GLY D 172 50.29 18.16 5.12
N LYS D 173 51.02 19.23 4.81
CA LYS D 173 52.38 19.12 4.31
C LYS D 173 53.41 18.84 5.40
N HIS D 174 52.99 18.62 6.65
CA HIS D 174 53.96 18.45 7.73
C HIS D 174 53.59 17.31 8.67
N ASP D 175 52.94 16.26 8.17
CA ASP D 175 52.45 15.18 9.03
C ASP D 175 53.58 14.47 9.75
N PHE D 176 53.25 13.95 10.94
CA PHE D 176 54.02 12.89 11.59
C PHE D 176 53.38 11.56 11.22
N ARG D 177 54.20 10.60 10.79
CA ARG D 177 53.72 9.26 10.50
C ARG D 177 54.71 8.24 11.03
N VAL D 178 54.16 7.16 11.56
CA VAL D 178 54.90 5.90 11.64
C VAL D 178 54.63 5.14 10.35
N TRP D 179 55.68 4.87 9.59
CA TRP D 179 55.50 4.18 8.32
C TRP D 179 55.28 2.70 8.51
N ASN D 180 55.70 2.15 9.64
CA ASN D 180 55.41 0.77 10.00
C ASN D 180 53.92 0.59 10.22
N SER D 181 53.37 -0.55 9.78
CA SER D 181 51.96 -0.78 10.06
C SER D 181 51.74 -1.31 11.46
N GLN D 182 52.70 -2.06 11.99
CA GLN D 182 52.78 -2.28 13.44
C GLN D 182 54.19 -1.95 13.92
N LEU D 183 54.33 -1.56 15.19
CA LEU D 183 55.66 -1.23 15.70
C LEU D 183 56.61 -2.43 15.62
N ILE D 184 56.10 -3.63 15.87
CA ILE D 184 56.93 -4.83 15.77
C ILE D 184 56.28 -5.77 14.76
N ARG D 185 56.88 -5.87 13.56
CA ARG D 185 56.56 -6.90 12.57
C ARG D 185 57.83 -7.55 12.06
N TYR D 186 57.68 -8.74 11.48
CA TYR D 186 58.77 -9.47 10.86
C TYR D 186 58.89 -9.10 9.38
N ALA D 187 60.09 -9.28 8.84
CA ALA D 187 60.37 -8.85 7.49
C ALA D 187 60.00 -9.95 6.51
N GLY D 188 59.71 -9.54 5.29
CA GLY D 188 59.43 -10.48 4.21
C GLY D 188 60.31 -10.17 3.03
N TYR D 189 60.85 -11.23 2.41
CA TYR D 189 61.76 -11.07 1.29
C TYR D 189 61.29 -11.99 0.20
N LYS D 190 61.04 -11.42 -0.98
CA LYS D 190 60.69 -12.24 -2.13
C LYS D 190 61.99 -12.78 -2.73
N GLN D 191 61.97 -14.06 -3.05
CA GLN D 191 63.11 -14.75 -3.64
C GLN D 191 62.99 -14.76 -5.16
N PRO D 192 64.13 -14.88 -5.87
CA PRO D 192 64.11 -14.86 -7.34
C PRO D 192 63.22 -15.94 -7.93
N ASP D 193 63.04 -17.01 -7.17
CA ASP D 193 62.27 -18.17 -7.59
C ASP D 193 60.80 -18.11 -7.18
N GLY D 194 60.33 -16.98 -6.66
CA GLY D 194 58.93 -16.81 -6.34
C GLY D 194 58.53 -17.14 -4.91
N SER D 195 59.38 -17.86 -4.18
CA SER D 195 59.09 -18.09 -2.77
C SER D 195 59.30 -16.81 -1.96
N THR D 196 58.89 -16.85 -0.71
CA THR D 196 58.98 -15.73 0.21
C THR D 196 59.65 -16.20 1.49
N LEU D 197 60.63 -15.43 1.97
CA LEU D 197 61.29 -15.71 3.23
C LEU D 197 60.78 -14.71 4.25
N GLY D 198 60.35 -15.22 5.40
CA GLY D 198 59.70 -14.34 6.38
C GLY D 198 58.22 -14.11 6.07
N ASP D 199 57.72 -12.95 6.51
CA ASP D 199 56.29 -12.65 6.49
C ASP D 199 55.90 -12.05 5.15
N PRO D 200 55.11 -12.73 4.33
CA PRO D 200 54.78 -12.18 3.00
C PRO D 200 53.99 -10.88 3.06
N ALA D 201 53.25 -10.64 4.14
CA ALA D 201 52.48 -9.42 4.28
C ALA D 201 53.33 -8.17 4.28
N ASN D 202 54.62 -8.28 4.59
CA ASN D 202 55.49 -7.12 4.77
C ASN D 202 56.59 -7.05 3.72
N VAL D 203 56.43 -7.77 2.60
CA VAL D 203 57.44 -7.74 1.55
C VAL D 203 57.63 -6.32 1.04
N GLN D 204 56.51 -5.62 0.76
CA GLN D 204 56.63 -4.26 0.24
C GLN D 204 57.36 -3.37 1.24
N PHE D 205 56.94 -3.40 2.50
CA PHE D 205 57.56 -2.51 3.49
C PHE D 205 59.01 -2.87 3.72
N THR D 206 59.37 -4.15 3.60
CA THR D 206 60.76 -4.55 3.74
C THR D 206 61.63 -3.94 2.65
N GLU D 207 61.15 -3.91 1.40
CA GLU D 207 61.91 -3.27 0.33
C GLU D 207 62.13 -1.79 0.60
N ILE D 208 61.06 -1.10 1.03
CA ILE D 208 61.16 0.32 1.38
C ILE D 208 62.31 0.51 2.35
N CYS D 209 62.39 -0.35 3.36
CA CYS D 209 63.46 -0.22 4.35
C CYS D 209 64.82 -0.48 3.73
N ILE D 210 64.96 -1.60 3.04
CA ILE D 210 66.20 -1.93 2.36
C ILE D 210 66.63 -0.75 1.49
N GLN D 211 65.68 -0.22 0.72
CA GLN D 211 65.98 0.92 -0.15
C GLN D 211 66.45 2.11 0.65
N GLN D 212 65.84 2.36 1.81
CA GLN D 212 66.22 3.45 2.68
C GLN D 212 67.55 3.22 3.41
N GLY D 213 68.24 2.10 3.17
CA GLY D 213 69.52 1.85 3.80
C GLY D 213 69.55 0.71 4.79
N TRP D 214 68.41 0.17 5.16
CA TRP D 214 68.37 -0.98 6.07
C TRP D 214 69.15 -2.15 5.50
N LYS D 215 70.09 -2.66 6.27
CA LYS D 215 70.82 -3.84 5.87
C LYS D 215 70.19 -5.05 6.54
N PRO D 216 69.57 -5.95 5.80
CA PRO D 216 68.69 -6.94 6.41
C PRO D 216 69.42 -8.23 6.70
N PRO D 217 69.05 -8.90 7.79
CA PRO D 217 69.61 -10.23 8.06
C PRO D 217 69.16 -11.30 7.10
N ARG D 218 68.14 -11.03 6.28
CA ARG D 218 67.56 -12.00 5.34
C ARG D 218 67.30 -13.33 6.05
N GLY D 219 66.44 -13.25 7.07
CA GLY D 219 66.05 -14.41 7.85
C GLY D 219 64.53 -14.48 7.97
N ARG D 220 64.08 -15.50 8.69
CA ARG D 220 62.66 -15.80 8.77
C ARG D 220 61.89 -14.93 9.77
N PHE D 221 62.58 -14.33 10.75
CA PHE D 221 61.92 -13.51 11.77
C PHE D 221 62.80 -12.31 12.12
N ASP D 222 63.07 -11.48 11.11
CA ASP D 222 63.82 -10.25 11.35
C ASP D 222 62.84 -9.16 11.77
N VAL D 223 62.96 -8.70 13.02
CA VAL D 223 62.16 -7.54 13.46
C VAL D 223 62.50 -6.35 12.58
N LEU D 224 61.49 -5.73 11.99
CA LEU D 224 61.77 -4.70 11.01
C LEU D 224 62.19 -3.40 11.70
N PRO D 225 62.97 -2.56 11.02
CA PRO D 225 63.28 -1.25 11.60
C PRO D 225 62.04 -0.37 11.64
N LEU D 226 61.99 0.50 12.64
CA LEU D 226 61.03 1.58 12.60
C LEU D 226 61.42 2.57 11.50
N LEU D 227 60.41 3.05 10.79
CA LEU D 227 60.58 4.09 9.77
C LEU D 227 59.74 5.26 10.24
N LEU D 228 60.37 6.30 10.74
CA LEU D 228 59.63 7.36 11.41
C LEU D 228 59.72 8.66 10.63
N GLN D 229 58.59 9.33 10.55
CA GLN D 229 58.48 10.59 9.84
C GLN D 229 57.98 11.66 10.80
N ALA D 230 58.69 12.79 10.84
CA ALA D 230 58.35 13.90 11.71
C ALA D 230 58.24 15.17 10.87
N ASN D 231 57.17 15.92 11.09
CA ASN D 231 56.99 17.25 10.49
C ASN D 231 57.10 17.23 8.97
N GLY D 232 56.62 16.15 8.34
CA GLY D 232 56.57 16.05 6.90
C GLY D 232 57.90 15.81 6.23
N ASN D 233 58.94 15.54 7.00
CA ASN D 233 60.25 15.31 6.43
C ASN D 233 60.41 13.84 6.07
N ASP D 234 61.38 13.57 5.21
CA ASP D 234 61.64 12.21 4.76
C ASP D 234 61.74 11.34 6.01
N PRO D 235 61.27 10.11 5.95
CA PRO D 235 61.32 9.24 7.13
C PRO D 235 62.72 8.72 7.38
N GLU D 236 62.94 8.23 8.59
CA GLU D 236 64.29 7.85 9.02
C GLU D 236 64.27 6.51 9.74
N LEU D 237 65.33 5.74 9.55
CA LEU D 237 65.41 4.37 10.05
C LEU D 237 66.03 4.31 11.43
N PHE D 238 65.40 3.54 12.32
CA PHE D 238 65.95 3.22 13.62
C PHE D 238 65.66 1.77 13.94
N GLN D 239 66.65 1.06 14.48
CA GLN D 239 66.48 -0.31 14.92
C GLN D 239 66.08 -0.34 16.39
N ILE D 240 64.88 -0.85 16.67
CA ILE D 240 64.45 -1.09 18.05
C ILE D 240 65.54 -1.89 18.73
N PRO D 241 65.92 -1.53 19.96
CA PRO D 241 66.87 -2.31 20.71
C PRO D 241 66.34 -3.71 20.95
N PRO D 242 67.09 -4.74 20.57
CA PRO D 242 66.54 -6.11 20.59
C PRO D 242 66.01 -6.51 21.96
N GLU D 243 66.60 -5.95 23.01
CA GLU D 243 66.22 -6.28 24.39
C GLU D 243 64.82 -5.79 24.73
N LEU D 244 64.27 -4.87 23.95
CA LEU D 244 62.93 -4.37 24.19
C LEU D 244 61.86 -5.15 23.43
N VAL D 245 62.24 -6.11 22.59
CA VAL D 245 61.34 -6.84 21.72
C VAL D 245 61.16 -8.21 22.35
N LEU D 246 60.10 -8.37 23.13
CA LEU D 246 59.83 -9.66 23.74
C LEU D 246 59.27 -10.60 22.68
N GLU D 247 59.80 -11.81 22.61
CA GLU D 247 59.37 -12.81 21.64
C GLU D 247 59.07 -14.13 22.34
N VAL D 248 58.21 -14.93 21.72
CA VAL D 248 57.76 -16.18 22.32
C VAL D 248 58.04 -17.33 21.37
N PRO D 249 58.96 -18.23 21.69
CA PRO D 249 59.12 -19.42 20.85
C PRO D 249 57.89 -20.30 20.98
N ILE D 250 57.42 -20.84 19.85
CA ILE D 250 56.14 -21.52 19.80
C ILE D 250 56.37 -23.03 19.84
N ARG D 251 55.88 -23.67 20.90
CA ARG D 251 55.95 -25.11 21.04
C ARG D 251 54.55 -25.64 21.38
N HIS D 252 54.41 -26.97 21.33
CA HIS D 252 53.09 -27.55 21.53
C HIS D 252 53.08 -28.45 22.77
N PRO D 253 52.00 -28.42 23.56
CA PRO D 253 51.95 -29.25 24.78
C PRO D 253 52.10 -30.72 24.52
N LYS D 254 51.78 -31.20 23.33
CA LYS D 254 51.67 -32.63 23.10
C LYS D 254 52.55 -33.14 21.98
N PHE D 255 52.82 -32.33 20.96
CA PHE D 255 53.65 -32.71 19.83
C PHE D 255 55.06 -32.19 20.06
N GLU D 256 56.00 -33.08 20.33
CA GLU D 256 57.38 -32.65 20.57
C GLU D 256 57.99 -32.05 19.31
N TRP D 257 57.52 -32.49 18.14
CA TRP D 257 58.04 -31.99 16.88
C TRP D 257 57.67 -30.54 16.61
N PHE D 258 56.78 -29.95 17.40
CA PHE D 258 56.29 -28.61 17.04
C PHE D 258 57.41 -27.59 17.13
N LYS D 259 58.20 -27.64 18.21
CA LYS D 259 59.31 -26.72 18.35
C LYS D 259 60.26 -26.82 17.15
N ASP D 260 60.32 -27.99 16.50
CA ASP D 260 61.19 -28.17 15.35
C ASP D 260 60.73 -27.38 14.13
N LEU D 261 59.53 -26.82 14.15
CA LEU D 261 59.14 -25.85 13.13
C LEU D 261 59.88 -24.54 13.30
N GLY D 262 60.55 -24.34 14.44
CA GLY D 262 61.37 -23.17 14.67
C GLY D 262 60.60 -21.88 14.66
N LEU D 263 59.35 -21.90 15.06
CA LEU D 263 58.49 -20.75 14.96
C LEU D 263 58.54 -19.93 16.25
N LYS D 264 58.25 -18.65 16.09
CA LYS D 264 58.13 -17.75 17.23
C LYS D 264 57.30 -16.57 16.80
N TRP D 265 56.82 -15.81 17.78
CA TRP D 265 56.12 -14.58 17.46
C TRP D 265 56.43 -13.57 18.56
N TYR D 266 56.28 -12.29 18.21
CA TYR D 266 56.50 -11.23 19.18
C TYR D 266 55.28 -11.10 20.09
N GLY D 267 55.51 -10.61 21.30
CA GLY D 267 54.46 -10.54 22.30
C GLY D 267 53.58 -9.32 22.28
N LEU D 268 53.97 -8.28 21.55
CA LEU D 268 53.30 -6.98 21.65
C LEU D 268 52.68 -6.60 20.32
N PRO D 269 51.35 -6.59 20.22
CA PRO D 269 50.70 -6.13 18.99
C PRO D 269 50.45 -4.65 19.13
N ALA D 270 50.69 -3.92 18.05
CA ALA D 270 50.84 -2.47 18.22
C ALA D 270 50.57 -1.78 16.88
N VAL D 271 49.32 -1.38 16.67
CA VAL D 271 48.96 -0.74 15.40
C VAL D 271 49.57 0.65 15.34
N SER D 272 50.20 0.97 14.21
CA SER D 272 50.86 2.26 14.06
C SER D 272 50.49 3.03 12.81
N ASN D 273 49.60 2.50 11.94
CA ASN D 273 49.29 3.18 10.70
C ASN D 273 48.01 3.97 10.76
N MET D 274 47.37 4.04 11.92
CA MET D 274 46.04 4.64 11.93
C MET D 274 46.10 6.07 12.43
N LEU D 275 44.95 6.72 12.35
CA LEU D 275 44.81 8.14 12.54
C LEU D 275 43.79 8.33 13.64
N LEU D 276 44.17 9.05 14.70
CA LEU D 276 43.30 9.35 15.82
C LEU D 276 42.64 10.70 15.59
N GLU D 277 41.32 10.69 15.49
CA GLU D 277 40.54 11.90 15.24
C GLU D 277 39.89 12.30 16.56
N ILE D 278 40.06 13.56 16.95
CA ILE D 278 39.55 14.07 18.21
C ILE D 278 39.19 15.52 17.96
N GLY D 279 37.93 15.87 18.19
CA GLY D 279 37.49 17.24 18.05
C GLY D 279 37.78 17.87 16.71
N GLY D 280 37.94 17.06 15.67
CA GLY D 280 38.31 17.57 14.38
C GLY D 280 39.79 17.59 14.16
N LEU D 281 40.57 17.38 15.22
CA LEU D 281 42.01 17.31 15.09
C LEU D 281 42.43 15.91 14.68
N GLU D 282 43.33 15.83 13.72
CA GLU D 282 43.79 14.54 13.22
C GLU D 282 45.20 14.26 13.73
N PHE D 283 45.37 13.14 14.42
CA PHE D 283 46.69 12.69 14.87
C PHE D 283 47.16 11.59 13.95
N SER D 284 47.91 12.01 12.92
CA SER D 284 48.36 11.08 11.88
C SER D 284 49.34 10.05 12.41
N ALA D 285 49.88 10.21 13.61
CA ALA D 285 50.78 9.21 14.15
C ALA D 285 50.44 9.02 15.62
N CYS D 286 49.92 7.84 15.95
CA CYS D 286 49.36 7.52 17.26
C CYS D 286 49.47 6.05 17.63
N PRO D 287 50.64 5.43 17.55
CA PRO D 287 50.70 3.98 17.78
C PRO D 287 50.12 3.59 19.13
N PHE D 288 49.25 2.58 19.12
CA PHE D 288 48.63 2.02 20.32
C PHE D 288 48.90 0.53 20.41
N SER D 289 48.99 0.02 21.63
CA SER D 289 49.31 -1.39 21.79
C SER D 289 48.43 -2.01 22.86
N GLY D 290 48.30 -3.33 22.79
CA GLY D 290 47.50 -4.08 23.74
C GLY D 290 48.16 -5.40 24.01
N TRP D 291 47.36 -6.46 24.11
CA TRP D 291 47.89 -7.80 24.05
C TRP D 291 47.11 -8.62 23.01
N TYR D 292 47.68 -9.76 22.64
CA TYR D 292 47.19 -10.54 21.51
C TYR D 292 46.01 -11.40 21.91
N MET D 293 45.01 -11.42 21.05
CA MET D 293 44.10 -12.56 21.01
C MET D 293 44.77 -13.67 20.19
N GLY D 294 44.61 -14.91 20.64
CA GLY D 294 45.47 -15.97 20.16
C GLY D 294 45.32 -16.23 18.66
N THR D 295 44.08 -16.12 18.15
CA THR D 295 43.78 -16.40 16.75
C THR D 295 44.37 -15.39 15.81
N GLU D 296 44.73 -14.19 16.31
CA GLU D 296 45.42 -13.22 15.46
C GLU D 296 46.72 -13.80 14.94
N ILE D 297 47.47 -14.48 15.81
CA ILE D 297 48.69 -15.17 15.39
C ILE D 297 48.35 -16.55 14.86
N GLY D 298 47.53 -17.29 15.62
CA GLY D 298 47.36 -18.71 15.35
C GLY D 298 46.66 -18.98 14.03
N VAL D 299 45.71 -18.14 13.66
CA VAL D 299 44.86 -18.34 12.48
C VAL D 299 45.31 -17.47 11.33
N ARG D 300 45.42 -16.16 11.58
CA ARG D 300 45.70 -15.22 10.49
C ARG D 300 47.20 -15.14 10.17
N ASP D 301 48.04 -14.86 11.18
CA ASP D 301 49.47 -14.64 10.95
C ASP D 301 50.17 -15.90 10.46
N TYR D 302 49.71 -17.09 10.86
CA TYR D 302 50.36 -18.34 10.53
C TYR D 302 49.70 -19.16 9.43
N CYS D 303 48.39 -18.98 9.20
CA CYS D 303 47.60 -19.91 8.39
C CYS D 303 46.88 -19.29 7.22
N ASP D 304 46.61 -17.98 7.24
CA ASP D 304 46.29 -17.24 6.03
C ASP D 304 47.23 -17.64 4.89
N ASN D 305 46.64 -17.90 3.72
CA ASN D 305 47.40 -18.40 2.58
C ASN D 305 48.42 -17.39 2.09
N SER D 306 48.14 -16.09 2.19
CA SER D 306 49.09 -15.04 1.85
C SER D 306 49.95 -14.59 3.05
N ARG D 307 50.10 -15.44 4.07
CA ARG D 307 50.95 -15.14 5.23
C ARG D 307 52.01 -16.21 5.46
N TYR D 308 52.22 -16.64 6.72
CA TYR D 308 53.28 -17.61 6.97
C TYR D 308 52.92 -18.98 6.42
N ASN D 309 51.63 -19.31 6.39
CA ASN D 309 51.05 -20.45 5.65
C ASN D 309 51.75 -21.78 5.98
N ILE D 310 51.64 -22.17 7.26
CA ILE D 310 52.24 -23.41 7.73
C ILE D 310 51.23 -24.54 7.89
N LEU D 311 49.97 -24.31 7.54
CA LEU D 311 49.00 -25.39 7.55
C LEU D 311 49.53 -26.61 6.81
N GLU D 312 50.11 -26.40 5.62
CA GLU D 312 50.65 -27.52 4.85
C GLU D 312 51.67 -28.31 5.68
N GLU D 313 52.64 -27.61 6.27
CA GLU D 313 53.68 -28.29 7.02
C GLU D 313 53.12 -28.94 8.28
N VAL D 314 52.26 -28.24 9.01
CA VAL D 314 51.78 -28.75 10.30
C VAL D 314 50.93 -29.98 10.09
N ALA D 315 50.04 -29.92 9.10
CA ALA D 315 49.27 -31.10 8.71
C ALA D 315 50.19 -32.24 8.30
N LYS D 316 51.30 -31.91 7.62
CA LYS D 316 52.22 -32.95 7.16
C LYS D 316 52.86 -33.65 8.35
N LYS D 317 53.29 -32.89 9.36
CA LYS D 317 53.77 -33.46 10.61
C LYS D 317 52.66 -34.18 11.37
N MET D 318 51.41 -33.85 11.11
CA MET D 318 50.32 -34.49 11.85
C MET D 318 49.84 -35.79 11.20
N ASN D 319 50.50 -36.25 10.15
CA ASN D 319 50.08 -37.43 9.37
C ASN D 319 48.59 -37.35 9.04
N LEU D 320 48.21 -36.25 8.40
CA LEU D 320 46.85 -36.00 7.95
C LEU D 320 46.69 -36.36 6.47
N ASP D 321 45.46 -36.66 6.07
CA ASP D 321 45.16 -36.94 4.67
C ASP D 321 44.90 -35.61 3.99
N MET D 322 45.81 -35.20 3.12
CA MET D 322 45.74 -33.89 2.50
C MET D 322 45.27 -33.95 1.05
N ARG D 323 44.63 -35.04 0.65
CA ARG D 323 44.07 -35.21 -0.69
C ARG D 323 42.69 -34.56 -0.82
N LYS D 324 41.74 -34.96 0.02
CA LYS D 324 40.41 -34.38 0.04
C LYS D 324 40.32 -33.32 1.12
N THR D 325 39.64 -32.23 0.81
CA THR D 325 39.33 -31.25 1.86
C THR D 325 38.41 -31.86 2.91
N SER D 326 37.45 -32.68 2.49
CA SER D 326 36.41 -33.14 3.40
C SER D 326 36.98 -33.90 4.59
N SER D 327 38.23 -34.36 4.50
CA SER D 327 38.94 -34.84 5.70
C SER D 327 39.17 -33.72 6.71
N LEU D 328 39.04 -32.46 6.32
CA LEU D 328 39.24 -31.31 7.20
C LEU D 328 40.64 -31.32 7.82
N TRP D 329 41.66 -31.63 7.00
CA TRP D 329 43.02 -31.53 7.53
C TRP D 329 43.37 -30.08 7.88
N LYS D 330 42.94 -29.12 7.06
CA LYS D 330 43.19 -27.71 7.35
C LYS D 330 42.58 -27.28 8.67
N ASP D 331 41.28 -27.54 8.86
CA ASP D 331 40.63 -27.22 10.13
C ASP D 331 41.38 -27.86 11.29
N GLN D 332 41.73 -29.14 11.16
CA GLN D 332 42.31 -29.88 12.27
C GLN D 332 43.69 -29.33 12.64
N ALA D 333 44.46 -28.91 11.64
CA ALA D 333 45.78 -28.34 11.89
C ALA D 333 45.69 -26.92 12.41
N LEU D 334 44.59 -26.23 12.08
CA LEU D 334 44.39 -24.88 12.56
C LEU D 334 44.22 -24.86 14.08
N VAL D 335 43.44 -25.80 14.61
CA VAL D 335 43.25 -25.88 16.06
C VAL D 335 44.59 -26.08 16.75
N GLU D 336 45.35 -27.09 16.31
CA GLU D 336 46.58 -27.45 16.99
C GLU D 336 47.58 -26.31 17.00
N ILE D 337 47.64 -25.52 15.92
CA ILE D 337 48.50 -24.35 15.87
C ILE D 337 48.06 -23.31 16.87
N ASN D 338 46.75 -23.20 17.09
CA ASN D 338 46.24 -22.19 18.02
C ASN D 338 46.35 -22.65 19.47
N ILE D 339 46.33 -23.96 19.72
CA ILE D 339 46.70 -24.47 21.02
C ILE D 339 48.16 -24.17 21.30
N ALA D 340 49.02 -24.45 20.32
CA ALA D 340 50.44 -24.16 20.45
C ALA D 340 50.67 -22.70 20.82
N VAL D 341 50.09 -21.80 20.04
CA VAL D 341 50.21 -20.37 20.30
C VAL D 341 49.80 -20.05 21.74
N LEU D 342 48.61 -20.48 22.15
CA LEU D 342 48.10 -20.13 23.46
C LEU D 342 48.95 -20.75 24.56
N TYR D 343 49.31 -22.01 24.41
CA TYR D 343 50.13 -22.70 25.41
C TYR D 343 51.52 -22.07 25.53
N SER D 344 52.06 -21.57 24.43
CA SER D 344 53.41 -21.04 24.43
C SER D 344 53.47 -19.68 25.10
N PHE D 345 52.55 -18.78 24.73
CA PHE D 345 52.47 -17.48 25.38
C PHE D 345 52.18 -17.61 26.86
N GLN D 346 51.43 -18.64 27.26
CA GLN D 346 51.12 -18.85 28.67
C GLN D 346 52.31 -19.42 29.42
N SER D 347 53.03 -20.36 28.83
CA SER D 347 54.17 -20.94 29.53
C SER D 347 55.24 -19.89 29.81
N ASP D 348 55.39 -18.93 28.91
CA ASP D 348 56.36 -17.87 29.05
C ASP D 348 55.82 -16.67 29.81
N LYS D 349 54.67 -16.81 30.47
CA LYS D 349 54.09 -15.74 31.27
C LYS D 349 54.01 -14.43 30.51
N VAL D 350 53.58 -14.51 29.25
CA VAL D 350 53.35 -13.35 28.40
C VAL D 350 51.86 -13.27 28.12
N THR D 351 51.25 -12.14 28.50
CA THR D 351 49.82 -11.94 28.36
C THR D 351 49.34 -12.33 26.97
N ILE D 352 48.18 -13.00 26.93
CA ILE D 352 47.49 -13.41 25.70
C ILE D 352 46.08 -13.88 26.07
N VAL D 353 45.11 -13.74 25.15
CA VAL D 353 43.73 -14.10 25.44
C VAL D 353 43.20 -15.03 24.34
N ASP D 354 42.69 -16.19 24.72
CA ASP D 354 42.11 -17.07 23.73
C ASP D 354 40.81 -16.45 23.17
N HIS D 355 40.41 -16.90 21.97
CA HIS D 355 39.24 -16.30 21.36
C HIS D 355 37.98 -16.54 22.17
N HIS D 356 37.90 -17.63 22.92
CA HIS D 356 36.70 -17.88 23.72
C HIS D 356 36.59 -16.87 24.86
N SER D 357 37.66 -16.70 25.62
CA SER D 357 37.69 -15.71 26.71
C SER D 357 37.37 -14.31 26.18
N ALA D 358 37.96 -13.94 25.04
CA ALA D 358 37.79 -12.57 24.55
C ALA D 358 36.34 -12.27 24.20
N THR D 359 35.69 -13.19 23.49
CA THR D 359 34.33 -12.93 23.07
C THR D 359 33.39 -12.91 24.26
N GLU D 360 33.64 -13.76 25.25
CA GLU D 360 32.82 -13.77 26.46
C GLU D 360 32.88 -12.41 27.16
N SER D 361 34.09 -11.88 27.30
CA SER D 361 34.24 -10.56 27.92
CA SER D 361 34.24 -10.56 27.92
C SER D 361 33.59 -9.48 27.07
N PHE D 362 33.65 -9.63 25.75
CA PHE D 362 33.06 -8.60 24.88
C PHE D 362 31.53 -8.59 24.96
N ILE D 363 30.91 -9.74 25.17
CA ILE D 363 29.47 -9.72 25.43
C ILE D 363 29.19 -9.04 26.77
N LYS D 364 30.03 -9.30 27.76
CA LYS D 364 29.86 -8.62 29.04
C LYS D 364 30.03 -7.12 28.86
N HIS D 365 31.15 -6.70 28.28
CA HIS D 365 31.35 -5.29 27.96
C HIS D 365 30.17 -4.70 27.22
N MET D 366 29.69 -5.40 26.19
CA MET D 366 28.62 -4.86 25.34
C MET D 366 27.34 -4.60 26.12
N GLU D 367 26.93 -5.58 26.93
CA GLU D 367 25.75 -5.39 27.76
C GLU D 367 25.95 -4.24 28.74
N ASN D 368 27.17 -4.09 29.25
CA ASN D 368 27.41 -3.00 30.20
C ASN D 368 27.36 -1.64 29.51
N GLU D 369 27.92 -1.56 28.30
CA GLU D 369 27.89 -0.30 27.53
C GLU D 369 26.48 0.09 27.12
N TYR D 370 25.66 -0.87 26.67
CA TYR D 370 24.26 -0.54 26.43
C TYR D 370 23.62 -0.03 27.71
N ARG D 371 23.89 -0.70 28.82
CA ARG D 371 23.25 -0.36 30.08
C ARG D 371 23.59 1.06 30.50
N CYS D 372 24.88 1.42 30.47
CA CYS D 372 25.30 2.70 31.05
C CYS D 372 25.61 3.79 30.03
N ARG D 373 25.74 3.47 28.74
CA ARG D 373 26.04 4.44 27.70
C ARG D 373 24.98 4.52 26.62
N GLY D 374 24.10 3.51 26.51
CA GLY D 374 23.04 3.54 25.54
C GLY D 374 23.30 2.76 24.27
N GLY D 375 24.42 2.06 24.20
CA GLY D 375 24.78 1.35 23.00
C GLY D 375 26.25 1.07 22.95
N CYS D 376 26.61 0.27 21.97
CA CYS D 376 27.99 -0.15 21.75
C CYS D 376 28.09 -0.51 20.28
N PRO D 377 28.70 0.35 19.47
CA PRO D 377 28.88 0.03 18.07
C PRO D 377 29.85 -1.13 17.91
N ALA D 378 29.53 -2.02 16.99
CA ALA D 378 30.25 -3.26 16.90
C ALA D 378 30.12 -3.80 15.50
N ASP D 379 31.22 -4.33 14.99
CA ASP D 379 31.35 -4.78 13.62
C ASP D 379 31.40 -6.29 13.66
N TRP D 380 30.21 -6.91 13.57
CA TRP D 380 30.11 -8.36 13.63
C TRP D 380 31.12 -9.04 12.70
N VAL D 381 31.25 -8.54 11.47
CA VAL D 381 32.27 -9.01 10.54
C VAL D 381 33.66 -9.03 11.18
N TRP D 382 33.95 -8.09 12.06
CA TRP D 382 35.28 -8.08 12.67
C TRP D 382 35.30 -8.64 14.07
N ILE D 383 34.14 -8.69 14.74
CA ILE D 383 34.16 -9.17 16.13
C ILE D 383 34.28 -10.69 16.15
N VAL D 384 33.68 -11.36 15.18
CA VAL D 384 33.65 -12.82 15.27
C VAL D 384 35.05 -13.35 15.02
N PRO D 385 35.56 -14.21 15.88
CA PRO D 385 36.88 -14.77 15.67
C PRO D 385 36.94 -15.49 14.31
N PRO D 386 38.14 -15.54 13.72
CA PRO D 386 38.29 -16.14 12.38
C PRO D 386 38.33 -17.67 12.37
N MET D 387 38.25 -18.35 13.52
CA MET D 387 37.97 -19.78 13.58
C MET D 387 36.88 -20.03 14.60
N SER D 388 36.17 -21.16 14.44
CA SER D 388 35.18 -21.60 15.42
C SER D 388 34.19 -20.50 15.75
N GLY D 389 33.75 -19.79 14.73
CA GLY D 389 32.98 -18.58 14.95
C GLY D 389 31.70 -18.82 15.74
N SER D 390 30.94 -19.86 15.35
CA SER D 390 29.64 -20.05 15.98
C SER D 390 29.72 -20.65 17.37
N ILE D 391 30.88 -21.09 17.83
CA ILE D 391 30.92 -21.61 19.18
C ILE D 391 31.41 -20.55 20.16
N THR D 392 31.46 -19.32 19.72
CA THR D 392 31.65 -18.15 20.54
C THR D 392 30.34 -17.38 20.66
N PRO D 393 30.13 -16.67 21.77
CA PRO D 393 28.85 -15.99 21.98
C PRO D 393 28.60 -14.80 21.07
N VAL D 394 29.63 -14.22 20.45
CA VAL D 394 29.39 -12.99 19.70
C VAL D 394 28.76 -13.32 18.36
N PHE D 395 28.95 -14.56 17.89
CA PHE D 395 28.35 -15.01 16.64
C PHE D 395 26.83 -14.88 16.66
N HIS D 396 26.20 -15.22 17.78
CA HIS D 396 24.75 -15.20 17.89
C HIS D 396 24.22 -13.87 18.41
N GLN D 397 25.10 -12.90 18.57
CA GLN D 397 24.79 -11.58 19.09
C GLN D 397 24.66 -10.61 17.94
N GLU D 398 23.47 -10.03 17.77
CA GLU D 398 23.29 -8.94 16.83
C GLU D 398 24.01 -7.69 17.32
N MET D 399 24.56 -6.93 16.38
CA MET D 399 25.30 -5.70 16.69
C MET D 399 24.95 -4.63 15.67
N LEU D 400 24.91 -3.39 16.14
CA LEU D 400 24.73 -2.24 15.27
C LEU D 400 26.06 -1.55 15.03
N ASN D 401 26.31 -1.18 13.78
CA ASN D 401 27.55 -0.50 13.43
C ASN D 401 27.27 0.95 13.07
N TYR D 402 27.97 1.85 13.74
CA TYR D 402 27.86 3.28 13.48
C TYR D 402 29.13 3.93 13.97
N ARG D 403 29.49 5.06 13.34
CA ARG D 403 30.76 5.73 13.60
C ARG D 403 30.53 6.79 14.65
N LEU D 404 31.11 6.61 15.83
CA LEU D 404 31.17 7.67 16.81
C LEU D 404 32.56 8.28 16.81
N THR D 405 32.64 9.54 17.18
CA THR D 405 33.90 10.23 17.28
C THR D 405 34.11 10.69 18.73
N PRO D 406 35.36 10.69 19.24
CA PRO D 406 36.65 10.37 18.61
C PRO D 406 36.72 8.99 17.99
N SER D 407 37.49 8.86 16.92
CA SER D 407 37.60 7.57 16.27
C SER D 407 39.03 7.32 15.89
N PHE D 408 39.35 6.03 15.73
CA PHE D 408 40.51 5.61 14.96
C PHE D 408 40.06 5.41 13.53
N GLU D 409 40.87 5.92 12.62
CA GLU D 409 40.58 5.89 11.20
C GLU D 409 41.78 5.34 10.45
N TYR D 410 41.49 4.83 9.27
CA TYR D 410 42.50 4.47 8.30
C TYR D 410 42.99 5.71 7.56
N GLN D 411 44.19 5.62 7.00
CA GLN D 411 44.70 6.70 6.19
C GLN D 411 45.53 6.09 5.06
N PRO D 412 45.86 6.87 4.03
CA PRO D 412 46.72 6.33 2.98
C PRO D 412 48.08 5.94 3.53
N ASP D 413 48.63 4.87 2.94
CA ASP D 413 50.02 4.53 3.22
C ASP D 413 50.90 5.73 2.90
N PRO D 414 51.85 6.06 3.78
CA PRO D 414 52.63 7.30 3.56
C PRO D 414 53.44 7.26 2.28
N TRP D 415 53.86 6.10 1.82
CA TRP D 415 54.69 6.10 0.63
C TRP D 415 53.88 6.36 -0.64
N ASN D 416 52.56 6.35 -0.53
CA ASN D 416 51.71 6.72 -1.66
C ASN D 416 51.45 8.21 -1.73
N THR D 417 51.65 8.92 -0.62
CA THR D 417 51.40 10.35 -0.49
C THR D 417 52.66 11.20 -0.38
N HIS D 418 53.74 10.68 0.20
CA HIS D 418 54.88 11.50 0.55
C HIS D 418 55.55 12.05 -0.70
N VAL D 419 56.00 13.30 -0.61
CA VAL D 419 56.81 13.91 -1.67
C VAL D 419 58.25 13.88 -1.15
N TRP D 420 59.02 12.90 -1.63
CA TRP D 420 60.43 12.77 -1.23
C TRP D 420 61.22 14.02 -1.58
N LYS D 421 61.89 14.62 -0.57
CA LYS D 421 62.46 15.93 -0.80
C LYS D 421 63.97 15.96 -1.01
N LEU D 422 64.69 14.84 -0.78
CA LEU D 422 66.16 14.92 -0.83
C LEU D 422 66.84 13.70 -1.44
N VAL D 423 67.30 13.86 -2.70
CA VAL D 423 68.66 13.48 -3.09
C VAL D 423 69.17 14.73 -3.81
CHA HEM E . -19.39 19.84 -5.07
CHB HEM E . -17.88 21.44 -9.40
CHC HEM E . -13.59 22.19 -7.29
CHD HEM E . -14.80 19.49 -3.49
C1A HEM E . -19.40 20.33 -6.36
C2A HEM E . -20.57 20.66 -7.17
C3A HEM E . -20.16 21.11 -8.36
C4A HEM E . -18.70 21.06 -8.36
CMA HEM E . -21.02 21.59 -9.54
CAA HEM E . -22.05 20.58 -6.74
CBA HEM E . -22.25 21.94 -6.09
CGA HEM E . -23.69 22.31 -5.93
O1A HEM E . -24.47 22.24 -6.91
O2A HEM E . -24.01 22.73 -4.77
C1B HEM E . -16.58 21.85 -9.22
C2B HEM E . -15.72 22.51 -10.18
C3B HEM E . -14.54 22.70 -9.61
C4B HEM E . -14.59 22.16 -8.25
CMB HEM E . -16.08 22.93 -11.62
CAB HEM E . -13.34 23.41 -10.30
CBB HEM E . -12.11 23.41 -9.79
C1C HEM E . -13.54 21.55 -6.07
C2C HEM E . -12.43 21.61 -5.13
C3C HEM E . -12.74 20.86 -4.06
C4C HEM E . -14.08 20.32 -4.30
CMC HEM E . -11.14 22.43 -5.40
CAC HEM E . -11.93 20.60 -2.78
CBC HEM E . -10.81 21.25 -2.49
C1D HEM E . -16.18 19.41 -3.54
C2D HEM E . -17.05 18.93 -2.49
C3D HEM E . -18.31 19.04 -2.94
C4D HEM E . -18.29 19.60 -4.28
CMD HEM E . -16.60 18.41 -1.10
CAD HEM E . -19.58 18.66 -2.15
CBD HEM E . -20.25 19.96 -1.75
CGD HEM E . -21.35 19.62 -0.79
O1D HEM E . -21.42 18.42 -0.43
O2D HEM E . -22.14 20.51 -0.38
NA HEM E . -18.29 20.59 -7.12
NB HEM E . -15.86 21.66 -8.05
NC HEM E . -14.51 20.77 -5.53
ND HEM E . -16.95 19.81 -4.62
FE HEM E . -16.33 20.50 -6.42
N1 H4B F . -27.19 18.27 -6.72
C2 H4B F . -26.35 19.32 -6.54
N2 H4B F . -25.30 19.49 -7.37
N3 H4B F . -26.56 20.23 -5.55
C4 H4B F . -27.60 20.09 -4.72
O4 H4B F . -27.79 20.90 -3.79
C4A H4B F . -28.46 19.02 -4.87
C8A H4B F . -28.24 18.11 -5.90
N5 H4B F . -29.50 18.85 -4.04
N8 H4B F . -29.09 17.06 -6.06
C6 H4B F . -30.01 17.51 -3.87
C7 H4B F . -30.27 16.89 -5.22
C9 H4B F . -31.28 17.49 -3.01
O9 H4B F . -32.19 18.49 -3.47
C10 H4B F . -31.89 16.10 -3.03
C11 H4B F . -33.14 16.01 -2.15
O10 H4B F . -30.91 15.18 -2.56
C10 KL0 G . -21.66 25.56 -3.11
C02 KL0 G . -17.46 24.75 -7.34
C03 KL0 G . -16.29 24.74 -6.59
C04 KL0 G . -16.34 24.58 -5.22
C05 KL0 G . -17.58 24.44 -4.60
C06 KL0 G . -18.73 24.45 -5.40
C07 KL0 G . -15.06 24.58 -4.43
C08 KL0 G . -20.11 24.29 -4.79
C09 KL0 G . -20.26 25.34 -3.70
C12 KL0 G . -21.71 23.33 -1.95
C13 KL0 G . -23.57 24.87 -1.92
N01 KL0 G . -18.65 24.60 -6.73
N02 KL0 G . -17.42 24.91 -8.69
N11 KL0 G . -22.45 24.36 -2.72
C1 GOL H . -6.27 3.52 -1.51
O1 GOL H . -7.48 3.66 -0.80
C2 GOL H . -5.90 4.88 -2.08
O2 GOL H . -6.90 5.81 -1.76
C3 GOL H . -5.73 4.80 -3.59
O3 GOL H . -5.35 6.05 -4.13
C1 GOL I . 2.09 20.18 -4.51
O1 GOL I . 1.98 19.69 -5.83
C2 GOL I . 0.78 20.85 -4.14
O2 GOL I . 0.30 21.59 -5.23
C3 GOL I . 0.98 21.77 -2.94
O3 GOL I . 0.09 22.86 -3.02
ZN ZN J . -28.39 3.40 -2.04
N1 H4B K . -34.50 8.37 -15.48
C2 H4B K . -35.51 8.08 -16.33
N2 H4B K . -36.72 8.65 -16.17
N3 H4B K . -35.32 7.25 -17.37
C4 H4B K . -34.14 6.67 -17.57
O4 H4B K . -33.94 5.89 -18.53
C4A H4B K . -33.11 6.92 -16.71
C8A H4B K . -33.31 7.79 -15.65
N5 H4B K . -31.91 6.34 -16.91
N8 H4B K . -32.29 8.06 -14.79
C6 H4B K . -30.96 6.29 -15.82
C7 H4B K . -30.92 7.58 -15.00
C9 H4B K . -29.56 5.92 -16.30
O9 H4B K . -29.19 6.85 -17.32
C10 H4B K . -28.59 5.96 -15.13
C11 H4B K . -27.19 5.49 -15.49
O10 H4B K . -29.11 5.13 -14.09
CHA HEM L . -41.96 4.69 -15.18
CHB HEM L . -44.92 8.45 -16.04
CHC HEM L . -48.55 5.24 -15.69
CHD HEM L . -45.67 1.79 -13.99
C1A HEM L . -42.43 5.92 -15.58
C2A HEM L . -41.64 6.98 -16.14
C3A HEM L . -42.45 8.01 -16.39
C4A HEM L . -43.79 7.66 -15.97
CMA HEM L . -42.06 9.36 -17.00
CAA HEM L . -40.14 6.90 -16.47
CBA HEM L . -40.04 5.93 -17.65
CGA HEM L . -38.88 6.29 -18.54
O1A HEM L . -38.20 7.31 -18.24
O2A HEM L . -38.66 5.56 -19.55
C1B HEM L . -46.19 7.92 -16.01
C2B HEM L . -47.46 8.62 -16.17
C3B HEM L . -48.45 7.73 -16.06
C4B HEM L . -47.87 6.42 -15.83
CMB HEM L . -47.65 10.13 -16.42
CAB HEM L . -49.96 8.08 -16.19
CBB HEM L . -50.93 7.25 -15.81
C1C HEM L . -48.09 4.02 -15.23
C2C HEM L . -48.91 2.82 -15.07
C3C HEM L . -48.12 1.85 -14.59
C4C HEM L . -46.79 2.42 -14.45
CMC HEM L . -50.41 2.78 -15.43
CAC HEM L . -48.47 0.40 -14.20
CBC HEM L . -49.73 -0.02 -13.96
C1D HEM L . -44.42 2.29 -14.24
C2D HEM L . -43.22 1.53 -14.14
C3D HEM L . -42.19 2.33 -14.48
C4D HEM L . -42.72 3.63 -14.79
CMD HEM L . -43.19 0.04 -13.71
CAD HEM L . -40.69 1.99 -14.52
CBD HEM L . -40.19 1.99 -15.95
CGD HEM L . -38.94 1.16 -15.96
O1D HEM L . -38.32 0.93 -14.87
O2D HEM L . -38.56 0.72 -17.08
NA HEM L . -43.73 6.37 -15.47
NB HEM L . -46.48 6.58 -15.79
NC HEM L . -46.81 3.73 -14.84
ND HEM L . -44.10 3.59 -14.63
FE HEM L . -45.37 5.17 -14.97
C10 KL0 M . -41.13 3.07 -21.24
C02 KL0 M . -45.54 6.29 -19.41
C03 KL0 M . -46.62 5.47 -19.05
C04 KL0 M . -46.40 4.12 -18.82
C05 KL0 M . -45.12 3.62 -18.96
C06 KL0 M . -44.06 4.46 -19.32
C07 KL0 M . -47.50 3.16 -18.44
C08 KL0 M . -42.66 3.90 -19.45
C09 KL0 M . -42.17 4.12 -20.88
C12 KL0 M . -39.52 2.46 -19.57
C13 KL0 M . -38.85 3.16 -21.77
N01 KL0 M . -44.31 5.77 -19.54
N02 KL0 M . -45.69 7.62 -19.63
N11 KL0 M . -39.81 3.37 -20.68
C1 GOL N . -48.06 -2.93 3.80
O1 GOL N . -47.44 -4.18 3.58
C2 GOL N . -48.97 -2.55 2.64
O2 GOL N . -48.28 -2.68 1.42
C3 GOL N . -49.48 -1.12 2.84
O3 GOL N . -50.14 -0.69 1.67
CHA HEM O . 20.63 -20.44 3.25
CHB HEM O . 23.55 -23.87 1.49
CHC HEM O . 20.13 -24.90 -1.79
CHD HEM O . 17.72 -20.89 -0.58
C1A HEM O . 21.64 -21.37 3.16
C2A HEM O . 22.62 -21.68 4.16
C3A HEM O . 23.43 -22.63 3.68
C4A HEM O . 22.99 -22.94 2.34
CMA HEM O . 24.61 -23.30 4.40
CAA HEM O . 22.70 -21.07 5.56
CBA HEM O . 21.70 -21.90 6.35
CGA HEM O . 21.80 -21.61 7.82
O1A HEM O . 22.95 -21.61 8.33
O2A HEM O . 20.73 -21.38 8.44
C1B HEM O . 22.86 -24.51 0.48
C2B HEM O . 23.25 -25.72 -0.22
C3B HEM O . 22.33 -25.99 -1.13
C4B HEM O . 21.30 -24.96 -1.05
CMB HEM O . 24.53 -26.55 0.03
CAB HEM O . 22.40 -27.21 -2.08
CBB HEM O . 21.62 -27.33 -3.16
C1C HEM O . 19.14 -23.93 -1.72
C2C HEM O . 17.91 -23.90 -2.49
C3C HEM O . 17.23 -22.78 -2.16
C4C HEM O . 18.03 -22.09 -1.16
CMC HEM O . 17.51 -25.01 -3.49
CAC HEM O . 15.87 -22.25 -2.68
CBC HEM O . 15.15 -22.83 -3.64
C1D HEM O . 18.28 -20.46 0.57
C2D HEM O . 17.75 -19.40 1.40
C3D HEM O . 18.55 -19.29 2.47
C4D HEM O . 19.61 -20.27 2.35
CMD HEM O . 16.47 -18.58 1.09
CAD HEM O . 18.39 -18.28 3.65
CBD HEM O . 17.90 -19.08 4.86
CGD HEM O . 17.43 -18.16 5.96
O1D HEM O . 17.35 -16.92 5.72
O2D HEM O . 17.11 -18.66 7.07
NA HEM O . 21.89 -22.15 2.06
NB HEM O . 21.66 -24.07 -0.05
NC HEM O . 19.17 -22.80 -0.92
ND HEM O . 19.42 -20.96 1.16
FE HEM O . 20.70 -22.34 0.35
N1 H4B P . 25.07 -17.50 9.47
C2 H4B P . 24.43 -18.62 9.07
N2 H4B P . 24.84 -19.31 7.99
N3 H4B P . 23.40 -19.08 9.78
C4 H4B P . 22.95 -18.44 10.87
O4 H4B P . 21.98 -18.90 11.48
C4A H4B P . 23.58 -17.28 11.29
C8A H4B P . 24.66 -16.83 10.56
N5 H4B P . 23.18 -16.59 12.39
N8 H4B P . 25.30 -15.70 10.93
C6 H4B P . 23.49 -15.17 12.44
C7 H4B P . 24.95 -14.93 12.11
C9 H4B P . 23.16 -14.50 13.78
O9 H4B P . 23.67 -15.25 14.90
C10 H4B P . 23.74 -13.10 13.79
C11 H4B P . 23.44 -12.38 15.11
O10 H4B P . 23.20 -12.40 12.67
C10 KL0 Q . 17.58 -24.31 7.46
C02 KL0 Q . 20.63 -26.25 2.77
C03 KL0 Q . 19.61 -26.34 1.82
C04 KL0 Q . 18.41 -25.69 2.04
C05 KL0 Q . 18.24 -24.97 3.19
C06 KL0 Q . 19.26 -24.90 4.14
C07 KL0 Q . 17.31 -25.75 1.03
C08 KL0 Q . 19.06 -24.10 5.42
C09 KL0 Q . 18.57 -25.01 6.55
C12 KL0 Q . 17.46 -21.87 7.61
C13 KL0 Q . 17.83 -23.22 9.57
N01 KL0 Q . 20.43 -25.55 3.91
N02 KL0 Q . 21.82 -26.88 2.58
N11 KL0 Q . 18.10 -23.10 8.13
C1 GOL R . 17.45 -7.71 -13.35
O1 GOL R . 17.14 -7.50 -11.99
C2 GOL R . 17.49 -9.21 -13.62
O2 GOL R . 17.20 -9.91 -12.43
C3 GOL R . 18.89 -9.60 -14.12
O3 GOL R . 19.00 -11.02 -14.14
C1 GOL S . 12.44 -26.19 -15.58
O1 GOL S . 13.23 -25.47 -16.48
C2 GOL S . 13.30 -26.74 -14.44
O2 GOL S . 14.37 -27.50 -14.96
C3 GOL S . 12.45 -27.62 -13.53
O3 GOL S . 11.28 -26.90 -13.19
ZN ZN T . 25.17 -2.34 6.28
CHA HEM U . 41.03 -4.45 16.11
CHB HEM U . 41.91 -7.40 19.90
CHC HEM U . 43.37 -3.43 22.32
CHD HEM U . 41.91 -0.50 18.82
C1A HEM U . 41.25 -5.57 16.90
C2A HEM U . 41.24 -6.95 16.43
C3A HEM U . 41.49 -7.75 17.47
C4A HEM U . 41.64 -6.93 18.64
CMA HEM U . 41.58 -9.28 17.49
CAA HEM U . 41.04 -7.40 14.99
CBA HEM U . 42.38 -7.07 14.36
CGA HEM U . 42.64 -7.94 13.17
O1A HEM U . 41.91 -8.95 13.01
O2A HEM U . 43.60 -7.62 12.39
C1B HEM U . 42.36 -6.56 20.90
C2B HEM U . 42.67 -6.95 22.27
C3B HEM U . 43.06 -5.85 22.92
C4B HEM U . 43.03 -4.72 22.00
CMB HEM U . 42.58 -8.36 22.90
CAB HEM U . 43.49 -5.86 24.41
CBB HEM U . 43.81 -4.77 25.10
C1C HEM U . 43.17 -2.29 21.57
C2C HEM U . 43.66 -0.97 21.91
C3C HEM U . 43.26 -0.12 20.94
C4C HEM U . 42.51 -0.92 19.97
CMC HEM U . 44.48 -0.67 23.18
CAC HEM U . 43.48 1.41 20.85
CBC HEM U . 43.69 2.17 21.94
C1D HEM U . 41.59 -1.37 17.81
C2D HEM U . 41.32 -0.90 16.49
C3D HEM U . 41.08 -1.97 15.73
C4D HEM U . 41.19 -3.16 16.55
CMD HEM U . 41.35 0.59 16.13
CAD HEM U . 40.73 -1.98 14.22
CBD HEM U . 41.82 -2.68 13.43
CGD HEM U . 41.65 -2.32 11.97
O1D HEM U . 40.55 -1.83 11.59
O2D HEM U . 42.61 -2.53 11.20
NA HEM U . 41.50 -5.61 18.26
NB HEM U . 42.58 -5.19 20.76
NC HEM U . 42.50 -2.23 20.38
ND HEM U . 41.50 -2.76 17.85
FE HEM U . 41.78 -3.96 19.56
N1 H4B V . 37.87 -9.79 10.71
C2 H4B V . 39.00 -9.49 11.41
N2 H4B V . 39.00 -9.57 12.75
N3 H4B V . 40.12 -9.10 10.76
C4 H4B V . 40.14 -9.02 9.42
O4 H4B V . 41.19 -8.66 8.85
C4A H4B V . 39.00 -9.32 8.70
C8A H4B V . 37.87 -9.70 9.37
N5 H4B V . 38.97 -9.24 7.34
N8 H4B V . 36.74 -10.01 8.68
C6 H4B V . 37.68 -9.00 6.71
C7 H4B V . 36.68 -10.01 7.23
C9 H4B V . 37.74 -9.05 5.19
O9 H4B V . 38.57 -10.18 4.85
C10 H4B V . 36.34 -9.13 4.56
C11 H4B V . 36.35 -9.05 3.03
O10 H4B V . 35.54 -8.04 5.04
C10 KL0 W . 46.69 -5.47 13.51
C02 KL0 W . 45.58 -6.40 19.21
C03 KL0 W . 45.83 -5.21 19.91
C04 KL0 W . 45.93 -4.02 19.21
C05 KL0 W . 45.79 -4.03 17.84
C06 KL0 W . 45.55 -5.22 17.16
C07 KL0 W . 46.19 -2.72 19.93
C08 KL0 W . 45.37 -5.20 15.65
C09 KL0 W . 46.39 -6.06 14.89
C12 KL0 W . 44.83 -4.45 12.30
C13 KL0 W . 46.18 -6.15 11.29
N01 KL0 W . 45.45 -6.36 17.87
N02 KL0 W . 45.49 -7.58 19.85
N11 KL0 W . 45.59 -5.69 12.55
C1 GOL X . 28.06 10.53 22.73
O1 GOL X . 28.46 11.29 21.61
C2 GOL X . 29.30 10.17 23.53
O2 GOL X . 30.31 9.67 22.67
C3 GOL X . 28.94 9.15 24.61
O3 GOL X . 30.07 8.91 25.43
#